data_6UD2
# 
_entry.id   6UD2 
# 
_audit_conform.dict_name       mmcif_pdbx.dic 
_audit_conform.dict_version    5.387 
_audit_conform.dict_location   http://mmcif.pdb.org/dictionaries/ascii/mmcif_pdbx.dic 
# 
loop_
_database_2.database_id 
_database_2.database_code 
_database_2.pdbx_database_accession 
_database_2.pdbx_DOI 
PDB   6UD2         pdb_00006ud2 10.2210/pdb6ud2/pdb 
WWPDB D_1000244405 ?            ?                   
# 
loop_
_pdbx_audit_revision_history.ordinal 
_pdbx_audit_revision_history.data_content_type 
_pdbx_audit_revision_history.major_revision 
_pdbx_audit_revision_history.minor_revision 
_pdbx_audit_revision_history.revision_date 
1 'Structure model' 1 0 2019-12-04 
2 'Structure model' 1 1 2019-12-11 
3 'Structure model' 1 2 2024-03-13 
# 
_pdbx_audit_revision_details.ordinal             1 
_pdbx_audit_revision_details.revision_ordinal    1 
_pdbx_audit_revision_details.data_content_type   'Structure model' 
_pdbx_audit_revision_details.provider            repository 
_pdbx_audit_revision_details.type                'Initial release' 
_pdbx_audit_revision_details.description         ? 
_pdbx_audit_revision_details.details             ? 
# 
loop_
_pdbx_audit_revision_group.ordinal 
_pdbx_audit_revision_group.revision_ordinal 
_pdbx_audit_revision_group.data_content_type 
_pdbx_audit_revision_group.group 
1 2 'Structure model' 'Database references' 
2 3 'Structure model' 'Data collection'     
3 3 'Structure model' 'Database references' 
# 
loop_
_pdbx_audit_revision_category.ordinal 
_pdbx_audit_revision_category.revision_ordinal 
_pdbx_audit_revision_category.data_content_type 
_pdbx_audit_revision_category.category 
1 2 'Structure model' citation        
2 2 'Structure model' citation_author 
3 3 'Structure model' chem_comp_atom  
4 3 'Structure model' chem_comp_bond  
5 3 'Structure model' database_2      
# 
loop_
_pdbx_audit_revision_item.ordinal 
_pdbx_audit_revision_item.revision_ordinal 
_pdbx_audit_revision_item.data_content_type 
_pdbx_audit_revision_item.item 
1 2 'Structure model' '_citation.journal_volume'            
2 2 'Structure model' '_citation.page_first'                
3 2 'Structure model' '_citation.page_last'                 
4 2 'Structure model' '_citation_author.identifier_ORCID'   
5 3 'Structure model' '_database_2.pdbx_DOI'                
6 3 'Structure model' '_database_2.pdbx_database_accession' 
# 
_pdbx_database_status.status_code                     REL 
_pdbx_database_status.status_code_sf                  REL 
_pdbx_database_status.status_code_mr                  ? 
_pdbx_database_status.entry_id                        6UD2 
_pdbx_database_status.recvd_initial_deposition_date   2019-09-18 
_pdbx_database_status.SG_entry                        N 
_pdbx_database_status.deposit_site                    RCSB 
_pdbx_database_status.process_site                    RCSB 
_pdbx_database_status.status_code_cs                  ? 
_pdbx_database_status.methods_development_category    ? 
_pdbx_database_status.pdb_format_compatible           Y 
_pdbx_database_status.status_code_nmr_data            ? 
# 
loop_
_audit_author.name 
_audit_author.pdbx_ordinal 
_audit_author.identifier_ORCID 
'Huang, X.'       1 0000-0001-9350-4176 
'Whittington, D.' 2 0000-0002-5946-8543 
# 
_citation.abstract                  ? 
_citation.abstract_id_CAS           ? 
_citation.book_id_ISBN              ? 
_citation.book_publisher            ? 
_citation.book_publisher_city       ? 
_citation.book_title                ? 
_citation.coordinate_linkage        ? 
_citation.country                   US 
_citation.database_id_Medline       ? 
_citation.details                   ? 
_citation.id                        primary 
_citation.journal_abbrev            J.Med.Chem. 
_citation.journal_id_ASTM           JMCMAR 
_citation.journal_id_CSD            0151 
_citation.journal_id_ISSN           0022-2623 
_citation.journal_full              ? 
_citation.journal_issue             ? 
_citation.journal_volume            62 
_citation.language                  ? 
_citation.page_first                10258 
_citation.page_last                 10271 
_citation.title                     
;Discovery and in Vivo Evaluation of Macrocyclic Mcl-1 Inhibitors Featuring an alpha-Hydroxy Phenylacetic Acid Pharmacophore or Bioisostere.
;
_citation.year                      2019 
_citation.database_id_CSD           ? 
_citation.pdbx_database_id_DOI      10.1021/acs.jmedchem.9b01310 
_citation.pdbx_database_id_PubMed   31736296 
_citation.unpublished_flag          ? 
# 
loop_
_citation_author.citation_id 
_citation_author.name 
_citation_author.ordinal 
_citation_author.identifier_ORCID 
primary 'Rescourio, G.'   1  ? 
primary 'Gonzalez, A.Z.'  2  ? 
primary 'Jabri, S.'       3  ? 
primary 'Belmontes, B.'   4  ? 
primary 'Moody, G.'       5  ? 
primary 'Whittington, D.' 6  ? 
primary 'Huang, X.'       7  ? 
primary 'Caenepeel, S.'   8  ? 
primary 'Cardozo, M.'     9  ? 
primary 'Cheng, A.C.'     10 ? 
primary 'Chow, D.'        11 ? 
primary 'Dou, H.'         12 ? 
primary 'Jones, A.'       13 ? 
primary 'Kelly, R.C.'     14 ? 
primary 'Li, Y.'          15 ? 
primary 'Lizarzaburu, M.' 16 ? 
primary 'Lo, M.C.'        17 ? 
primary 'Mallari, R.'     18 ? 
primary 'Meleza, C.'      19 ? 
primary 'Rew, Y.'         20 ? 
primary 'Simonovich, S.'  21 ? 
primary 'Sun, D.'         22 ? 
primary 'Turcotte, S.'    23 ? 
primary 'Yan, X.'         24 ? 
primary 'Wong, S.G.'      25 ? 
primary 'Yanez, E.'       26 ? 
primary 'Zancanella, M.'  27 ? 
primary 'Houze, J.'       28 ? 
primary 'Medina, J.C.'    29 ? 
primary 'Hughes, P.E.'    30 ? 
primary 'Brown, S.P.'     31 ? 
# 
loop_
_entity.id 
_entity.type 
_entity.src_method 
_entity.pdbx_description 
_entity.formula_weight 
_entity.pdbx_number_of_molecules 
_entity.pdbx_ec 
_entity.pdbx_mutation 
_entity.pdbx_fragment 
_entity.details 
1 polymer     man 'Induced myeloid leukemia cell differentiation protein Mcl-1' 17922.344 1  ? ? ? ? 
2 non-polymer syn 
;(4S,7aR,9aR,10S,11E,18R)-6'-chloro-10-[2-(3,3-difluoroazetidin-1-yl)ethoxy]-N-(dimethylsulfamoyl)-18-hydroxy-15-methyl-16-oxo-3',4',7,7a,8,9,9a,10,13,14,15,16,17,18-tetradecahydro-2'H,3H,5H-spiro[1,19-(ethanediylidene)cyclobuta[n][1,4]oxazepino[4,3-a][1,8]diazacyclohexadecine-4,1'-naphthalene]-18-carboxamide
;
820.385   1  ? ? ? ? 
3 water       nat water 18.015    96 ? ? ? ? 
# 
_entity_name_com.entity_id   1 
_entity_name_com.name        'Bcl-2-like protein 3,Bcl2-L-3,Bcl-2-related protein EAT/mcl1,mcl1/EAT' 
# 
_entity_poly.entity_id                      1 
_entity_poly.type                           'polypeptide(L)' 
_entity_poly.nstd_linkage                   no 
_entity_poly.nstd_monomer                   no 
_entity_poly.pdbx_seq_one_letter_code       
;EDELYRQSLEIISRYLREQATGAKDTKPMGRSGATSRKALETLRRVGDGVQRNHETAFQGMLRKLDIKNEDDVKSLSRVM
IHVFSDGVTNWGRIVTLISFGAFVAKHLKTINQESCIEPLAESITDVLVRTKRDWLVKQRGWDGFVEFFHVEDLEGG
;
_entity_poly.pdbx_seq_one_letter_code_can   
;EDELYRQSLEIISRYLREQATGAKDTKPMGRSGATSRKALETLRRVGDGVQRNHETAFQGMLRKLDIKNEDDVKSLSRVM
IHVFSDGVTNWGRIVTLISFGAFVAKHLKTINQESCIEPLAESITDVLVRTKRDWLVKQRGWDGFVEFFHVEDLEGG
;
_entity_poly.pdbx_strand_id                 A 
_entity_poly.pdbx_target_identifier         ? 
# 
loop_
_pdbx_entity_nonpoly.entity_id 
_pdbx_entity_nonpoly.name 
_pdbx_entity_nonpoly.comp_id 
2 
;(4S,7aR,9aR,10S,11E,18R)-6'-chloro-10-[2-(3,3-difluoroazetidin-1-yl)ethoxy]-N-(dimethylsulfamoyl)-18-hydroxy-15-methyl-16-oxo-3',4',7,7a,8,9,9a,10,13,14,15,16,17,18-tetradecahydro-2'H,3H,5H-spiro[1,19-(ethanediylidene)cyclobuta[n][1,4]oxazepino[4,3-a][1,8]diazacyclohexadecine-4,1'-naphthalene]-18-carboxamide
;
Q4D 
3 water HOH 
# 
loop_
_entity_poly_seq.entity_id 
_entity_poly_seq.num 
_entity_poly_seq.mon_id 
_entity_poly_seq.hetero 
1 1   GLU n 
1 2   ASP n 
1 3   GLU n 
1 4   LEU n 
1 5   TYR n 
1 6   ARG n 
1 7   GLN n 
1 8   SER n 
1 9   LEU n 
1 10  GLU n 
1 11  ILE n 
1 12  ILE n 
1 13  SER n 
1 14  ARG n 
1 15  TYR n 
1 16  LEU n 
1 17  ARG n 
1 18  GLU n 
1 19  GLN n 
1 20  ALA n 
1 21  THR n 
1 22  GLY n 
1 23  ALA n 
1 24  LYS n 
1 25  ASP n 
1 26  THR n 
1 27  LYS n 
1 28  PRO n 
1 29  MET n 
1 30  GLY n 
1 31  ARG n 
1 32  SER n 
1 33  GLY n 
1 34  ALA n 
1 35  THR n 
1 36  SER n 
1 37  ARG n 
1 38  LYS n 
1 39  ALA n 
1 40  LEU n 
1 41  GLU n 
1 42  THR n 
1 43  LEU n 
1 44  ARG n 
1 45  ARG n 
1 46  VAL n 
1 47  GLY n 
1 48  ASP n 
1 49  GLY n 
1 50  VAL n 
1 51  GLN n 
1 52  ARG n 
1 53  ASN n 
1 54  HIS n 
1 55  GLU n 
1 56  THR n 
1 57  ALA n 
1 58  PHE n 
1 59  GLN n 
1 60  GLY n 
1 61  MET n 
1 62  LEU n 
1 63  ARG n 
1 64  LYS n 
1 65  LEU n 
1 66  ASP n 
1 67  ILE n 
1 68  LYS n 
1 69  ASN n 
1 70  GLU n 
1 71  ASP n 
1 72  ASP n 
1 73  VAL n 
1 74  LYS n 
1 75  SER n 
1 76  LEU n 
1 77  SER n 
1 78  ARG n 
1 79  VAL n 
1 80  MET n 
1 81  ILE n 
1 82  HIS n 
1 83  VAL n 
1 84  PHE n 
1 85  SER n 
1 86  ASP n 
1 87  GLY n 
1 88  VAL n 
1 89  THR n 
1 90  ASN n 
1 91  TRP n 
1 92  GLY n 
1 93  ARG n 
1 94  ILE n 
1 95  VAL n 
1 96  THR n 
1 97  LEU n 
1 98  ILE n 
1 99  SER n 
1 100 PHE n 
1 101 GLY n 
1 102 ALA n 
1 103 PHE n 
1 104 VAL n 
1 105 ALA n 
1 106 LYS n 
1 107 HIS n 
1 108 LEU n 
1 109 LYS n 
1 110 THR n 
1 111 ILE n 
1 112 ASN n 
1 113 GLN n 
1 114 GLU n 
1 115 SER n 
1 116 CYS n 
1 117 ILE n 
1 118 GLU n 
1 119 PRO n 
1 120 LEU n 
1 121 ALA n 
1 122 GLU n 
1 123 SER n 
1 124 ILE n 
1 125 THR n 
1 126 ASP n 
1 127 VAL n 
1 128 LEU n 
1 129 VAL n 
1 130 ARG n 
1 131 THR n 
1 132 LYS n 
1 133 ARG n 
1 134 ASP n 
1 135 TRP n 
1 136 LEU n 
1 137 VAL n 
1 138 LYS n 
1 139 GLN n 
1 140 ARG n 
1 141 GLY n 
1 142 TRP n 
1 143 ASP n 
1 144 GLY n 
1 145 PHE n 
1 146 VAL n 
1 147 GLU n 
1 148 PHE n 
1 149 PHE n 
1 150 HIS n 
1 151 VAL n 
1 152 GLU n 
1 153 ASP n 
1 154 LEU n 
1 155 GLU n 
1 156 GLY n 
1 157 GLY n 
# 
_entity_src_gen.entity_id                          1 
_entity_src_gen.pdbx_src_id                        1 
_entity_src_gen.pdbx_alt_source_flag               sample 
_entity_src_gen.pdbx_seq_type                      'Biological sequence' 
_entity_src_gen.pdbx_beg_seq_num                   1 
_entity_src_gen.pdbx_end_seq_num                   157 
_entity_src_gen.gene_src_common_name               Human 
_entity_src_gen.gene_src_genus                     ? 
_entity_src_gen.pdbx_gene_src_gene                 'MCL1, BCL2L3' 
_entity_src_gen.gene_src_species                   ? 
_entity_src_gen.gene_src_strain                    ? 
_entity_src_gen.gene_src_tissue                    ? 
_entity_src_gen.gene_src_tissue_fraction           ? 
_entity_src_gen.gene_src_details                   ? 
_entity_src_gen.pdbx_gene_src_fragment             ? 
_entity_src_gen.pdbx_gene_src_scientific_name      'Homo sapiens' 
_entity_src_gen.pdbx_gene_src_ncbi_taxonomy_id     9606 
_entity_src_gen.pdbx_gene_src_variant              ? 
_entity_src_gen.pdbx_gene_src_cell_line            ? 
_entity_src_gen.pdbx_gene_src_atcc                 ? 
_entity_src_gen.pdbx_gene_src_organ                ? 
_entity_src_gen.pdbx_gene_src_organelle            ? 
_entity_src_gen.pdbx_gene_src_cell                 ? 
_entity_src_gen.pdbx_gene_src_cellular_location    ? 
_entity_src_gen.host_org_common_name               ? 
_entity_src_gen.pdbx_host_org_scientific_name      'Escherichia coli' 
_entity_src_gen.pdbx_host_org_ncbi_taxonomy_id     562 
_entity_src_gen.host_org_genus                     ? 
_entity_src_gen.pdbx_host_org_gene                 ? 
_entity_src_gen.pdbx_host_org_organ                ? 
_entity_src_gen.host_org_species                   ? 
_entity_src_gen.pdbx_host_org_tissue               ? 
_entity_src_gen.pdbx_host_org_tissue_fraction      ? 
_entity_src_gen.pdbx_host_org_strain               ? 
_entity_src_gen.pdbx_host_org_variant              ? 
_entity_src_gen.pdbx_host_org_cell_line            ? 
_entity_src_gen.pdbx_host_org_atcc                 ? 
_entity_src_gen.pdbx_host_org_culture_collection   ? 
_entity_src_gen.pdbx_host_org_cell                 ? 
_entity_src_gen.pdbx_host_org_organelle            ? 
_entity_src_gen.pdbx_host_org_cellular_location    ? 
_entity_src_gen.pdbx_host_org_vector_type          ? 
_entity_src_gen.pdbx_host_org_vector               ? 
_entity_src_gen.host_org_details                   ? 
_entity_src_gen.expression_system_id               ? 
_entity_src_gen.plasmid_name                       ? 
_entity_src_gen.plasmid_details                    ? 
_entity_src_gen.pdbx_description                   ? 
# 
loop_
_chem_comp.id 
_chem_comp.type 
_chem_comp.mon_nstd_flag 
_chem_comp.name 
_chem_comp.pdbx_synonyms 
_chem_comp.formula 
_chem_comp.formula_weight 
ALA 'L-peptide linking' y ALANINE ? 'C3 H7 N O2'            89.093  
ARG 'L-peptide linking' y ARGININE ? 'C6 H15 N4 O2 1'        175.209 
ASN 'L-peptide linking' y ASPARAGINE ? 'C4 H8 N2 O3'           132.118 
ASP 'L-peptide linking' y 'ASPARTIC ACID' ? 'C4 H7 N O4'            133.103 
CYS 'L-peptide linking' y CYSTEINE ? 'C3 H7 N O2 S'          121.158 
GLN 'L-peptide linking' y GLUTAMINE ? 'C5 H10 N2 O3'          146.144 
GLU 'L-peptide linking' y 'GLUTAMIC ACID' ? 'C5 H9 N O4'            147.129 
GLY 'peptide linking'   y GLYCINE ? 'C2 H5 N O2'            75.067  
HIS 'L-peptide linking' y HISTIDINE ? 'C6 H10 N3 O2 1'        156.162 
HOH non-polymer         . WATER ? 'H2 O'                  18.015  
ILE 'L-peptide linking' y ISOLEUCINE ? 'C6 H13 N O2'           131.173 
LEU 'L-peptide linking' y LEUCINE ? 'C6 H13 N O2'           131.173 
LYS 'L-peptide linking' y LYSINE ? 'C6 H15 N2 O2 1'        147.195 
MET 'L-peptide linking' y METHIONINE ? 'C5 H11 N O2 S'         149.211 
PHE 'L-peptide linking' y PHENYLALANINE ? 'C9 H11 N O2'           165.189 
PRO 'L-peptide linking' y PROLINE ? 'C5 H9 N O2'            115.130 
Q4D non-polymer         . 
;(4S,7aR,9aR,10S,11E,18R)-6'-chloro-10-[2-(3,3-difluoroazetidin-1-yl)ethoxy]-N-(dimethylsulfamoyl)-18-hydroxy-15-methyl-16-oxo-3',4',7,7a,8,9,9a,10,13,14,15,16,17,18-tetradecahydro-2'H,3H,5H-spiro[1,19-(ethanediylidene)cyclobuta[n][1,4]oxazepino[4,3-a][1,8]diazacyclohexadecine-4,1'-naphthalene]-18-carboxamide
;
? 'C40 H52 Cl F2 N5 O7 S' 820.385 
SER 'L-peptide linking' y SERINE ? 'C3 H7 N O3'            105.093 
THR 'L-peptide linking' y THREONINE ? 'C4 H9 N O3'            119.119 
TRP 'L-peptide linking' y TRYPTOPHAN ? 'C11 H12 N2 O2'         204.225 
TYR 'L-peptide linking' y TYROSINE ? 'C9 H11 N O3'           181.189 
VAL 'L-peptide linking' y VALINE ? 'C5 H11 N O2'           117.146 
# 
loop_
_pdbx_poly_seq_scheme.asym_id 
_pdbx_poly_seq_scheme.entity_id 
_pdbx_poly_seq_scheme.seq_id 
_pdbx_poly_seq_scheme.mon_id 
_pdbx_poly_seq_scheme.ndb_seq_num 
_pdbx_poly_seq_scheme.pdb_seq_num 
_pdbx_poly_seq_scheme.auth_seq_num 
_pdbx_poly_seq_scheme.pdb_mon_id 
_pdbx_poly_seq_scheme.auth_mon_id 
_pdbx_poly_seq_scheme.pdb_strand_id 
_pdbx_poly_seq_scheme.pdb_ins_code 
_pdbx_poly_seq_scheme.hetero 
A 1 1   GLU 1   171 ?   ?   ?   A . n 
A 1 2   ASP 2   172 172 ASP ASP A . n 
A 1 3   GLU 3   173 173 GLU GLU A . n 
A 1 4   LEU 4   174 174 LEU LEU A . n 
A 1 5   TYR 5   175 175 TYR TYR A . n 
A 1 6   ARG 6   176 176 ARG ARG A . n 
A 1 7   GLN 7   177 177 GLN GLN A . n 
A 1 8   SER 8   178 178 SER SER A . n 
A 1 9   LEU 9   179 179 LEU LEU A . n 
A 1 10  GLU 10  180 180 GLU GLU A . n 
A 1 11  ILE 11  181 181 ILE ILE A . n 
A 1 12  ILE 12  182 182 ILE ILE A . n 
A 1 13  SER 13  183 183 SER SER A . n 
A 1 14  ARG 14  184 184 ARG ARG A . n 
A 1 15  TYR 15  185 185 TYR TYR A . n 
A 1 16  LEU 16  186 186 LEU LEU A . n 
A 1 17  ARG 17  187 187 ARG ARG A . n 
A 1 18  GLU 18  188 188 GLU GLU A . n 
A 1 19  GLN 19  189 189 GLN GLN A . n 
A 1 20  ALA 20  190 190 ALA ALA A . n 
A 1 21  THR 21  191 191 THR THR A . n 
A 1 22  GLY 22  192 192 GLY GLY A . n 
A 1 23  ALA 23  193 193 ALA ALA A . n 
A 1 24  LYS 24  194 194 LYS LYS A . n 
A 1 25  ASP 25  195 195 ASP ASP A . n 
A 1 26  THR 26  196 196 THR THR A . n 
A 1 27  LYS 27  197 197 LYS LYS A . n 
A 1 28  PRO 28  198 198 PRO PRO A . n 
A 1 29  MET 29  199 199 MET MET A . n 
A 1 30  GLY 30  200 200 GLY GLY A . n 
A 1 31  ARG 31  201 201 ARG ARG A . n 
A 1 32  SER 32  202 202 SER SER A . n 
A 1 33  GLY 33  203 203 GLY GLY A . n 
A 1 34  ALA 34  204 204 ALA ALA A . n 
A 1 35  THR 35  205 205 THR THR A . n 
A 1 36  SER 36  206 206 SER SER A . n 
A 1 37  ARG 37  207 207 ARG ARG A . n 
A 1 38  LYS 38  208 208 LYS LYS A . n 
A 1 39  ALA 39  209 209 ALA ALA A . n 
A 1 40  LEU 40  210 210 LEU LEU A . n 
A 1 41  GLU 41  211 211 GLU GLU A . n 
A 1 42  THR 42  212 212 THR THR A . n 
A 1 43  LEU 43  213 213 LEU LEU A . n 
A 1 44  ARG 44  214 214 ARG ARG A . n 
A 1 45  ARG 45  215 215 ARG ARG A . n 
A 1 46  VAL 46  216 216 VAL VAL A . n 
A 1 47  GLY 47  217 217 GLY GLY A . n 
A 1 48  ASP 48  218 218 ASP ASP A . n 
A 1 49  GLY 49  219 219 GLY GLY A . n 
A 1 50  VAL 50  220 220 VAL VAL A . n 
A 1 51  GLN 51  221 221 GLN GLN A . n 
A 1 52  ARG 52  222 222 ARG ARG A . n 
A 1 53  ASN 53  223 223 ASN ASN A . n 
A 1 54  HIS 54  224 224 HIS HIS A . n 
A 1 55  GLU 55  225 225 GLU GLU A . n 
A 1 56  THR 56  226 226 THR THR A . n 
A 1 57  ALA 57  227 227 ALA ALA A . n 
A 1 58  PHE 58  228 228 PHE PHE A . n 
A 1 59  GLN 59  229 229 GLN GLN A . n 
A 1 60  GLY 60  230 230 GLY GLY A . n 
A 1 61  MET 61  231 231 MET MET A . n 
A 1 62  LEU 62  232 232 LEU LEU A . n 
A 1 63  ARG 63  233 233 ARG ARG A . n 
A 1 64  LYS 64  234 234 LYS LYS A . n 
A 1 65  LEU 65  235 235 LEU LEU A . n 
A 1 66  ASP 66  236 236 ASP ASP A . n 
A 1 67  ILE 67  237 237 ILE ILE A . n 
A 1 68  LYS 68  238 238 LYS LYS A . n 
A 1 69  ASN 69  239 239 ASN ASN A . n 
A 1 70  GLU 70  240 240 GLU GLU A . n 
A 1 71  ASP 71  241 241 ASP ASP A . n 
A 1 72  ASP 72  242 242 ASP ASP A . n 
A 1 73  VAL 73  243 243 VAL VAL A . n 
A 1 74  LYS 74  244 244 LYS LYS A . n 
A 1 75  SER 75  245 245 SER SER A . n 
A 1 76  LEU 76  246 246 LEU LEU A . n 
A 1 77  SER 77  247 247 SER SER A . n 
A 1 78  ARG 78  248 248 ARG ARG A . n 
A 1 79  VAL 79  249 249 VAL VAL A . n 
A 1 80  MET 80  250 250 MET MET A . n 
A 1 81  ILE 81  251 251 ILE ILE A . n 
A 1 82  HIS 82  252 252 HIS HIS A . n 
A 1 83  VAL 83  253 253 VAL VAL A . n 
A 1 84  PHE 84  254 254 PHE PHE A . n 
A 1 85  SER 85  255 255 SER SER A . n 
A 1 86  ASP 86  256 256 ASP ASP A . n 
A 1 87  GLY 87  257 257 GLY GLY A . n 
A 1 88  VAL 88  258 258 VAL VAL A . n 
A 1 89  THR 89  259 259 THR THR A . n 
A 1 90  ASN 90  260 260 ASN ASN A . n 
A 1 91  TRP 91  261 261 TRP TRP A . n 
A 1 92  GLY 92  262 262 GLY GLY A . n 
A 1 93  ARG 93  263 263 ARG ARG A . n 
A 1 94  ILE 94  264 264 ILE ILE A . n 
A 1 95  VAL 95  265 265 VAL VAL A . n 
A 1 96  THR 96  266 266 THR THR A . n 
A 1 97  LEU 97  267 267 LEU LEU A . n 
A 1 98  ILE 98  268 268 ILE ILE A . n 
A 1 99  SER 99  269 269 SER SER A . n 
A 1 100 PHE 100 270 270 PHE PHE A . n 
A 1 101 GLY 101 271 271 GLY GLY A . n 
A 1 102 ALA 102 272 272 ALA ALA A . n 
A 1 103 PHE 103 273 273 PHE PHE A . n 
A 1 104 VAL 104 274 274 VAL VAL A . n 
A 1 105 ALA 105 275 275 ALA ALA A . n 
A 1 106 LYS 106 276 276 LYS LYS A . n 
A 1 107 HIS 107 277 277 HIS HIS A . n 
A 1 108 LEU 108 278 278 LEU LEU A . n 
A 1 109 LYS 109 279 279 LYS LYS A . n 
A 1 110 THR 110 280 280 THR THR A . n 
A 1 111 ILE 111 281 281 ILE ILE A . n 
A 1 112 ASN 112 282 282 ASN ASN A . n 
A 1 113 GLN 113 283 283 GLN GLN A . n 
A 1 114 GLU 114 284 284 GLU GLU A . n 
A 1 115 SER 115 285 285 SER SER A . n 
A 1 116 CYS 116 286 286 CYS CYS A . n 
A 1 117 ILE 117 287 287 ILE ILE A . n 
A 1 118 GLU 118 288 288 GLU GLU A . n 
A 1 119 PRO 119 289 289 PRO PRO A . n 
A 1 120 LEU 120 290 290 LEU LEU A . n 
A 1 121 ALA 121 291 291 ALA ALA A . n 
A 1 122 GLU 122 292 292 GLU GLU A . n 
A 1 123 SER 123 293 293 SER SER A . n 
A 1 124 ILE 124 294 294 ILE ILE A . n 
A 1 125 THR 125 295 295 THR THR A . n 
A 1 126 ASP 126 296 296 ASP ASP A . n 
A 1 127 VAL 127 297 297 VAL VAL A . n 
A 1 128 LEU 128 298 298 LEU LEU A . n 
A 1 129 VAL 129 299 299 VAL VAL A . n 
A 1 130 ARG 130 300 300 ARG ARG A . n 
A 1 131 THR 131 301 301 THR THR A . n 
A 1 132 LYS 132 302 302 LYS LYS A . n 
A 1 133 ARG 133 303 303 ARG ARG A . n 
A 1 134 ASP 134 304 304 ASP ASP A . n 
A 1 135 TRP 135 305 305 TRP TRP A . n 
A 1 136 LEU 136 306 306 LEU LEU A . n 
A 1 137 VAL 137 307 307 VAL VAL A . n 
A 1 138 LYS 138 308 308 LYS LYS A . n 
A 1 139 GLN 139 309 309 GLN GLN A . n 
A 1 140 ARG 140 310 310 ARG ARG A . n 
A 1 141 GLY 141 311 311 GLY GLY A . n 
A 1 142 TRP 142 312 312 TRP TRP A . n 
A 1 143 ASP 143 313 313 ASP ASP A . n 
A 1 144 GLY 144 314 314 GLY GLY A . n 
A 1 145 PHE 145 315 315 PHE PHE A . n 
A 1 146 VAL 146 316 316 VAL VAL A . n 
A 1 147 GLU 147 317 317 GLU GLU A . n 
A 1 148 PHE 148 318 318 PHE PHE A . n 
A 1 149 PHE 149 319 319 PHE PHE A . n 
A 1 150 HIS 150 320 320 HIS HIS A . n 
A 1 151 VAL 151 321 321 VAL VAL A . n 
A 1 152 GLU 152 322 322 GLU GLU A . n 
A 1 153 ASP 153 323 323 ASP ASP A . n 
A 1 154 LEU 154 324 324 LEU LEU A . n 
A 1 155 GLU 155 325 325 GLU GLU A . n 
A 1 156 GLY 156 326 326 GLY GLY A . n 
A 1 157 GLY 157 327 ?   ?   ?   A . n 
# 
loop_
_pdbx_nonpoly_scheme.asym_id 
_pdbx_nonpoly_scheme.entity_id 
_pdbx_nonpoly_scheme.mon_id 
_pdbx_nonpoly_scheme.ndb_seq_num 
_pdbx_nonpoly_scheme.pdb_seq_num 
_pdbx_nonpoly_scheme.auth_seq_num 
_pdbx_nonpoly_scheme.pdb_mon_id 
_pdbx_nonpoly_scheme.auth_mon_id 
_pdbx_nonpoly_scheme.pdb_strand_id 
_pdbx_nonpoly_scheme.pdb_ins_code 
B 2 Q4D 1  401 1  Q4D UNL A . 
C 3 HOH 1  501 71 HOH HOH A . 
C 3 HOH 2  502 32 HOH HOH A . 
C 3 HOH 3  503 60 HOH HOH A . 
C 3 HOH 4  504 91 HOH HOH A . 
C 3 HOH 5  505 65 HOH HOH A . 
C 3 HOH 6  506 53 HOH HOH A . 
C 3 HOH 7  507 73 HOH HOH A . 
C 3 HOH 8  508 85 HOH HOH A . 
C 3 HOH 9  509 96 HOH HOH A . 
C 3 HOH 10 510 52 HOH HOH A . 
C 3 HOH 11 511 3  HOH HOH A . 
C 3 HOH 12 512 35 HOH HOH A . 
C 3 HOH 13 513 94 HOH HOH A . 
C 3 HOH 14 514 15 HOH HOH A . 
C 3 HOH 15 515 49 HOH HOH A . 
C 3 HOH 16 516 4  HOH HOH A . 
C 3 HOH 17 517 90 HOH HOH A . 
C 3 HOH 18 518 19 HOH HOH A . 
C 3 HOH 19 519 54 HOH HOH A . 
C 3 HOH 20 520 68 HOH HOH A . 
C 3 HOH 21 521 42 HOH HOH A . 
C 3 HOH 22 522 39 HOH HOH A . 
C 3 HOH 23 523 22 HOH HOH A . 
C 3 HOH 24 524 62 HOH HOH A . 
C 3 HOH 25 525 57 HOH HOH A . 
C 3 HOH 26 526 12 HOH HOH A . 
C 3 HOH 27 527 33 HOH HOH A . 
C 3 HOH 28 528 29 HOH HOH A . 
C 3 HOH 29 529 14 HOH HOH A . 
C 3 HOH 30 530 34 HOH HOH A . 
C 3 HOH 31 531 47 HOH HOH A . 
C 3 HOH 32 532 27 HOH HOH A . 
C 3 HOH 33 533 9  HOH HOH A . 
C 3 HOH 34 534 11 HOH HOH A . 
C 3 HOH 35 535 70 HOH HOH A . 
C 3 HOH 36 536 55 HOH HOH A . 
C 3 HOH 37 537 18 HOH HOH A . 
C 3 HOH 38 538 93 HOH HOH A . 
C 3 HOH 39 539 61 HOH HOH A . 
C 3 HOH 40 540 25 HOH HOH A . 
C 3 HOH 41 541 30 HOH HOH A . 
C 3 HOH 42 542 8  HOH HOH A . 
C 3 HOH 43 543 13 HOH HOH A . 
C 3 HOH 44 544 92 HOH HOH A . 
C 3 HOH 45 545 1  HOH HOH A . 
C 3 HOH 46 546 46 HOH HOH A . 
C 3 HOH 47 547 50 HOH HOH A . 
C 3 HOH 48 548 69 HOH HOH A . 
C 3 HOH 49 549 10 HOH HOH A . 
C 3 HOH 50 550 76 HOH HOH A . 
C 3 HOH 51 551 80 HOH HOH A . 
C 3 HOH 52 552 31 HOH HOH A . 
C 3 HOH 53 553 89 HOH HOH A . 
C 3 HOH 54 554 75 HOH HOH A . 
C 3 HOH 55 555 23 HOH HOH A . 
C 3 HOH 56 556 40 HOH HOH A . 
C 3 HOH 57 557 26 HOH HOH A . 
C 3 HOH 58 558 2  HOH HOH A . 
C 3 HOH 59 559 78 HOH HOH A . 
C 3 HOH 60 560 28 HOH HOH A . 
C 3 HOH 61 561 81 HOH HOH A . 
C 3 HOH 62 562 56 HOH HOH A . 
C 3 HOH 63 563 74 HOH HOH A . 
C 3 HOH 64 564 24 HOH HOH A . 
C 3 HOH 65 565 79 HOH HOH A . 
C 3 HOH 66 566 38 HOH HOH A . 
C 3 HOH 67 567 16 HOH HOH A . 
C 3 HOH 68 568 6  HOH HOH A . 
C 3 HOH 69 569 5  HOH HOH A . 
C 3 HOH 70 570 41 HOH HOH A . 
C 3 HOH 71 571 7  HOH HOH A . 
C 3 HOH 72 572 72 HOH HOH A . 
C 3 HOH 73 573 66 HOH HOH A . 
C 3 HOH 74 574 17 HOH HOH A . 
C 3 HOH 75 575 83 HOH HOH A . 
C 3 HOH 76 576 20 HOH HOH A . 
C 3 HOH 77 577 48 HOH HOH A . 
C 3 HOH 78 578 51 HOH HOH A . 
C 3 HOH 79 579 88 HOH HOH A . 
C 3 HOH 80 580 58 HOH HOH A . 
C 3 HOH 81 581 59 HOH HOH A . 
C 3 HOH 82 582 87 HOH HOH A . 
C 3 HOH 83 583 45 HOH HOH A . 
C 3 HOH 84 584 37 HOH HOH A . 
C 3 HOH 85 585 21 HOH HOH A . 
C 3 HOH 86 586 44 HOH HOH A . 
C 3 HOH 87 587 86 HOH HOH A . 
C 3 HOH 88 588 43 HOH HOH A . 
C 3 HOH 89 589 67 HOH HOH A . 
C 3 HOH 90 590 77 HOH HOH A . 
C 3 HOH 91 591 95 HOH HOH A . 
C 3 HOH 92 592 84 HOH HOH A . 
C 3 HOH 93 593 36 HOH HOH A . 
C 3 HOH 94 594 63 HOH HOH A . 
C 3 HOH 95 595 82 HOH HOH A . 
C 3 HOH 96 596 64 HOH HOH A . 
# 
loop_
_software.citation_id 
_software.classification 
_software.compiler_name 
_software.compiler_version 
_software.contact_author 
_software.contact_author_email 
_software.date 
_software.description 
_software.dependencies 
_software.hardware 
_software.language 
_software.location 
_software.mods 
_software.name 
_software.os 
_software.os_version 
_software.type 
_software.version 
_software.pdbx_ordinal 
? refinement        ? ? ? ? ? ? ? ? ? ? ? REFMAC      ? ? ? 5.6.0117 1 
? 'data extraction' ? ? ? ? ? ? ? ? ? ? ? PDB_EXTRACT ? ? ? 3.25     2 
? 'data reduction'  ? ? ? ? ? ? ? ? ? ? ? DENZO       ? ? ? .        3 
? 'data scaling'    ? ? ? ? ? ? ? ? ? ? ? SCALEPACK   ? ? ? .        4 
? phasing           ? ? ? ? ? ? ? ? ? ? ? REFMAC      ? ? ? .        5 
# 
_cell.angle_alpha                  90.000 
_cell.angle_alpha_esd              ? 
_cell.angle_beta                   90.000 
_cell.angle_beta_esd               ? 
_cell.angle_gamma                  90.000 
_cell.angle_gamma_esd              ? 
_cell.entry_id                     6UD2 
_cell.details                      ? 
_cell.formula_units_Z              ? 
_cell.length_a                     44.028 
_cell.length_a_esd                 ? 
_cell.length_b                     89.768 
_cell.length_b_esd                 ? 
_cell.length_c                     84.855 
_cell.length_c_esd                 ? 
_cell.volume                       ? 
_cell.volume_esd                   ? 
_cell.Z_PDB                        8 
_cell.reciprocal_angle_alpha       ? 
_cell.reciprocal_angle_beta        ? 
_cell.reciprocal_angle_gamma       ? 
_cell.reciprocal_angle_alpha_esd   ? 
_cell.reciprocal_angle_beta_esd    ? 
_cell.reciprocal_angle_gamma_esd   ? 
_cell.reciprocal_length_a          ? 
_cell.reciprocal_length_b          ? 
_cell.reciprocal_length_c          ? 
_cell.reciprocal_length_a_esd      ? 
_cell.reciprocal_length_b_esd      ? 
_cell.reciprocal_length_c_esd      ? 
_cell.pdbx_unique_axis             ? 
# 
_symmetry.entry_id                         6UD2 
_symmetry.cell_setting                     ? 
_symmetry.Int_Tables_number                20 
_symmetry.space_group_name_Hall            ? 
_symmetry.space_group_name_H-M             'C 2 2 21' 
_symmetry.pdbx_full_space_group_name_H-M   ? 
# 
_exptl.absorpt_coefficient_mu     ? 
_exptl.absorpt_correction_T_max   ? 
_exptl.absorpt_correction_T_min   ? 
_exptl.absorpt_correction_type    ? 
_exptl.absorpt_process_details    ? 
_exptl.entry_id                   6UD2 
_exptl.crystals_number            1 
_exptl.details                    ? 
_exptl.method                     'X-RAY DIFFRACTION' 
_exptl.method_details             ? 
# 
_exptl_crystal.colour                      ? 
_exptl_crystal.density_diffrn              ? 
_exptl_crystal.density_Matthews            2.36 
_exptl_crystal.density_method              ? 
_exptl_crystal.density_percent_sol         47.96 
_exptl_crystal.description                 ? 
_exptl_crystal.F_000                       ? 
_exptl_crystal.id                          1 
_exptl_crystal.preparation                 ? 
_exptl_crystal.size_max                    ? 
_exptl_crystal.size_mid                    ? 
_exptl_crystal.size_min                    ? 
_exptl_crystal.size_rad                    ? 
_exptl_crystal.colour_lustre               ? 
_exptl_crystal.colour_modifier             ? 
_exptl_crystal.colour_primary              ? 
_exptl_crystal.density_meas                ? 
_exptl_crystal.density_meas_esd            ? 
_exptl_crystal.density_meas_gt             ? 
_exptl_crystal.density_meas_lt             ? 
_exptl_crystal.density_meas_temp           ? 
_exptl_crystal.density_meas_temp_esd       ? 
_exptl_crystal.density_meas_temp_gt        ? 
_exptl_crystal.density_meas_temp_lt        ? 
_exptl_crystal.pdbx_crystal_image_url      ? 
_exptl_crystal.pdbx_crystal_image_format   ? 
_exptl_crystal.pdbx_mosaicity              ? 
_exptl_crystal.pdbx_mosaicity_esd          ? 
# 
_exptl_crystal_grow.apparatus       ? 
_exptl_crystal_grow.atmosphere      ? 
_exptl_crystal_grow.crystal_id      1 
_exptl_crystal_grow.details         ? 
_exptl_crystal_grow.method          'VAPOR DIFFUSION, HANGING DROP' 
_exptl_crystal_grow.method_ref      ? 
_exptl_crystal_grow.pH              ? 
_exptl_crystal_grow.pressure        ? 
_exptl_crystal_grow.pressure_esd    ? 
_exptl_crystal_grow.seeding         ? 
_exptl_crystal_grow.seeding_ref     ? 
_exptl_crystal_grow.temp            277 
_exptl_crystal_grow.temp_details    ? 
_exptl_crystal_grow.temp_esd        ? 
_exptl_crystal_grow.time            ? 
_exptl_crystal_grow.pdbx_details    
;0.1 M Tris pH 8.0,
3% ethanol,
35% PEG6000
;
_exptl_crystal_grow.pdbx_pH_range   ? 
# 
_diffrn.ambient_environment              ? 
_diffrn.ambient_temp                     100 
_diffrn.ambient_temp_details             ? 
_diffrn.ambient_temp_esd                 ? 
_diffrn.crystal_id                       1 
_diffrn.crystal_support                  ? 
_diffrn.crystal_treatment                ? 
_diffrn.details                          ? 
_diffrn.id                               1 
_diffrn.ambient_pressure                 ? 
_diffrn.ambient_pressure_esd             ? 
_diffrn.ambient_pressure_gt              ? 
_diffrn.ambient_pressure_lt              ? 
_diffrn.ambient_temp_gt                  ? 
_diffrn.ambient_temp_lt                  ? 
_diffrn.pdbx_serial_crystal_experiment   N 
# 
_diffrn_detector.details                      ? 
_diffrn_detector.detector                     CCD 
_diffrn_detector.diffrn_id                    1 
_diffrn_detector.type                         'RAYONIX MX-300' 
_diffrn_detector.area_resol_mean              ? 
_diffrn_detector.dtime                        ? 
_diffrn_detector.pdbx_frames_total            ? 
_diffrn_detector.pdbx_collection_time_total   ? 
_diffrn_detector.pdbx_collection_date         2014-05-24 
_diffrn_detector.pdbx_frequency               ? 
# 
_diffrn_radiation.collimation                      ? 
_diffrn_radiation.diffrn_id                        1 
_diffrn_radiation.filter_edge                      ? 
_diffrn_radiation.inhomogeneity                    ? 
_diffrn_radiation.monochromator                    ? 
_diffrn_radiation.polarisn_norm                    ? 
_diffrn_radiation.polarisn_ratio                   ? 
_diffrn_radiation.probe                            ? 
_diffrn_radiation.type                             ? 
_diffrn_radiation.xray_symbol                      ? 
_diffrn_radiation.wavelength_id                    1 
_diffrn_radiation.pdbx_monochromatic_or_laue_m_l   M 
_diffrn_radiation.pdbx_wavelength_list             ? 
_diffrn_radiation.pdbx_wavelength                  ? 
_diffrn_radiation.pdbx_diffrn_protocol             'SINGLE WAVELENGTH' 
_diffrn_radiation.pdbx_analyzer                    ? 
_diffrn_radiation.pdbx_scattering_type             x-ray 
# 
_diffrn_radiation_wavelength.id           1 
_diffrn_radiation_wavelength.wavelength   0.9795 
_diffrn_radiation_wavelength.wt           1.0 
# 
_diffrn_source.current                     ? 
_diffrn_source.details                     ? 
_diffrn_source.diffrn_id                   1 
_diffrn_source.power                       ? 
_diffrn_source.size                        ? 
_diffrn_source.source                      SYNCHROTRON 
_diffrn_source.target                      ? 
_diffrn_source.type                        'CLSI BEAMLINE 08ID-1' 
_diffrn_source.voltage                     ? 
_diffrn_source.take-off_angle              ? 
_diffrn_source.pdbx_wavelength_list        0.9795 
_diffrn_source.pdbx_wavelength             ? 
_diffrn_source.pdbx_synchrotron_beamline   08ID-1 
_diffrn_source.pdbx_synchrotron_site       CLSI 
# 
_reflns.B_iso_Wilson_estimate            ? 
_reflns.entry_id                         6UD2 
_reflns.data_reduction_details           ? 
_reflns.data_reduction_method            ? 
_reflns.d_resolution_high                1.70 
_reflns.d_resolution_low                 50.0 
_reflns.details                          ? 
_reflns.limit_h_max                      ? 
_reflns.limit_h_min                      ? 
_reflns.limit_k_max                      ? 
_reflns.limit_k_min                      ? 
_reflns.limit_l_max                      ? 
_reflns.limit_l_min                      ? 
_reflns.number_all                       ? 
_reflns.number_obs                       18991 
_reflns.observed_criterion               ? 
_reflns.observed_criterion_F_max         ? 
_reflns.observed_criterion_F_min         ? 
_reflns.observed_criterion_I_max         ? 
_reflns.observed_criterion_I_min         ? 
_reflns.observed_criterion_sigma_F       ? 
_reflns.observed_criterion_sigma_I       ? 
_reflns.percent_possible_obs             100 
_reflns.R_free_details                   ? 
_reflns.Rmerge_F_all                     ? 
_reflns.Rmerge_F_obs                     ? 
_reflns.Friedel_coverage                 ? 
_reflns.number_gt                        ? 
_reflns.threshold_expression             ? 
_reflns.pdbx_redundancy                  6.07 
_reflns.pdbx_Rmerge_I_obs                0.102 
_reflns.pdbx_Rmerge_I_all                ? 
_reflns.pdbx_Rsym_value                  ? 
_reflns.pdbx_netI_over_av_sigmaI         ? 
_reflns.pdbx_netI_over_sigmaI            7.0 
_reflns.pdbx_res_netI_over_av_sigmaI_2   ? 
_reflns.pdbx_res_netI_over_sigmaI_2      ? 
_reflns.pdbx_chi_squared                 ? 
_reflns.pdbx_scaling_rejects             ? 
_reflns.pdbx_d_res_high_opt              ? 
_reflns.pdbx_d_res_low_opt               ? 
_reflns.pdbx_d_res_opt_method            ? 
_reflns.phase_calculation_details        ? 
_reflns.pdbx_Rrim_I_all                  ? 
_reflns.pdbx_Rpim_I_all                  ? 
_reflns.pdbx_d_opt                       ? 
_reflns.pdbx_number_measured_all         ? 
_reflns.pdbx_diffrn_id                   1 
_reflns.pdbx_ordinal                     1 
_reflns.pdbx_CC_half                     ? 
_reflns.pdbx_R_split                     ? 
# 
_reflns_shell.d_res_high                  1.70 
_reflns_shell.d_res_low                   1.76 
_reflns_shell.meanI_over_sigI_all         ? 
_reflns_shell.meanI_over_sigI_obs         ? 
_reflns_shell.number_measured_all         ? 
_reflns_shell.number_measured_obs         ? 
_reflns_shell.number_possible             ? 
_reflns_shell.number_unique_all           ? 
_reflns_shell.number_unique_obs           1850 
_reflns_shell.percent_possible_all        ? 
_reflns_shell.percent_possible_obs        ? 
_reflns_shell.Rmerge_F_all                ? 
_reflns_shell.Rmerge_F_obs                ? 
_reflns_shell.Rmerge_I_all                ? 
_reflns_shell.Rmerge_I_obs                1.000 
_reflns_shell.meanI_over_sigI_gt          ? 
_reflns_shell.meanI_over_uI_all           ? 
_reflns_shell.meanI_over_uI_gt            ? 
_reflns_shell.number_measured_gt          ? 
_reflns_shell.number_unique_gt            ? 
_reflns_shell.percent_possible_gt         ? 
_reflns_shell.Rmerge_F_gt                 ? 
_reflns_shell.Rmerge_I_gt                 ? 
_reflns_shell.pdbx_redundancy             ? 
_reflns_shell.pdbx_Rsym_value             ? 
_reflns_shell.pdbx_chi_squared            ? 
_reflns_shell.pdbx_netI_over_sigmaI_all   ? 
_reflns_shell.pdbx_netI_over_sigmaI_obs   ? 
_reflns_shell.pdbx_Rrim_I_all             ? 
_reflns_shell.pdbx_Rpim_I_all             ? 
_reflns_shell.pdbx_rejects                ? 
_reflns_shell.pdbx_ordinal                1 
_reflns_shell.pdbx_diffrn_id              1 
_reflns_shell.pdbx_CC_half                ? 
_reflns_shell.pdbx_R_split                ? 
# 
_refine.aniso_B[1][1]                            0.7000 
_refine.aniso_B[1][2]                            0.0000 
_refine.aniso_B[1][3]                            0.0000 
_refine.aniso_B[2][2]                            0.6800 
_refine.aniso_B[2][3]                            0.0000 
_refine.aniso_B[3][3]                            -1.3900 
_refine.B_iso_max                                73.890 
_refine.B_iso_mean                               26.9890 
_refine.B_iso_min                                11.240 
_refine.correlation_coeff_Fo_to_Fc               0.9540 
_refine.correlation_coeff_Fo_to_Fc_free          0.9380 
_refine.details                                  
'HYDROGENS HAVE BEEN USED IF PRESENT IN THE INPUT U VALUES      : REFINED INDIVIDUALLY' 
_refine.diff_density_max                         ? 
_refine.diff_density_max_esd                     ? 
_refine.diff_density_min                         ? 
_refine.diff_density_min_esd                     ? 
_refine.diff_density_rms                         ? 
_refine.diff_density_rms_esd                     ? 
_refine.entry_id                                 6UD2 
_refine.pdbx_refine_id                           'X-RAY DIFFRACTION' 
_refine.ls_abs_structure_details                 ? 
_refine.ls_abs_structure_Flack                   ? 
_refine.ls_abs_structure_Flack_esd               ? 
_refine.ls_abs_structure_Rogers                  ? 
_refine.ls_abs_structure_Rogers_esd              ? 
_refine.ls_d_res_high                            1.7000 
_refine.ls_d_res_low                             44.8800 
_refine.ls_extinction_coef                       ? 
_refine.ls_extinction_coef_esd                   ? 
_refine.ls_extinction_expression                 ? 
_refine.ls_extinction_method                     ? 
_refine.ls_goodness_of_fit_all                   ? 
_refine.ls_goodness_of_fit_all_esd               ? 
_refine.ls_goodness_of_fit_obs                   ? 
_refine.ls_goodness_of_fit_obs_esd               ? 
_refine.ls_hydrogen_treatment                    ? 
_refine.ls_matrix_type                           ? 
_refine.ls_number_constraints                    ? 
_refine.ls_number_parameters                     ? 
_refine.ls_number_reflns_all                     ? 
_refine.ls_number_reflns_obs                     17948 
_refine.ls_number_reflns_R_free                  947 
_refine.ls_number_reflns_R_work                  ? 
_refine.ls_number_restraints                     ? 
_refine.ls_percent_reflns_obs                    99.9500 
_refine.ls_percent_reflns_R_free                 5.0000 
_refine.ls_R_factor_all                          ? 
_refine.ls_R_factor_obs                          0.2014 
_refine.ls_R_factor_R_free                       0.2386 
_refine.ls_R_factor_R_free_error                 ? 
_refine.ls_R_factor_R_free_error_details         ? 
_refine.ls_R_factor_R_work                       0.1995 
_refine.ls_R_Fsqd_factor_obs                     ? 
_refine.ls_R_I_factor_obs                        ? 
_refine.ls_redundancy_reflns_all                 ? 
_refine.ls_redundancy_reflns_obs                 ? 
_refine.ls_restrained_S_all                      ? 
_refine.ls_restrained_S_obs                      ? 
_refine.ls_shift_over_esd_max                    ? 
_refine.ls_shift_over_esd_mean                   ? 
_refine.ls_structure_factor_coef                 ? 
_refine.ls_weighting_details                     ? 
_refine.ls_weighting_scheme                      ? 
_refine.ls_wR_factor_all                         ? 
_refine.ls_wR_factor_obs                         ? 
_refine.ls_wR_factor_R_free                      ? 
_refine.ls_wR_factor_R_work                      ? 
_refine.occupancy_max                            ? 
_refine.occupancy_min                            ? 
_refine.solvent_model_details                    ? 
_refine.solvent_model_param_bsol                 ? 
_refine.solvent_model_param_ksol                 ? 
_refine.ls_R_factor_gt                           ? 
_refine.ls_goodness_of_fit_gt                    ? 
_refine.ls_goodness_of_fit_ref                   ? 
_refine.ls_shift_over_su_max                     ? 
_refine.ls_shift_over_su_max_lt                  ? 
_refine.ls_shift_over_su_mean                    ? 
_refine.ls_shift_over_su_mean_lt                 ? 
_refine.pdbx_ls_sigma_I                          ? 
_refine.pdbx_ls_sigma_F                          0.000 
_refine.pdbx_ls_sigma_Fsqd                       ? 
_refine.pdbx_data_cutoff_high_absF               ? 
_refine.pdbx_data_cutoff_high_rms_absF           ? 
_refine.pdbx_data_cutoff_low_absF                ? 
_refine.pdbx_isotropic_thermal_model             ? 
_refine.pdbx_ls_cross_valid_method               THROUGHOUT 
_refine.pdbx_method_to_determine_struct          'MOLECULAR REPLACEMENT' 
_refine.pdbx_starting_model                      ? 
_refine.pdbx_stereochemistry_target_values       ? 
_refine.pdbx_R_Free_selection_details            RANDOM 
_refine.pdbx_stereochem_target_val_spec_case     ? 
_refine.pdbx_overall_ESU_R                       0.1160 
_refine.pdbx_overall_ESU_R_Free                  0.1150 
_refine.pdbx_solvent_vdw_probe_radii             1.2000 
_refine.pdbx_solvent_ion_probe_radii             0.8000 
_refine.pdbx_solvent_shrinkage_radii             0.8000 
_refine.pdbx_real_space_R                        ? 
_refine.pdbx_density_correlation                 ? 
_refine.pdbx_pd_number_of_powder_patterns        ? 
_refine.pdbx_pd_number_of_points                 ? 
_refine.pdbx_pd_meas_number_of_points            ? 
_refine.pdbx_pd_proc_ls_prof_R_factor            ? 
_refine.pdbx_pd_proc_ls_prof_wR_factor           ? 
_refine.pdbx_pd_Marquardt_correlation_coeff      ? 
_refine.pdbx_pd_Fsqrd_R_factor                   ? 
_refine.pdbx_pd_ls_matrix_band_width             ? 
_refine.pdbx_overall_phase_error                 ? 
_refine.pdbx_overall_SU_R_free_Cruickshank_DPI   ? 
_refine.pdbx_overall_SU_R_free_Blow_DPI          ? 
_refine.pdbx_overall_SU_R_Blow_DPI               ? 
_refine.pdbx_TLS_residual_ADP_flag               ? 
_refine.pdbx_diffrn_id                           1 
_refine.overall_SU_B                             2.2770 
_refine.overall_SU_ML                            0.0750 
_refine.overall_SU_R_Cruickshank_DPI             ? 
_refine.overall_SU_R_free                        ? 
_refine.overall_FOM_free_R_set                   ? 
_refine.overall_FOM_work_R_set                   ? 
_refine.pdbx_average_fsc_overall                 ? 
_refine.pdbx_average_fsc_work                    ? 
_refine.pdbx_average_fsc_free                    ? 
# 
_refine_hist.pdbx_refine_id                   'X-RAY DIFFRACTION' 
_refine_hist.cycle_id                         final 
_refine_hist.details                          ? 
_refine_hist.d_res_high                       1.7000 
_refine_hist.d_res_low                        44.8800 
_refine_hist.number_atoms_solvent             96 
_refine_hist.number_atoms_total               1398 
_refine_hist.number_reflns_all                ? 
_refine_hist.number_reflns_obs                ? 
_refine_hist.number_reflns_R_free             ? 
_refine_hist.number_reflns_R_work             ? 
_refine_hist.R_factor_all                     ? 
_refine_hist.R_factor_obs                     ? 
_refine_hist.R_factor_R_free                  ? 
_refine_hist.R_factor_R_work                  ? 
_refine_hist.pdbx_number_residues_total       155 
_refine_hist.pdbx_B_iso_mean_ligand           20.34 
_refine_hist.pdbx_B_iso_mean_solvent          35.95 
_refine_hist.pdbx_number_atoms_protein        1246 
_refine_hist.pdbx_number_atoms_nucleic_acid   0 
_refine_hist.pdbx_number_atoms_ligand         56 
_refine_hist.pdbx_number_atoms_lipid          ? 
_refine_hist.pdbx_number_atoms_carb           ? 
_refine_hist.pdbx_pseudo_atom_details         ? 
# 
loop_
_refine_ls_restr.pdbx_refine_id 
_refine_ls_restr.criterion 
_refine_ls_restr.dev_ideal 
_refine_ls_restr.dev_ideal_target 
_refine_ls_restr.number 
_refine_ls_restr.rejects 
_refine_ls_restr.type 
_refine_ls_restr.weight 
_refine_ls_restr.pdbx_restraint_function 
'X-RAY DIFFRACTION' ? 0.008  0.020  1328 ? r_bond_refined_d       ? ? 
'X-RAY DIFFRACTION' ? 1.130  2.002  1797 ? r_angle_refined_deg    ? ? 
'X-RAY DIFFRACTION' ? 3.987  5.000  154  ? r_dihedral_angle_1_deg ? ? 
'X-RAY DIFFRACTION' ? 35.321 23.016 63   ? r_dihedral_angle_2_deg ? ? 
'X-RAY DIFFRACTION' ? 12.544 15.000 238  ? r_dihedral_angle_3_deg ? ? 
'X-RAY DIFFRACTION' ? 18.738 15.000 14   ? r_dihedral_angle_4_deg ? ? 
'X-RAY DIFFRACTION' ? 0.078  0.200  198  ? r_chiral_restr         ? ? 
'X-RAY DIFFRACTION' ? 0.006  0.020  982  ? r_gen_planes_refined   ? ? 
# 
_refine_ls_shell.pdbx_refine_id                   'X-RAY DIFFRACTION' 
_refine_ls_shell.d_res_high                       1.7000 
_refine_ls_shell.d_res_low                        1.7440 
_refine_ls_shell.number_reflns_all                1260 
_refine_ls_shell.number_reflns_obs                ? 
_refine_ls_shell.number_reflns_R_free             68 
_refine_ls_shell.number_reflns_R_work             1192 
_refine_ls_shell.percent_reflns_obs               100.0000 
_refine_ls_shell.percent_reflns_R_free            ? 
_refine_ls_shell.R_factor_all                     ? 
_refine_ls_shell.R_factor_obs                     ? 
_refine_ls_shell.R_factor_R_free                  0.2520 
_refine_ls_shell.R_factor_R_free_error            0.0000 
_refine_ls_shell.R_factor_R_work                  0.2650 
_refine_ls_shell.redundancy_reflns_all            ? 
_refine_ls_shell.redundancy_reflns_obs            ? 
_refine_ls_shell.wR_factor_all                    ? 
_refine_ls_shell.wR_factor_obs                    ? 
_refine_ls_shell.wR_factor_R_free                 ? 
_refine_ls_shell.wR_factor_R_work                 ? 
_refine_ls_shell.pdbx_total_number_of_bins_used   20 
_refine_ls_shell.pdbx_phase_error                 ? 
_refine_ls_shell.pdbx_fsc_work                    ? 
_refine_ls_shell.pdbx_fsc_free                    ? 
# 
_struct.entry_id                     6UD2 
_struct.title                        'co-crystal structure of compound 1 bound to human Mcl-1' 
_struct.pdbx_model_details           ? 
_struct.pdbx_formula_weight          ? 
_struct.pdbx_formula_weight_method   ? 
_struct.pdbx_model_type_details      ? 
_struct.pdbx_CASP_flag               N 
# 
_struct_keywords.entry_id        6UD2 
_struct_keywords.text            'inhibitor, apoptosis, protein-protein interaction, APOPTOSIS-INHIBITOR complex' 
_struct_keywords.pdbx_keywords   APOPTOSIS/INHIBITOR 
# 
loop_
_struct_asym.id 
_struct_asym.pdbx_blank_PDB_chainid_flag 
_struct_asym.pdbx_modified 
_struct_asym.entity_id 
_struct_asym.details 
A N N 1 ? 
B N N 2 ? 
C N N 3 ? 
# 
_struct_ref.id                         1 
_struct_ref.db_name                    UNP 
_struct_ref.db_code                    MCL1_HUMAN 
_struct_ref.pdbx_db_accession          Q07820 
_struct_ref.pdbx_db_isoform            ? 
_struct_ref.entity_id                  1 
_struct_ref.pdbx_seq_one_letter_code   
;EDELYRQSLEIISRYLREQATGAKDTKPMGRSGATSRKALETLRRVGDGVQRNHETAFQGMLRKLDIKNEDDVKSLSRVM
IHVFSDGVTNWGRIVTLISFGAFVAKHLKTINQESCIEPLAESITDVLVRTKRDWLVKQRGWDGFVEFFHVEDLEGG
;
_struct_ref.pdbx_align_begin           171 
# 
_struct_ref_seq.align_id                      1 
_struct_ref_seq.ref_id                        1 
_struct_ref_seq.pdbx_PDB_id_code              6UD2 
_struct_ref_seq.pdbx_strand_id                A 
_struct_ref_seq.seq_align_beg                 1 
_struct_ref_seq.pdbx_seq_align_beg_ins_code   ? 
_struct_ref_seq.seq_align_end                 157 
_struct_ref_seq.pdbx_seq_align_end_ins_code   ? 
_struct_ref_seq.pdbx_db_accession             Q07820 
_struct_ref_seq.db_align_beg                  171 
_struct_ref_seq.pdbx_db_align_beg_ins_code    ? 
_struct_ref_seq.db_align_end                  327 
_struct_ref_seq.pdbx_db_align_end_ins_code    ? 
_struct_ref_seq.pdbx_auth_seq_align_beg       171 
_struct_ref_seq.pdbx_auth_seq_align_end       327 
# 
loop_
_pdbx_struct_assembly.id 
_pdbx_struct_assembly.details 
_pdbx_struct_assembly.method_details 
_pdbx_struct_assembly.oligomeric_details 
_pdbx_struct_assembly.oligomeric_count 
1 author_defined_assembly   ?    monomeric 1 
2 software_defined_assembly PISA dimeric   2 
# 
loop_
_pdbx_struct_assembly_prop.biol_id 
_pdbx_struct_assembly_prop.type 
_pdbx_struct_assembly_prop.value 
_pdbx_struct_assembly_prop.details 
2 'ABSA (A^2)' 1990  ? 
2 MORE         -10   ? 
2 'SSA (A^2)'  15830 ? 
# 
loop_
_pdbx_struct_assembly_gen.assembly_id 
_pdbx_struct_assembly_gen.oper_expression 
_pdbx_struct_assembly_gen.asym_id_list 
1 1   A,B,C 
2 1,2 A,B,C 
# 
_pdbx_struct_assembly_auth_evidence.id                     1 
_pdbx_struct_assembly_auth_evidence.assembly_id            1 
_pdbx_struct_assembly_auth_evidence.experimental_support   'gel filtration' 
_pdbx_struct_assembly_auth_evidence.details                ? 
# 
loop_
_pdbx_struct_oper_list.id 
_pdbx_struct_oper_list.type 
_pdbx_struct_oper_list.name 
_pdbx_struct_oper_list.symmetry_operation 
_pdbx_struct_oper_list.matrix[1][1] 
_pdbx_struct_oper_list.matrix[1][2] 
_pdbx_struct_oper_list.matrix[1][3] 
_pdbx_struct_oper_list.vector[1] 
_pdbx_struct_oper_list.matrix[2][1] 
_pdbx_struct_oper_list.matrix[2][2] 
_pdbx_struct_oper_list.matrix[2][3] 
_pdbx_struct_oper_list.vector[2] 
_pdbx_struct_oper_list.matrix[3][1] 
_pdbx_struct_oper_list.matrix[3][2] 
_pdbx_struct_oper_list.matrix[3][3] 
_pdbx_struct_oper_list.vector[3] 
1 'identity operation'         1_555 x,y,z       1.0000000000  0.0000000000  0.0000000000  0.0000000000  0.0000000000  1.0000000000  0.0000000000 0.0000000000   0.0000000000  0.0000000000 1.0000000000 0.0000000000  
2 'crystal symmetry operation' 3_557 -x,y,-z+5/2 -0.9306820348 -0.1807903301 -0.3180342853 -2.6470741286 -0.1807903301 -0.5284751456 0.8294750612 -24.0714027576 -0.3180342853 0.8294750612 0.4591571804 13.1067222937 
# 
loop_
_struct_conf.conf_type_id 
_struct_conf.id 
_struct_conf.pdbx_PDB_helix_id 
_struct_conf.beg_label_comp_id 
_struct_conf.beg_label_asym_id 
_struct_conf.beg_label_seq_id 
_struct_conf.pdbx_beg_PDB_ins_code 
_struct_conf.end_label_comp_id 
_struct_conf.end_label_asym_id 
_struct_conf.end_label_seq_id 
_struct_conf.pdbx_end_PDB_ins_code 
_struct_conf.beg_auth_comp_id 
_struct_conf.beg_auth_asym_id 
_struct_conf.beg_auth_seq_id 
_struct_conf.end_auth_comp_id 
_struct_conf.end_auth_asym_id 
_struct_conf.end_auth_seq_id 
_struct_conf.pdbx_PDB_helix_class 
_struct_conf.details 
_struct_conf.pdbx_PDB_helix_length 
HELX_P HELX_P1 AA1 ASP A 2   ? GLY A 22  ? ASP A 172 GLY A 192 1 ? 21 
HELX_P HELX_P2 AA2 SER A 32  ? HIS A 54  ? SER A 202 HIS A 224 1 ? 23 
HELX_P HELX_P3 AA3 HIS A 54  ? ASP A 66  ? HIS A 224 ASP A 236 1 ? 13 
HELX_P HELX_P4 AA4 ASN A 69  ? SER A 75  ? ASN A 239 SER A 245 1 ? 7  
HELX_P HELX_P5 AA5 SER A 75  ? PHE A 84  ? SER A 245 PHE A 254 1 ? 10 
HELX_P HELX_P6 AA6 ASN A 90  ? ILE A 111 ? ASN A 260 ILE A 281 1 ? 22 
HELX_P HELX_P7 AA7 GLN A 113 ? SER A 115 ? GLN A 283 SER A 285 5 ? 3  
HELX_P HELX_P8 AA8 CYS A 116 ? GLN A 139 ? CYS A 286 GLN A 309 1 ? 24 
HELX_P HELX_P9 AA9 ARG A 140 ? HIS A 150 ? ARG A 310 HIS A 320 1 ? 11 
# 
_struct_conf_type.id          HELX_P 
_struct_conf_type.criteria    ? 
_struct_conf_type.reference   ? 
# 
_struct_site.id                   AC1 
_struct_site.pdbx_evidence_code   Software 
_struct_site.pdbx_auth_asym_id    A 
_struct_site.pdbx_auth_comp_id    Q4D 
_struct_site.pdbx_auth_seq_id     401 
_struct_site.pdbx_auth_ins_code   ? 
_struct_site.pdbx_num_residues    17 
_struct_site.details              'binding site for residue Q4D A 401' 
# 
loop_
_struct_site_gen.id 
_struct_site_gen.site_id 
_struct_site_gen.pdbx_num_res 
_struct_site_gen.label_comp_id 
_struct_site_gen.label_asym_id 
_struct_site_gen.label_seq_id 
_struct_site_gen.pdbx_auth_ins_code 
_struct_site_gen.auth_comp_id 
_struct_site_gen.auth_asym_id 
_struct_site_gen.auth_seq_id 
_struct_site_gen.label_atom_id 
_struct_site_gen.label_alt_id 
_struct_site_gen.symmetry 
_struct_site_gen.details 
1  AC1 17 HIS A 54  ? HIS A 224 . ? 1_555 ? 
2  AC1 17 ALA A 57  ? ALA A 227 . ? 1_555 ? 
3  AC1 17 PHE A 58  ? PHE A 228 . ? 1_555 ? 
4  AC1 17 GLY A 60  ? GLY A 230 . ? 1_555 ? 
5  AC1 17 MET A 61  ? MET A 231 . ? 1_555 ? 
6  AC1 17 VAL A 79  ? VAL A 249 . ? 1_555 ? 
7  AC1 17 MET A 80  ? MET A 250 . ? 1_555 ? 
8  AC1 17 VAL A 83  ? VAL A 253 . ? 1_555 ? 
9  AC1 17 ARG A 93  ? ARG A 263 . ? 1_555 ? 
10 AC1 17 LEU A 97  ? LEU A 267 . ? 1_555 ? 
11 AC1 17 PHE A 100 ? PHE A 270 . ? 1_555 ? 
12 AC1 17 LEU A 120 ? LEU A 290 . ? 1_555 ? 
13 AC1 17 HOH C .   ? HOH A 513 . ? 1_555 ? 
14 AC1 17 HOH C .   ? HOH A 515 . ? 1_555 ? 
15 AC1 17 HOH C .   ? HOH A 520 . ? 1_555 ? 
16 AC1 17 HOH C .   ? HOH A 548 . ? 1_555 ? 
17 AC1 17 HOH C .   ? HOH A 549 . ? 1_555 ? 
# 
_pdbx_validate_torsion.id              1 
_pdbx_validate_torsion.PDB_model_num   1 
_pdbx_validate_torsion.auth_comp_id    GLN 
_pdbx_validate_torsion.auth_asym_id    A 
_pdbx_validate_torsion.auth_seq_id     283 
_pdbx_validate_torsion.PDB_ins_code    ? 
_pdbx_validate_torsion.label_alt_id    ? 
_pdbx_validate_torsion.phi             -104.93 
_pdbx_validate_torsion.psi             40.69 
# 
_pdbx_entry_details.entry_id                 6UD2 
_pdbx_entry_details.has_ligand_of_interest   Y 
_pdbx_entry_details.compound_details         ? 
_pdbx_entry_details.source_details           ? 
_pdbx_entry_details.nonpolymer_details       ? 
_pdbx_entry_details.sequence_details         ? 
# 
loop_
_pdbx_unobs_or_zero_occ_residues.id 
_pdbx_unobs_or_zero_occ_residues.PDB_model_num 
_pdbx_unobs_or_zero_occ_residues.polymer_flag 
_pdbx_unobs_or_zero_occ_residues.occupancy_flag 
_pdbx_unobs_or_zero_occ_residues.auth_asym_id 
_pdbx_unobs_or_zero_occ_residues.auth_comp_id 
_pdbx_unobs_or_zero_occ_residues.auth_seq_id 
_pdbx_unobs_or_zero_occ_residues.PDB_ins_code 
_pdbx_unobs_or_zero_occ_residues.label_asym_id 
_pdbx_unobs_or_zero_occ_residues.label_comp_id 
_pdbx_unobs_or_zero_occ_residues.label_seq_id 
1 1 Y 1 A GLU 171 ? A GLU 1   
2 1 Y 1 A GLY 327 ? A GLY 157 
# 
loop_
_chem_comp_atom.comp_id 
_chem_comp_atom.atom_id 
_chem_comp_atom.type_symbol 
_chem_comp_atom.pdbx_aromatic_flag 
_chem_comp_atom.pdbx_stereo_config 
_chem_comp_atom.pdbx_ordinal 
ALA N    N  N N 1   
ALA CA   C  N S 2   
ALA C    C  N N 3   
ALA O    O  N N 4   
ALA CB   C  N N 5   
ALA OXT  O  N N 6   
ALA H    H  N N 7   
ALA H2   H  N N 8   
ALA HA   H  N N 9   
ALA HB1  H  N N 10  
ALA HB2  H  N N 11  
ALA HB3  H  N N 12  
ALA HXT  H  N N 13  
ARG N    N  N N 14  
ARG CA   C  N S 15  
ARG C    C  N N 16  
ARG O    O  N N 17  
ARG CB   C  N N 18  
ARG CG   C  N N 19  
ARG CD   C  N N 20  
ARG NE   N  N N 21  
ARG CZ   C  N N 22  
ARG NH1  N  N N 23  
ARG NH2  N  N N 24  
ARG OXT  O  N N 25  
ARG H    H  N N 26  
ARG H2   H  N N 27  
ARG HA   H  N N 28  
ARG HB2  H  N N 29  
ARG HB3  H  N N 30  
ARG HG2  H  N N 31  
ARG HG3  H  N N 32  
ARG HD2  H  N N 33  
ARG HD3  H  N N 34  
ARG HE   H  N N 35  
ARG HH11 H  N N 36  
ARG HH12 H  N N 37  
ARG HH21 H  N N 38  
ARG HH22 H  N N 39  
ARG HXT  H  N N 40  
ASN N    N  N N 41  
ASN CA   C  N S 42  
ASN C    C  N N 43  
ASN O    O  N N 44  
ASN CB   C  N N 45  
ASN CG   C  N N 46  
ASN OD1  O  N N 47  
ASN ND2  N  N N 48  
ASN OXT  O  N N 49  
ASN H    H  N N 50  
ASN H2   H  N N 51  
ASN HA   H  N N 52  
ASN HB2  H  N N 53  
ASN HB3  H  N N 54  
ASN HD21 H  N N 55  
ASN HD22 H  N N 56  
ASN HXT  H  N N 57  
ASP N    N  N N 58  
ASP CA   C  N S 59  
ASP C    C  N N 60  
ASP O    O  N N 61  
ASP CB   C  N N 62  
ASP CG   C  N N 63  
ASP OD1  O  N N 64  
ASP OD2  O  N N 65  
ASP OXT  O  N N 66  
ASP H    H  N N 67  
ASP H2   H  N N 68  
ASP HA   H  N N 69  
ASP HB2  H  N N 70  
ASP HB3  H  N N 71  
ASP HD2  H  N N 72  
ASP HXT  H  N N 73  
CYS N    N  N N 74  
CYS CA   C  N R 75  
CYS C    C  N N 76  
CYS O    O  N N 77  
CYS CB   C  N N 78  
CYS SG   S  N N 79  
CYS OXT  O  N N 80  
CYS H    H  N N 81  
CYS H2   H  N N 82  
CYS HA   H  N N 83  
CYS HB2  H  N N 84  
CYS HB3  H  N N 85  
CYS HG   H  N N 86  
CYS HXT  H  N N 87  
GLN N    N  N N 88  
GLN CA   C  N S 89  
GLN C    C  N N 90  
GLN O    O  N N 91  
GLN CB   C  N N 92  
GLN CG   C  N N 93  
GLN CD   C  N N 94  
GLN OE1  O  N N 95  
GLN NE2  N  N N 96  
GLN OXT  O  N N 97  
GLN H    H  N N 98  
GLN H2   H  N N 99  
GLN HA   H  N N 100 
GLN HB2  H  N N 101 
GLN HB3  H  N N 102 
GLN HG2  H  N N 103 
GLN HG3  H  N N 104 
GLN HE21 H  N N 105 
GLN HE22 H  N N 106 
GLN HXT  H  N N 107 
GLU N    N  N N 108 
GLU CA   C  N S 109 
GLU C    C  N N 110 
GLU O    O  N N 111 
GLU CB   C  N N 112 
GLU CG   C  N N 113 
GLU CD   C  N N 114 
GLU OE1  O  N N 115 
GLU OE2  O  N N 116 
GLU OXT  O  N N 117 
GLU H    H  N N 118 
GLU H2   H  N N 119 
GLU HA   H  N N 120 
GLU HB2  H  N N 121 
GLU HB3  H  N N 122 
GLU HG2  H  N N 123 
GLU HG3  H  N N 124 
GLU HE2  H  N N 125 
GLU HXT  H  N N 126 
GLY N    N  N N 127 
GLY CA   C  N N 128 
GLY C    C  N N 129 
GLY O    O  N N 130 
GLY OXT  O  N N 131 
GLY H    H  N N 132 
GLY H2   H  N N 133 
GLY HA2  H  N N 134 
GLY HA3  H  N N 135 
GLY HXT  H  N N 136 
HIS N    N  N N 137 
HIS CA   C  N S 138 
HIS C    C  N N 139 
HIS O    O  N N 140 
HIS CB   C  N N 141 
HIS CG   C  Y N 142 
HIS ND1  N  Y N 143 
HIS CD2  C  Y N 144 
HIS CE1  C  Y N 145 
HIS NE2  N  Y N 146 
HIS OXT  O  N N 147 
HIS H    H  N N 148 
HIS H2   H  N N 149 
HIS HA   H  N N 150 
HIS HB2  H  N N 151 
HIS HB3  H  N N 152 
HIS HD1  H  N N 153 
HIS HD2  H  N N 154 
HIS HE1  H  N N 155 
HIS HE2  H  N N 156 
HIS HXT  H  N N 157 
HOH O    O  N N 158 
HOH H1   H  N N 159 
HOH H2   H  N N 160 
ILE N    N  N N 161 
ILE CA   C  N S 162 
ILE C    C  N N 163 
ILE O    O  N N 164 
ILE CB   C  N S 165 
ILE CG1  C  N N 166 
ILE CG2  C  N N 167 
ILE CD1  C  N N 168 
ILE OXT  O  N N 169 
ILE H    H  N N 170 
ILE H2   H  N N 171 
ILE HA   H  N N 172 
ILE HB   H  N N 173 
ILE HG12 H  N N 174 
ILE HG13 H  N N 175 
ILE HG21 H  N N 176 
ILE HG22 H  N N 177 
ILE HG23 H  N N 178 
ILE HD11 H  N N 179 
ILE HD12 H  N N 180 
ILE HD13 H  N N 181 
ILE HXT  H  N N 182 
LEU N    N  N N 183 
LEU CA   C  N S 184 
LEU C    C  N N 185 
LEU O    O  N N 186 
LEU CB   C  N N 187 
LEU CG   C  N N 188 
LEU CD1  C  N N 189 
LEU CD2  C  N N 190 
LEU OXT  O  N N 191 
LEU H    H  N N 192 
LEU H2   H  N N 193 
LEU HA   H  N N 194 
LEU HB2  H  N N 195 
LEU HB3  H  N N 196 
LEU HG   H  N N 197 
LEU HD11 H  N N 198 
LEU HD12 H  N N 199 
LEU HD13 H  N N 200 
LEU HD21 H  N N 201 
LEU HD22 H  N N 202 
LEU HD23 H  N N 203 
LEU HXT  H  N N 204 
LYS N    N  N N 205 
LYS CA   C  N S 206 
LYS C    C  N N 207 
LYS O    O  N N 208 
LYS CB   C  N N 209 
LYS CG   C  N N 210 
LYS CD   C  N N 211 
LYS CE   C  N N 212 
LYS NZ   N  N N 213 
LYS OXT  O  N N 214 
LYS H    H  N N 215 
LYS H2   H  N N 216 
LYS HA   H  N N 217 
LYS HB2  H  N N 218 
LYS HB3  H  N N 219 
LYS HG2  H  N N 220 
LYS HG3  H  N N 221 
LYS HD2  H  N N 222 
LYS HD3  H  N N 223 
LYS HE2  H  N N 224 
LYS HE3  H  N N 225 
LYS HZ1  H  N N 226 
LYS HZ2  H  N N 227 
LYS HZ3  H  N N 228 
LYS HXT  H  N N 229 
MET N    N  N N 230 
MET CA   C  N S 231 
MET C    C  N N 232 
MET O    O  N N 233 
MET CB   C  N N 234 
MET CG   C  N N 235 
MET SD   S  N N 236 
MET CE   C  N N 237 
MET OXT  O  N N 238 
MET H    H  N N 239 
MET H2   H  N N 240 
MET HA   H  N N 241 
MET HB2  H  N N 242 
MET HB3  H  N N 243 
MET HG2  H  N N 244 
MET HG3  H  N N 245 
MET HE1  H  N N 246 
MET HE2  H  N N 247 
MET HE3  H  N N 248 
MET HXT  H  N N 249 
PHE N    N  N N 250 
PHE CA   C  N S 251 
PHE C    C  N N 252 
PHE O    O  N N 253 
PHE CB   C  N N 254 
PHE CG   C  Y N 255 
PHE CD1  C  Y N 256 
PHE CD2  C  Y N 257 
PHE CE1  C  Y N 258 
PHE CE2  C  Y N 259 
PHE CZ   C  Y N 260 
PHE OXT  O  N N 261 
PHE H    H  N N 262 
PHE H2   H  N N 263 
PHE HA   H  N N 264 
PHE HB2  H  N N 265 
PHE HB3  H  N N 266 
PHE HD1  H  N N 267 
PHE HD2  H  N N 268 
PHE HE1  H  N N 269 
PHE HE2  H  N N 270 
PHE HZ   H  N N 271 
PHE HXT  H  N N 272 
PRO N    N  N N 273 
PRO CA   C  N S 274 
PRO C    C  N N 275 
PRO O    O  N N 276 
PRO CB   C  N N 277 
PRO CG   C  N N 278 
PRO CD   C  N N 279 
PRO OXT  O  N N 280 
PRO H    H  N N 281 
PRO HA   H  N N 282 
PRO HB2  H  N N 283 
PRO HB3  H  N N 284 
PRO HG2  H  N N 285 
PRO HG3  H  N N 286 
PRO HD2  H  N N 287 
PRO HD3  H  N N 288 
PRO HXT  H  N N 289 
Q4D C4   C  N N 290 
Q4D C3   C  N N 291 
Q4D C2   C  N N 292 
Q4D C13  C  Y N 293 
Q4D C18  C  Y N 294 
Q4D C17  C  Y N 295 
Q4D CL1  CL N N 296 
Q4D C16  C  Y N 297 
Q4D C15  C  Y N 298 
Q4D C14  C  Y N 299 
Q4D C1   C  N S 300 
Q4D C12  C  N N 301 
Q4D C11  C  N N 302 
Q4D O1   O  N N 303 
Q4D C10  C  Y N 304 
Q4D C5   C  Y N 305 
Q4D C6   C  Y N 306 
Q4D C7   C  Y N 307 
Q4D C8   C  Y N 308 
Q4D C9   C  Y N 309 
Q4D N1   N  N N 310 
Q4D C19  C  N N 311 
Q4D C20  C  N R 312 
Q4D C31  C  N N 313 
Q4D C30  C  N N 314 
Q4D C21  C  N R 315 
Q4D C22  C  N S 316 
Q4D O4   O  N N 317 
Q4D C34  C  N N 318 
Q4D C35  C  N N 319 
Q4D N5   N  N N 320 
Q4D C36  C  N N 321 
Q4D C37  C  N N 322 
Q4D F1   F  N N 323 
Q4D F2   F  N N 324 
Q4D C38  C  N N 325 
Q4D C29  C  N N 326 
Q4D C28  C  N N 327 
Q4D C27  C  N N 328 
Q4D C26  C  N N 329 
Q4D N2   N  N N 330 
Q4D C32  C  N N 331 
Q4D C25  C  N N 332 
Q4D O3   O  N N 333 
Q4D C24  C  N N 334 
Q4D C23  C  N R 335 
Q4D O2   O  N N 336 
Q4D C33  C  N N 337 
Q4D O5   O  N N 338 
Q4D N3   N  N N 339 
Q4D S1   S  N N 340 
Q4D O6   O  N N 341 
Q4D O7   O  N N 342 
Q4D N4   N  N N 343 
Q4D C40  C  N N 344 
Q4D C39  C  N N 345 
Q4D H1   H  N N 346 
Q4D H2   H  N N 347 
Q4D H3   H  N N 348 
Q4D H4   H  N N 349 
Q4D H5   H  N N 350 
Q4D H6   H  N N 351 
Q4D H7   H  N N 352 
Q4D H8   H  N N 353 
Q4D H9   H  N N 354 
Q4D H10  H  N N 355 
Q4D H11  H  N N 356 
Q4D H12  H  N N 357 
Q4D H13  H  N N 358 
Q4D H14  H  N N 359 
Q4D H15  H  N N 360 
Q4D H16  H  N N 361 
Q4D H17  H  N N 362 
Q4D H18  H  N N 363 
Q4D H19  H  N N 364 
Q4D H20  H  N N 365 
Q4D H21  H  N N 366 
Q4D H22  H  N N 367 
Q4D H23  H  N N 368 
Q4D H24  H  N N 369 
Q4D H25  H  N N 370 
Q4D H26  H  N N 371 
Q4D H27  H  N N 372 
Q4D H28  H  N N 373 
Q4D H29  H  N N 374 
Q4D H31  H  N N 375 
Q4D H32  H  N N 376 
Q4D H33  H  N N 377 
Q4D H34  H  N N 378 
Q4D H35  H  N N 379 
Q4D H36  H  N N 380 
Q4D H37  H  N N 381 
Q4D H38  H  N N 382 
Q4D H39  H  N N 383 
Q4D H40  H  N N 384 
Q4D H41  H  N N 385 
Q4D H42  H  N N 386 
Q4D H43  H  N N 387 
Q4D H44  H  N N 388 
Q4D H45  H  N N 389 
Q4D H46  H  N N 390 
Q4D H47  H  N N 391 
Q4D H48  H  N N 392 
Q4D H49  H  N N 393 
Q4D H50  H  N N 394 
Q4D H51  H  N N 395 
Q4D H52  H  N N 396 
Q4D H53  H  N N 397 
SER N    N  N N 398 
SER CA   C  N S 399 
SER C    C  N N 400 
SER O    O  N N 401 
SER CB   C  N N 402 
SER OG   O  N N 403 
SER OXT  O  N N 404 
SER H    H  N N 405 
SER H2   H  N N 406 
SER HA   H  N N 407 
SER HB2  H  N N 408 
SER HB3  H  N N 409 
SER HG   H  N N 410 
SER HXT  H  N N 411 
THR N    N  N N 412 
THR CA   C  N S 413 
THR C    C  N N 414 
THR O    O  N N 415 
THR CB   C  N R 416 
THR OG1  O  N N 417 
THR CG2  C  N N 418 
THR OXT  O  N N 419 
THR H    H  N N 420 
THR H2   H  N N 421 
THR HA   H  N N 422 
THR HB   H  N N 423 
THR HG1  H  N N 424 
THR HG21 H  N N 425 
THR HG22 H  N N 426 
THR HG23 H  N N 427 
THR HXT  H  N N 428 
TRP N    N  N N 429 
TRP CA   C  N S 430 
TRP C    C  N N 431 
TRP O    O  N N 432 
TRP CB   C  N N 433 
TRP CG   C  Y N 434 
TRP CD1  C  Y N 435 
TRP CD2  C  Y N 436 
TRP NE1  N  Y N 437 
TRP CE2  C  Y N 438 
TRP CE3  C  Y N 439 
TRP CZ2  C  Y N 440 
TRP CZ3  C  Y N 441 
TRP CH2  C  Y N 442 
TRP OXT  O  N N 443 
TRP H    H  N N 444 
TRP H2   H  N N 445 
TRP HA   H  N N 446 
TRP HB2  H  N N 447 
TRP HB3  H  N N 448 
TRP HD1  H  N N 449 
TRP HE1  H  N N 450 
TRP HE3  H  N N 451 
TRP HZ2  H  N N 452 
TRP HZ3  H  N N 453 
TRP HH2  H  N N 454 
TRP HXT  H  N N 455 
TYR N    N  N N 456 
TYR CA   C  N S 457 
TYR C    C  N N 458 
TYR O    O  N N 459 
TYR CB   C  N N 460 
TYR CG   C  Y N 461 
TYR CD1  C  Y N 462 
TYR CD2  C  Y N 463 
TYR CE1  C  Y N 464 
TYR CE2  C  Y N 465 
TYR CZ   C  Y N 466 
TYR OH   O  N N 467 
TYR OXT  O  N N 468 
TYR H    H  N N 469 
TYR H2   H  N N 470 
TYR HA   H  N N 471 
TYR HB2  H  N N 472 
TYR HB3  H  N N 473 
TYR HD1  H  N N 474 
TYR HD2  H  N N 475 
TYR HE1  H  N N 476 
TYR HE2  H  N N 477 
TYR HH   H  N N 478 
TYR HXT  H  N N 479 
VAL N    N  N N 480 
VAL CA   C  N S 481 
VAL C    C  N N 482 
VAL O    O  N N 483 
VAL CB   C  N N 484 
VAL CG1  C  N N 485 
VAL CG2  C  N N 486 
VAL OXT  O  N N 487 
VAL H    H  N N 488 
VAL H2   H  N N 489 
VAL HA   H  N N 490 
VAL HB   H  N N 491 
VAL HG11 H  N N 492 
VAL HG12 H  N N 493 
VAL HG13 H  N N 494 
VAL HG21 H  N N 495 
VAL HG22 H  N N 496 
VAL HG23 H  N N 497 
VAL HXT  H  N N 498 
# 
loop_
_chem_comp_bond.comp_id 
_chem_comp_bond.atom_id_1 
_chem_comp_bond.atom_id_2 
_chem_comp_bond.value_order 
_chem_comp_bond.pdbx_aromatic_flag 
_chem_comp_bond.pdbx_stereo_config 
_chem_comp_bond.pdbx_ordinal 
ALA N   CA   sing N N 1   
ALA N   H    sing N N 2   
ALA N   H2   sing N N 3   
ALA CA  C    sing N N 4   
ALA CA  CB   sing N N 5   
ALA CA  HA   sing N N 6   
ALA C   O    doub N N 7   
ALA C   OXT  sing N N 8   
ALA CB  HB1  sing N N 9   
ALA CB  HB2  sing N N 10  
ALA CB  HB3  sing N N 11  
ALA OXT HXT  sing N N 12  
ARG N   CA   sing N N 13  
ARG N   H    sing N N 14  
ARG N   H2   sing N N 15  
ARG CA  C    sing N N 16  
ARG CA  CB   sing N N 17  
ARG CA  HA   sing N N 18  
ARG C   O    doub N N 19  
ARG C   OXT  sing N N 20  
ARG CB  CG   sing N N 21  
ARG CB  HB2  sing N N 22  
ARG CB  HB3  sing N N 23  
ARG CG  CD   sing N N 24  
ARG CG  HG2  sing N N 25  
ARG CG  HG3  sing N N 26  
ARG CD  NE   sing N N 27  
ARG CD  HD2  sing N N 28  
ARG CD  HD3  sing N N 29  
ARG NE  CZ   sing N N 30  
ARG NE  HE   sing N N 31  
ARG CZ  NH1  sing N N 32  
ARG CZ  NH2  doub N N 33  
ARG NH1 HH11 sing N N 34  
ARG NH1 HH12 sing N N 35  
ARG NH2 HH21 sing N N 36  
ARG NH2 HH22 sing N N 37  
ARG OXT HXT  sing N N 38  
ASN N   CA   sing N N 39  
ASN N   H    sing N N 40  
ASN N   H2   sing N N 41  
ASN CA  C    sing N N 42  
ASN CA  CB   sing N N 43  
ASN CA  HA   sing N N 44  
ASN C   O    doub N N 45  
ASN C   OXT  sing N N 46  
ASN CB  CG   sing N N 47  
ASN CB  HB2  sing N N 48  
ASN CB  HB3  sing N N 49  
ASN CG  OD1  doub N N 50  
ASN CG  ND2  sing N N 51  
ASN ND2 HD21 sing N N 52  
ASN ND2 HD22 sing N N 53  
ASN OXT HXT  sing N N 54  
ASP N   CA   sing N N 55  
ASP N   H    sing N N 56  
ASP N   H2   sing N N 57  
ASP CA  C    sing N N 58  
ASP CA  CB   sing N N 59  
ASP CA  HA   sing N N 60  
ASP C   O    doub N N 61  
ASP C   OXT  sing N N 62  
ASP CB  CG   sing N N 63  
ASP CB  HB2  sing N N 64  
ASP CB  HB3  sing N N 65  
ASP CG  OD1  doub N N 66  
ASP CG  OD2  sing N N 67  
ASP OD2 HD2  sing N N 68  
ASP OXT HXT  sing N N 69  
CYS N   CA   sing N N 70  
CYS N   H    sing N N 71  
CYS N   H2   sing N N 72  
CYS CA  C    sing N N 73  
CYS CA  CB   sing N N 74  
CYS CA  HA   sing N N 75  
CYS C   O    doub N N 76  
CYS C   OXT  sing N N 77  
CYS CB  SG   sing N N 78  
CYS CB  HB2  sing N N 79  
CYS CB  HB3  sing N N 80  
CYS SG  HG   sing N N 81  
CYS OXT HXT  sing N N 82  
GLN N   CA   sing N N 83  
GLN N   H    sing N N 84  
GLN N   H2   sing N N 85  
GLN CA  C    sing N N 86  
GLN CA  CB   sing N N 87  
GLN CA  HA   sing N N 88  
GLN C   O    doub N N 89  
GLN C   OXT  sing N N 90  
GLN CB  CG   sing N N 91  
GLN CB  HB2  sing N N 92  
GLN CB  HB3  sing N N 93  
GLN CG  CD   sing N N 94  
GLN CG  HG2  sing N N 95  
GLN CG  HG3  sing N N 96  
GLN CD  OE1  doub N N 97  
GLN CD  NE2  sing N N 98  
GLN NE2 HE21 sing N N 99  
GLN NE2 HE22 sing N N 100 
GLN OXT HXT  sing N N 101 
GLU N   CA   sing N N 102 
GLU N   H    sing N N 103 
GLU N   H2   sing N N 104 
GLU CA  C    sing N N 105 
GLU CA  CB   sing N N 106 
GLU CA  HA   sing N N 107 
GLU C   O    doub N N 108 
GLU C   OXT  sing N N 109 
GLU CB  CG   sing N N 110 
GLU CB  HB2  sing N N 111 
GLU CB  HB3  sing N N 112 
GLU CG  CD   sing N N 113 
GLU CG  HG2  sing N N 114 
GLU CG  HG3  sing N N 115 
GLU CD  OE1  doub N N 116 
GLU CD  OE2  sing N N 117 
GLU OE2 HE2  sing N N 118 
GLU OXT HXT  sing N N 119 
GLY N   CA   sing N N 120 
GLY N   H    sing N N 121 
GLY N   H2   sing N N 122 
GLY CA  C    sing N N 123 
GLY CA  HA2  sing N N 124 
GLY CA  HA3  sing N N 125 
GLY C   O    doub N N 126 
GLY C   OXT  sing N N 127 
GLY OXT HXT  sing N N 128 
HIS N   CA   sing N N 129 
HIS N   H    sing N N 130 
HIS N   H2   sing N N 131 
HIS CA  C    sing N N 132 
HIS CA  CB   sing N N 133 
HIS CA  HA   sing N N 134 
HIS C   O    doub N N 135 
HIS C   OXT  sing N N 136 
HIS CB  CG   sing N N 137 
HIS CB  HB2  sing N N 138 
HIS CB  HB3  sing N N 139 
HIS CG  ND1  sing Y N 140 
HIS CG  CD2  doub Y N 141 
HIS ND1 CE1  doub Y N 142 
HIS ND1 HD1  sing N N 143 
HIS CD2 NE2  sing Y N 144 
HIS CD2 HD2  sing N N 145 
HIS CE1 NE2  sing Y N 146 
HIS CE1 HE1  sing N N 147 
HIS NE2 HE2  sing N N 148 
HIS OXT HXT  sing N N 149 
HOH O   H1   sing N N 150 
HOH O   H2   sing N N 151 
ILE N   CA   sing N N 152 
ILE N   H    sing N N 153 
ILE N   H2   sing N N 154 
ILE CA  C    sing N N 155 
ILE CA  CB   sing N N 156 
ILE CA  HA   sing N N 157 
ILE C   O    doub N N 158 
ILE C   OXT  sing N N 159 
ILE CB  CG1  sing N N 160 
ILE CB  CG2  sing N N 161 
ILE CB  HB   sing N N 162 
ILE CG1 CD1  sing N N 163 
ILE CG1 HG12 sing N N 164 
ILE CG1 HG13 sing N N 165 
ILE CG2 HG21 sing N N 166 
ILE CG2 HG22 sing N N 167 
ILE CG2 HG23 sing N N 168 
ILE CD1 HD11 sing N N 169 
ILE CD1 HD12 sing N N 170 
ILE CD1 HD13 sing N N 171 
ILE OXT HXT  sing N N 172 
LEU N   CA   sing N N 173 
LEU N   H    sing N N 174 
LEU N   H2   sing N N 175 
LEU CA  C    sing N N 176 
LEU CA  CB   sing N N 177 
LEU CA  HA   sing N N 178 
LEU C   O    doub N N 179 
LEU C   OXT  sing N N 180 
LEU CB  CG   sing N N 181 
LEU CB  HB2  sing N N 182 
LEU CB  HB3  sing N N 183 
LEU CG  CD1  sing N N 184 
LEU CG  CD2  sing N N 185 
LEU CG  HG   sing N N 186 
LEU CD1 HD11 sing N N 187 
LEU CD1 HD12 sing N N 188 
LEU CD1 HD13 sing N N 189 
LEU CD2 HD21 sing N N 190 
LEU CD2 HD22 sing N N 191 
LEU CD2 HD23 sing N N 192 
LEU OXT HXT  sing N N 193 
LYS N   CA   sing N N 194 
LYS N   H    sing N N 195 
LYS N   H2   sing N N 196 
LYS CA  C    sing N N 197 
LYS CA  CB   sing N N 198 
LYS CA  HA   sing N N 199 
LYS C   O    doub N N 200 
LYS C   OXT  sing N N 201 
LYS CB  CG   sing N N 202 
LYS CB  HB2  sing N N 203 
LYS CB  HB3  sing N N 204 
LYS CG  CD   sing N N 205 
LYS CG  HG2  sing N N 206 
LYS CG  HG3  sing N N 207 
LYS CD  CE   sing N N 208 
LYS CD  HD2  sing N N 209 
LYS CD  HD3  sing N N 210 
LYS CE  NZ   sing N N 211 
LYS CE  HE2  sing N N 212 
LYS CE  HE3  sing N N 213 
LYS NZ  HZ1  sing N N 214 
LYS NZ  HZ2  sing N N 215 
LYS NZ  HZ3  sing N N 216 
LYS OXT HXT  sing N N 217 
MET N   CA   sing N N 218 
MET N   H    sing N N 219 
MET N   H2   sing N N 220 
MET CA  C    sing N N 221 
MET CA  CB   sing N N 222 
MET CA  HA   sing N N 223 
MET C   O    doub N N 224 
MET C   OXT  sing N N 225 
MET CB  CG   sing N N 226 
MET CB  HB2  sing N N 227 
MET CB  HB3  sing N N 228 
MET CG  SD   sing N N 229 
MET CG  HG2  sing N N 230 
MET CG  HG3  sing N N 231 
MET SD  CE   sing N N 232 
MET CE  HE1  sing N N 233 
MET CE  HE2  sing N N 234 
MET CE  HE3  sing N N 235 
MET OXT HXT  sing N N 236 
PHE N   CA   sing N N 237 
PHE N   H    sing N N 238 
PHE N   H2   sing N N 239 
PHE CA  C    sing N N 240 
PHE CA  CB   sing N N 241 
PHE CA  HA   sing N N 242 
PHE C   O    doub N N 243 
PHE C   OXT  sing N N 244 
PHE CB  CG   sing N N 245 
PHE CB  HB2  sing N N 246 
PHE CB  HB3  sing N N 247 
PHE CG  CD1  doub Y N 248 
PHE CG  CD2  sing Y N 249 
PHE CD1 CE1  sing Y N 250 
PHE CD1 HD1  sing N N 251 
PHE CD2 CE2  doub Y N 252 
PHE CD2 HD2  sing N N 253 
PHE CE1 CZ   doub Y N 254 
PHE CE1 HE1  sing N N 255 
PHE CE2 CZ   sing Y N 256 
PHE CE2 HE2  sing N N 257 
PHE CZ  HZ   sing N N 258 
PHE OXT HXT  sing N N 259 
PRO N   CA   sing N N 260 
PRO N   CD   sing N N 261 
PRO N   H    sing N N 262 
PRO CA  C    sing N N 263 
PRO CA  CB   sing N N 264 
PRO CA  HA   sing N N 265 
PRO C   O    doub N N 266 
PRO C   OXT  sing N N 267 
PRO CB  CG   sing N N 268 
PRO CB  HB2  sing N N 269 
PRO CB  HB3  sing N N 270 
PRO CG  CD   sing N N 271 
PRO CG  HG2  sing N N 272 
PRO CG  HG3  sing N N 273 
PRO CD  HD2  sing N N 274 
PRO CD  HD3  sing N N 275 
PRO OXT HXT  sing N N 276 
Q4D CL1 C17  sing N N 277 
Q4D C17 C18  doub Y N 278 
Q4D C17 C16  sing Y N 279 
Q4D C18 C13  sing Y N 280 
Q4D C16 C15  doub Y N 281 
Q4D C13 C2   sing N N 282 
Q4D C13 C14  doub Y N 283 
Q4D C15 C14  sing Y N 284 
Q4D C11 O1   sing N N 285 
Q4D C11 C1   sing N N 286 
Q4D C2  C3   sing N N 287 
Q4D C14 C1   sing N N 288 
Q4D O1  C10  sing N N 289 
Q4D C1  C4   sing N N 290 
Q4D C1  C12  sing N N 291 
Q4D C4  C3   sing N N 292 
Q4D C5  C10  doub Y N 293 
Q4D C5  C6   sing Y N 294 
Q4D C10 C9   sing Y N 295 
Q4D C6  C7   doub Y N 296 
Q4D C12 N1   sing N N 297 
Q4D C9  N1   sing N N 298 
Q4D C9  C8   doub Y N 299 
Q4D N1  C19  sing N N 300 
Q4D C7  C8   sing Y N 301 
Q4D C7  C23  sing N N 302 
Q4D O5  C33  doub N N 303 
Q4D O2  C23  sing N N 304 
Q4D C19 C20  sing N N 305 
Q4D O7  S1   doub N N 306 
Q4D C23 C33  sing N N 307 
Q4D C23 C24  sing N N 308 
Q4D C33 N3   sing N N 309 
Q4D N3  S1   sing N N 310 
Q4D C20 C31  sing N N 311 
Q4D C20 C21  sing N N 312 
Q4D S1  O6   doub N N 313 
Q4D S1  N4   sing N N 314 
Q4D C31 C30  sing N N 315 
Q4D C24 C25  sing N N 316 
Q4D C40 N4   sing N N 317 
Q4D O3  C25  doub N N 318 
Q4D N4  C39  sing N N 319 
Q4D C21 C30  sing N N 320 
Q4D C21 C22  sing N N 321 
Q4D C25 N2   sing N N 322 
Q4D C22 C29  sing N N 323 
Q4D C22 O4   sing N N 324 
Q4D N2  C26  sing N N 325 
Q4D N2  C32  sing N N 326 
Q4D C26 C27  sing N N 327 
Q4D C29 C28  doub N E 328 
Q4D C28 C27  sing N N 329 
Q4D O4  C34  sing N N 330 
Q4D F2  C37  sing N N 331 
Q4D C34 C35  sing N N 332 
Q4D C36 N5   sing N N 333 
Q4D C36 C37  sing N N 334 
Q4D N5  C35  sing N N 335 
Q4D N5  C38  sing N N 336 
Q4D C37 C38  sing N N 337 
Q4D C37 F1   sing N N 338 
Q4D C4  H1   sing N N 339 
Q4D C4  H2   sing N N 340 
Q4D C3  H3   sing N N 341 
Q4D C3  H4   sing N N 342 
Q4D C2  H5   sing N N 343 
Q4D C2  H6   sing N N 344 
Q4D C18 H7   sing N N 345 
Q4D C16 H8   sing N N 346 
Q4D C15 H9   sing N N 347 
Q4D C12 H10  sing N N 348 
Q4D C12 H11  sing N N 349 
Q4D C11 H12  sing N N 350 
Q4D C11 H13  sing N N 351 
Q4D C5  H14  sing N N 352 
Q4D C6  H15  sing N N 353 
Q4D C8  H16  sing N N 354 
Q4D C19 H17  sing N N 355 
Q4D C19 H18  sing N N 356 
Q4D C20 H19  sing N N 357 
Q4D C31 H20  sing N N 358 
Q4D C31 H21  sing N N 359 
Q4D C30 H22  sing N N 360 
Q4D C30 H23  sing N N 361 
Q4D C21 H24  sing N N 362 
Q4D C22 H25  sing N N 363 
Q4D C34 H26  sing N N 364 
Q4D C34 H27  sing N N 365 
Q4D C35 H28  sing N N 366 
Q4D C35 H29  sing N N 367 
Q4D C36 H31  sing N N 368 
Q4D C36 H32  sing N N 369 
Q4D C38 H33  sing N N 370 
Q4D C38 H34  sing N N 371 
Q4D C29 H35  sing N N 372 
Q4D C28 H36  sing N N 373 
Q4D C27 H37  sing N N 374 
Q4D C27 H38  sing N N 375 
Q4D C26 H39  sing N N 376 
Q4D C26 H40  sing N N 377 
Q4D C32 H41  sing N N 378 
Q4D C32 H42  sing N N 379 
Q4D C32 H43  sing N N 380 
Q4D C24 H44  sing N N 381 
Q4D C24 H45  sing N N 382 
Q4D O2  H46  sing N N 383 
Q4D N3  H47  sing N N 384 
Q4D C40 H48  sing N N 385 
Q4D C40 H49  sing N N 386 
Q4D C40 H50  sing N N 387 
Q4D C39 H51  sing N N 388 
Q4D C39 H52  sing N N 389 
Q4D C39 H53  sing N N 390 
SER N   CA   sing N N 391 
SER N   H    sing N N 392 
SER N   H2   sing N N 393 
SER CA  C    sing N N 394 
SER CA  CB   sing N N 395 
SER CA  HA   sing N N 396 
SER C   O    doub N N 397 
SER C   OXT  sing N N 398 
SER CB  OG   sing N N 399 
SER CB  HB2  sing N N 400 
SER CB  HB3  sing N N 401 
SER OG  HG   sing N N 402 
SER OXT HXT  sing N N 403 
THR N   CA   sing N N 404 
THR N   H    sing N N 405 
THR N   H2   sing N N 406 
THR CA  C    sing N N 407 
THR CA  CB   sing N N 408 
THR CA  HA   sing N N 409 
THR C   O    doub N N 410 
THR C   OXT  sing N N 411 
THR CB  OG1  sing N N 412 
THR CB  CG2  sing N N 413 
THR CB  HB   sing N N 414 
THR OG1 HG1  sing N N 415 
THR CG2 HG21 sing N N 416 
THR CG2 HG22 sing N N 417 
THR CG2 HG23 sing N N 418 
THR OXT HXT  sing N N 419 
TRP N   CA   sing N N 420 
TRP N   H    sing N N 421 
TRP N   H2   sing N N 422 
TRP CA  C    sing N N 423 
TRP CA  CB   sing N N 424 
TRP CA  HA   sing N N 425 
TRP C   O    doub N N 426 
TRP C   OXT  sing N N 427 
TRP CB  CG   sing N N 428 
TRP CB  HB2  sing N N 429 
TRP CB  HB3  sing N N 430 
TRP CG  CD1  doub Y N 431 
TRP CG  CD2  sing Y N 432 
TRP CD1 NE1  sing Y N 433 
TRP CD1 HD1  sing N N 434 
TRP CD2 CE2  doub Y N 435 
TRP CD2 CE3  sing Y N 436 
TRP NE1 CE2  sing Y N 437 
TRP NE1 HE1  sing N N 438 
TRP CE2 CZ2  sing Y N 439 
TRP CE3 CZ3  doub Y N 440 
TRP CE3 HE3  sing N N 441 
TRP CZ2 CH2  doub Y N 442 
TRP CZ2 HZ2  sing N N 443 
TRP CZ3 CH2  sing Y N 444 
TRP CZ3 HZ3  sing N N 445 
TRP CH2 HH2  sing N N 446 
TRP OXT HXT  sing N N 447 
TYR N   CA   sing N N 448 
TYR N   H    sing N N 449 
TYR N   H2   sing N N 450 
TYR CA  C    sing N N 451 
TYR CA  CB   sing N N 452 
TYR CA  HA   sing N N 453 
TYR C   O    doub N N 454 
TYR C   OXT  sing N N 455 
TYR CB  CG   sing N N 456 
TYR CB  HB2  sing N N 457 
TYR CB  HB3  sing N N 458 
TYR CG  CD1  doub Y N 459 
TYR CG  CD2  sing Y N 460 
TYR CD1 CE1  sing Y N 461 
TYR CD1 HD1  sing N N 462 
TYR CD2 CE2  doub Y N 463 
TYR CD2 HD2  sing N N 464 
TYR CE1 CZ   doub Y N 465 
TYR CE1 HE1  sing N N 466 
TYR CE2 CZ   sing Y N 467 
TYR CE2 HE2  sing N N 468 
TYR CZ  OH   sing N N 469 
TYR OH  HH   sing N N 470 
TYR OXT HXT  sing N N 471 
VAL N   CA   sing N N 472 
VAL N   H    sing N N 473 
VAL N   H2   sing N N 474 
VAL CA  C    sing N N 475 
VAL CA  CB   sing N N 476 
VAL CA  HA   sing N N 477 
VAL C   O    doub N N 478 
VAL C   OXT  sing N N 479 
VAL CB  CG1  sing N N 480 
VAL CB  CG2  sing N N 481 
VAL CB  HB   sing N N 482 
VAL CG1 HG11 sing N N 483 
VAL CG1 HG12 sing N N 484 
VAL CG1 HG13 sing N N 485 
VAL CG2 HG21 sing N N 486 
VAL CG2 HG22 sing N N 487 
VAL CG2 HG23 sing N N 488 
VAL OXT HXT  sing N N 489 
# 
_pdbx_entity_instance_feature.ordinal        1 
_pdbx_entity_instance_feature.comp_id        Q4D 
_pdbx_entity_instance_feature.asym_id        ? 
_pdbx_entity_instance_feature.seq_num        ? 
_pdbx_entity_instance_feature.auth_comp_id   Q4D 
_pdbx_entity_instance_feature.auth_asym_id   ? 
_pdbx_entity_instance_feature.auth_seq_num   ? 
_pdbx_entity_instance_feature.feature_type   'SUBJECT OF INVESTIGATION' 
_pdbx_entity_instance_feature.details        ? 
# 
_atom_sites.entry_id                    6UD2 
_atom_sites.Cartn_transf_matrix[1][1]   ? 
_atom_sites.Cartn_transf_matrix[1][2]   ? 
_atom_sites.Cartn_transf_matrix[1][3]   ? 
_atom_sites.Cartn_transf_matrix[2][1]   ? 
_atom_sites.Cartn_transf_matrix[2][2]   ? 
_atom_sites.Cartn_transf_matrix[2][3]   ? 
_atom_sites.Cartn_transf_matrix[3][1]   ? 
_atom_sites.Cartn_transf_matrix[3][2]   ? 
_atom_sites.Cartn_transf_matrix[3][3]   ? 
_atom_sites.Cartn_transf_vector[1]      ? 
_atom_sites.Cartn_transf_vector[2]      ? 
_atom_sites.Cartn_transf_vector[3]      ? 
_atom_sites.fract_transf_matrix[1][1]   0.02013152 
_atom_sites.fract_transf_matrix[1][2]   0.01040529 
_atom_sites.fract_transf_matrix[1][3]   -0.00152719 
_atom_sites.fract_transf_matrix[2][1]   -0.00207393 
_atom_sites.fract_transf_matrix[2][2]   0.00540907 
_atom_sites.fract_transf_matrix[2][3]   0.00951527 
_atom_sites.fract_transf_matrix[3][1]   0.00499629 
_atom_sites.fract_transf_matrix[3][2]   -0.00877459 
_atom_sites.fract_transf_matrix[3][3]   0.00607700 
_atom_sites.fract_transf_vector[1]      0.161888 
_atom_sites.fract_transf_vector[2]      0.143653 
_atom_sites.fract_transf_vector[3]      1.111200 
_atom_sites.solution_primary            ? 
_atom_sites.solution_secondary          ? 
_atom_sites.solution_hydrogens          ? 
_atom_sites.special_details             ? 
# 
loop_
_atom_type.symbol 
C  
CL 
F  
N  
O  
S  
# 
loop_
_atom_site.group_PDB 
_atom_site.id 
_atom_site.type_symbol 
_atom_site.label_atom_id 
_atom_site.label_alt_id 
_atom_site.label_comp_id 
_atom_site.label_asym_id 
_atom_site.label_entity_id 
_atom_site.label_seq_id 
_atom_site.pdbx_PDB_ins_code 
_atom_site.Cartn_x 
_atom_site.Cartn_y 
_atom_site.Cartn_z 
_atom_site.occupancy 
_atom_site.B_iso_or_equiv 
_atom_site.pdbx_formal_charge 
_atom_site.auth_seq_id 
_atom_site.auth_comp_id 
_atom_site.auth_asym_id 
_atom_site.auth_atom_id 
_atom_site.pdbx_PDB_model_num 
ATOM   1    N  N   . ASP A 1 2   ? -12.138 13.796  -7.039  1.00 25.59 ? 172 ASP A N   1 
ATOM   2    C  CA  . ASP A 1 2   ? -11.993 12.304  -7.013  1.00 24.78 ? 172 ASP A CA  1 
ATOM   3    C  C   . ASP A 1 2   ? -11.736 11.824  -5.578  1.00 23.87 ? 172 ASP A C   1 
ATOM   4    O  O   . ASP A 1 2   ? -10.576 11.692  -5.154  1.00 23.51 ? 172 ASP A O   1 
ATOM   5    C  CB  . ASP A 1 2   ? -10.850 11.896  -7.948  1.00 23.97 ? 172 ASP A CB  1 
ATOM   6    C  CG  . ASP A 1 2   ? -10.799 10.387  -8.215  1.00 22.25 ? 172 ASP A CG  1 
ATOM   7    O  OD1 . ASP A 1 2   ? -11.395 9.606   -7.465  1.00 22.32 ? 172 ASP A OD1 1 
ATOM   8    O  OD2 . ASP A 1 2   ? -10.124 9.989   -9.182  1.00 22.69 ? 172 ASP A OD2 1 
ATOM   9    N  N   . GLU A 1 3   ? -12.815 11.561  -4.840  1.00 23.73 ? 173 GLU A N   1 
ATOM   10   C  CA  . GLU A 1 3   ? -12.704 11.225  -3.417  1.00 26.24 ? 173 GLU A CA  1 
ATOM   11   C  C   . GLU A 1 3   ? -11.953 9.908   -3.196  1.00 22.41 ? 173 GLU A C   1 
ATOM   12   O  O   . GLU A 1 3   ? -11.149 9.789   -2.271  1.00 21.61 ? 173 GLU A O   1 
ATOM   13   C  CB  . GLU A 1 3   ? -14.088 11.161  -2.761  1.00 31.31 ? 173 GLU A CB  1 
ATOM   14   C  CG  . GLU A 1 3   ? -14.085 10.731  -1.299  1.00 39.06 ? 173 GLU A CG  1 
ATOM   15   C  CD  . GLU A 1 3   ? -13.359 11.710  -0.391  1.00 45.34 ? 173 GLU A CD  1 
ATOM   16   O  OE1 . GLU A 1 3   ? -13.973 12.728  -0.001  1.00 51.46 ? 173 GLU A OE1 1 
ATOM   17   O  OE2 . GLU A 1 3   ? -12.177 11.455  -0.056  1.00 46.50 ? 173 GLU A OE2 1 
ATOM   18   N  N   . LEU A 1 4   ? -12.233 8.925   -4.038  1.00 20.37 ? 174 LEU A N   1 
ATOM   19   C  CA  . LEU A 1 4   ? -11.575 7.626   -3.914  1.00 18.82 ? 174 LEU A CA  1 
ATOM   20   C  C   . LEU A 1 4   ? -10.064 7.720   -4.119  1.00 17.98 ? 174 LEU A C   1 
ATOM   21   O  O   . LEU A 1 4   ? -9.312  7.136   -3.343  1.00 16.87 ? 174 LEU A O   1 
ATOM   22   C  CB  . LEU A 1 4   ? -12.215 6.585   -4.844  1.00 19.16 ? 174 LEU A CB  1 
ATOM   23   C  CG  . LEU A 1 4   ? -11.548 5.206   -4.836  1.00 20.64 ? 174 LEU A CG  1 
ATOM   24   C  CD1 . LEU A 1 4   ? -11.693 4.492   -3.487  1.00 20.45 ? 174 LEU A CD1 1 
ATOM   25   C  CD2 . LEU A 1 4   ? -12.119 4.346   -5.956  1.00 20.22 ? 174 LEU A CD2 1 
ATOM   26   N  N   . TYR A 1 5   ? -9.622  8.460   -5.137  1.00 17.98 ? 175 TYR A N   1 
ATOM   27   C  CA  . TYR A 1 5   ? -8.189  8.670   -5.352  1.00 18.30 ? 175 TYR A CA  1 
ATOM   28   C  C   . TYR A 1 5   ? -7.520  9.363   -4.167  1.00 17.87 ? 175 TYR A C   1 
ATOM   29   O  O   . TYR A 1 5   ? -6.465  8.923   -3.682  1.00 17.71 ? 175 TYR A O   1 
ATOM   30   C  CB  . TYR A 1 5   ? -7.899  9.465   -6.628  1.00 19.47 ? 175 TYR A CB  1 
ATOM   31   C  CG  . TYR A 1 5   ? -6.409  9.535   -6.905  1.00 21.35 ? 175 TYR A CG  1 
ATOM   32   C  CD1 . TYR A 1 5   ? -5.790  8.542   -7.665  1.00 22.70 ? 175 TYR A CD1 1 
ATOM   33   C  CD2 . TYR A 1 5   ? -5.610  10.560  -6.371  1.00 21.80 ? 175 TYR A CD2 1 
ATOM   34   C  CE1 . TYR A 1 5   ? -4.433  8.567   -7.910  1.00 22.24 ? 175 TYR A CE1 1 
ATOM   35   C  CE2 . TYR A 1 5   ? -4.232  10.594  -6.614  1.00 23.79 ? 175 TYR A CE2 1 
ATOM   36   C  CZ  . TYR A 1 5   ? -3.657  9.592   -7.389  1.00 25.91 ? 175 TYR A CZ  1 
ATOM   37   O  OH  . TYR A 1 5   ? -2.305  9.584   -7.645  1.00 29.85 ? 175 TYR A OH  1 
ATOM   38   N  N   . ARG A 1 6   ? -8.118  10.466  -3.719  1.00 18.34 ? 176 ARG A N   1 
ATOM   39   C  CA  . ARG A 1 6   ? -7.565  11.246  -2.611  1.00 19.41 ? 176 ARG A CA  1 
ATOM   40   C  C   . ARG A 1 6   ? -7.411  10.396  -1.344  1.00 18.32 ? 176 ARG A C   1 
ATOM   41   O  O   . ARG A 1 6   ? -6.367  10.429  -0.661  1.00 18.59 ? 176 ARG A O   1 
ATOM   42   C  CB  . ARG A 1 6   ? -8.470  12.455  -2.326  1.00 23.36 ? 176 ARG A CB  1 
ATOM   43   C  CG  . ARG A 1 6   ? -7.896  13.457  -1.323  1.00 28.48 ? 176 ARG A CG  1 
ATOM   44   C  CD  . ARG A 1 6   ? -8.995  14.131  -0.501  1.00 31.95 ? 176 ARG A CD  1 
ATOM   45   N  NE  . ARG A 1 6   ? -9.776  13.165  0.279   1.00 38.04 ? 176 ARG A NE  1 
ATOM   46   C  CZ  . ARG A 1 6   ? -9.378  12.605  1.425   1.00 37.67 ? 176 ARG A CZ  1 
ATOM   47   N  NH1 . ARG A 1 6   ? -8.198  12.906  1.958   1.00 39.49 ? 176 ARG A NH1 1 
ATOM   48   N  NH2 . ARG A 1 6   ? -10.167 11.736  2.042   1.00 38.43 ? 176 ARG A NH2 1 
ATOM   49   N  N   . GLN A 1 7   ? -8.457  9.645   -1.025  1.00 17.91 ? 177 GLN A N   1 
ATOM   50   C  CA  . GLN A 1 7   ? -8.466  8.827   0.169   1.00 18.50 ? 177 GLN A CA  1 
ATOM   51   C  C   . GLN A 1 7   ? -7.442  7.700   0.050   1.00 17.44 ? 177 GLN A C   1 
ATOM   52   O  O   . GLN A 1 7   ? -6.693  7.428   0.999   1.00 17.12 ? 177 GLN A O   1 
ATOM   53   C  CB  . GLN A 1 7   ? -9.863  8.267   0.406   1.00 19.66 ? 177 GLN A CB  1 
ATOM   54   C  CG  . GLN A 1 7   ? -9.939  7.352   1.610   1.00 20.88 ? 177 GLN A CG  1 
ATOM   55   C  CD  . GLN A 1 7   ? -11.340 6.884   1.889   1.00 21.64 ? 177 GLN A CD  1 
ATOM   56   O  OE1 . GLN A 1 7   ? -12.100 6.581   0.974   1.00 22.33 ? 177 GLN A OE1 1 
ATOM   57   N  NE2 . GLN A 1 7   ? -11.691 6.820   3.166   1.00 22.77 ? 177 GLN A NE2 1 
ATOM   58   N  N   . SER A 1 8   ? -7.415  7.062   -1.121  1.00 16.72 ? 178 SER A N   1 
ATOM   59   C  CA  . SER A 1 8   ? -6.430  6.005   -1.414  1.00 15.73 ? 178 SER A CA  1 
ATOM   60   C  C   . SER A 1 8   ? -5.007  6.511   -1.268  1.00 17.12 ? 178 SER A C   1 
ATOM   61   O  O   . SER A 1 8   ? -4.182  5.856   -0.621  1.00 18.53 ? 178 SER A O   1 
ATOM   62   C  CB  . SER A 1 8   ? -6.652  5.420   -2.813  1.00 14.95 ? 178 SER A CB  1 
ATOM   63   O  OG  . SER A 1 8   ? -7.944  4.864   -2.928  1.00 14.90 ? 178 SER A OG  1 
ATOM   64   N  N   . LEU A 1 9   ? -4.718  7.677   -1.852  1.00 16.82 ? 179 LEU A N   1 
ATOM   65   C  CA  . LEU A 1 9   ? -3.379  8.262   -1.751  1.00 18.65 ? 179 LEU A CA  1 
ATOM   66   C  C   . LEU A 1 9   ? -2.975  8.548   -0.302  1.00 19.75 ? 179 LEU A C   1 
ATOM   67   O  O   . LEU A 1 9   ? -1.824  8.291   0.099   1.00 19.40 ? 179 LEU A O   1 
ATOM   68   C  CB  . LEU A 1 9   ? -3.267  9.539   -2.601  1.00 18.54 ? 179 LEU A CB  1 
ATOM   69   C  CG  . LEU A 1 9   ? -1.890  10.221  -2.633  1.00 19.45 ? 179 LEU A CG  1 
ATOM   70   C  CD1 . LEU A 1 9   ? -0.784  9.320   -3.186  1.00 21.24 ? 179 LEU A CD1 1 
ATOM   71   C  CD2 . LEU A 1 9   ? -1.967  11.499  -3.457  1.00 20.66 ? 179 LEU A CD2 1 
ATOM   72   N  N   . GLU A 1 10  ? -3.911  9.074   0.482   1.00 19.41 ? 180 GLU A N   1 
ATOM   73   C  CA  . GLU A 1 10  ? -3.633  9.390   1.884   1.00 21.32 ? 180 GLU A CA  1 
ATOM   74   C  C   . GLU A 1 10  ? -3.297  8.132   2.694   1.00 20.32 ? 180 GLU A C   1 
ATOM   75   O  O   . GLU A 1 10  ? -2.316  8.110   3.437   1.00 20.00 ? 180 GLU A O   1 
ATOM   76   C  CB  . GLU A 1 10  ? -4.809  10.147  2.511   1.00 25.12 ? 180 GLU A CB  1 
ATOM   77   C  CG  . GLU A 1 10  ? -4.579  10.529  3.959   1.00 31.12 ? 180 GLU A CG  1 
ATOM   78   C  CD  . GLU A 1 10  ? -5.347  11.769  4.359   1.00 35.77 ? 180 GLU A CD  1 
ATOM   79   O  OE1 . GLU A 1 10  ? -6.594  11.744  4.294   1.00 39.63 ? 180 GLU A OE1 1 
ATOM   80   O  OE2 . GLU A 1 10  ? -4.692  12.758  4.746   1.00 39.98 ? 180 GLU A OE2 1 
ATOM   81   N  N   . ILE A 1 11  ? -4.096  7.085   2.523   1.00 17.19 ? 181 ILE A N   1 
ATOM   82   C  CA  . ILE A 1 11  ? -3.889  5.835   3.260   1.00 16.72 ? 181 ILE A CA  1 
ATOM   83   C  C   . ILE A 1 11  ? -2.555  5.192   2.866   1.00 17.49 ? 181 ILE A C   1 
ATOM   84   O  O   . ILE A 1 11  ? -1.749  4.819   3.729   1.00 17.37 ? 181 ILE A O   1 
ATOM   85   C  CB  . ILE A 1 11  ? -5.062  4.857   3.023   1.00 16.58 ? 181 ILE A CB  1 
ATOM   86   C  CG1 . ILE A 1 11  ? -6.356  5.388   3.667   1.00 16.76 ? 181 ILE A CG1 1 
ATOM   87   C  CG2 . ILE A 1 11  ? -4.725  3.459   3.560   1.00 17.03 ? 181 ILE A CG2 1 
ATOM   88   C  CD1 . ILE A 1 11  ? -7.615  4.751   3.103   1.00 16.06 ? 181 ILE A CD1 1 
ATOM   89   N  N   . ILE A 1 12  ? -2.321  5.092   1.560   1.00 15.85 ? 182 ILE A N   1 
ATOM   90   C  CA  . ILE A 1 12  ? -1.124  4.440   1.035   1.00 15.98 ? 182 ILE A CA  1 
ATOM   91   C  C   . ILE A 1 12  ? 0.149   5.212   1.415   1.00 17.45 ? 182 ILE A C   1 
ATOM   92   O  O   . ILE A 1 12  ? 1.136   4.611   1.856   1.00 17.29 ? 182 ILE A O   1 
ATOM   93   C  CB  . ILE A 1 12  ? -1.248  4.154   -0.480  1.00 16.47 ? 182 ILE A CB  1 
ATOM   94   C  CG1 . ILE A 1 12  ? -2.293  3.047   -0.689  1.00 16.51 ? 182 ILE A CG1 1 
ATOM   95   C  CG2 . ILE A 1 12  ? 0.116   3.750   -1.067  1.00 17.70 ? 182 ILE A CG2 1 
ATOM   96   C  CD1 . ILE A 1 12  ? -2.797  2.864   -2.116  1.00 15.46 ? 182 ILE A CD1 1 
ATOM   97   N  N   . SER A 1 13  ? 0.092   6.535   1.291   1.00 17.47 ? 183 SER A N   1 
ATOM   98   C  CA  . SER A 1 13  ? 1.217   7.405   1.637   1.00 19.01 ? 183 SER A CA  1 
ATOM   99   C  C   . SER A 1 13  ? 1.569   7.289   3.103   1.00 18.25 ? 183 SER A C   1 
ATOM   100  O  O   . SER A 1 13  ? 2.752   7.142   3.448   1.00 19.35 ? 183 SER A O   1 
ATOM   101  C  CB  . SER A 1 13  ? 0.902   8.870   1.300   1.00 20.25 ? 183 SER A CB  1 
ATOM   102  O  OG  . SER A 1 13  ? 0.761   9.027   -0.100  1.00 26.59 ? 183 SER A OG  1 
ATOM   103  N  N   . ARG A 1 14  ? 0.556   7.344   3.967   1.00 19.84 ? 184 ARG A N   1 
ATOM   104  C  CA  . ARG A 1 14  ? 0.794   7.250   5.413   1.00 19.63 ? 184 ARG A CA  1 
ATOM   105  C  C   . ARG A 1 14  ? 1.422   5.907   5.808   1.00 20.10 ? 184 ARG A C   1 
ATOM   106  O  O   . ARG A 1 14  ? 2.379   5.865   6.587   1.00 18.97 ? 184 ARG A O   1 
ATOM   107  C  CB  . ARG A 1 14  ? -0.473  7.526   6.202   1.00 23.45 ? 184 ARG A CB  1 
ATOM   108  C  CG  . ARG A 1 14  ? -0.825  9.007   6.195   1.00 26.71 ? 184 ARG A CG  1 
ATOM   109  C  CD  . ARG A 1 14  ? -1.984  9.295   7.126   1.00 29.72 ? 184 ARG A CD  1 
ATOM   110  N  NE  . ARG A 1 14  ? -2.385  10.694  7.038   1.00 30.00 ? 184 ARG A NE  1 
ATOM   111  C  CZ  . ARG A 1 14  ? -2.389  11.549  8.055   1.00 31.56 ? 184 ARG A CZ  1 
ATOM   112  N  NH1 . ARG A 1 14  ? -2.027  11.158  9.273   1.00 29.36 ? 184 ARG A NH1 1 
ATOM   113  N  NH2 . ARG A 1 14  ? -2.784  12.801  7.848   1.00 30.25 ? 184 ARG A NH2 1 
ATOM   114  N  N   . TYR A 1 15  ? 0.923   4.824   5.214   1.00 18.76 ? 185 TYR A N   1 
ATOM   115  C  CA  . TYR A 1 15  ? 1.444   3.490   5.515   1.00 18.98 ? 185 TYR A CA  1 
ATOM   116  C  C   . TYR A 1 15  ? 2.894   3.363   5.080   1.00 17.84 ? 185 TYR A C   1 
ATOM   117  O  O   . TYR A 1 15  ? 3.734   2.918   5.861   1.00 17.31 ? 185 TYR A O   1 
ATOM   118  C  CB  . TYR A 1 15  ? 0.573   2.383   4.880   1.00 19.60 ? 185 TYR A CB  1 
ATOM   119  C  CG  . TYR A 1 15  ? 1.022   0.973   5.239   1.00 19.64 ? 185 TYR A CG  1 
ATOM   120  C  CD1 . TYR A 1 15  ? 0.998   0.517   6.563   1.00 20.89 ? 185 TYR A CD1 1 
ATOM   121  C  CD2 . TYR A 1 15  ? 1.476   0.095   4.250   1.00 19.60 ? 185 TYR A CD2 1 
ATOM   122  C  CE1 . TYR A 1 15  ? 1.428   -0.766  6.890   1.00 20.30 ? 185 TYR A CE1 1 
ATOM   123  C  CE2 . TYR A 1 15  ? 1.894   -1.188  4.566   1.00 19.80 ? 185 TYR A CE2 1 
ATOM   124  C  CZ  . TYR A 1 15  ? 1.861   -1.614  5.884   1.00 21.36 ? 185 TYR A CZ  1 
ATOM   125  O  OH  . TYR A 1 15  ? 2.274   -2.892  6.203   1.00 21.22 ? 185 TYR A OH  1 
ATOM   126  N  N   . LEU A 1 16  ? 3.191   3.771   3.849   1.00 17.65 ? 186 LEU A N   1 
ATOM   127  C  CA  . LEU A 1 16  ? 4.557   3.699   3.343   1.00 18.20 ? 186 LEU A CA  1 
ATOM   128  C  C   . LEU A 1 16  ? 5.526   4.560   4.164   1.00 20.83 ? 186 LEU A C   1 
ATOM   129  O  O   . LEU A 1 16  ? 6.647   4.130   4.456   1.00 19.46 ? 186 LEU A O   1 
ATOM   130  C  CB  . LEU A 1 16  ? 4.610   4.037   1.864   1.00 17.99 ? 186 LEU A CB  1 
ATOM   131  C  CG  . LEU A 1 16  ? 4.523   2.859   0.873   1.00 17.73 ? 186 LEU A CG  1 
ATOM   132  C  CD1 . LEU A 1 16  ? 3.302   1.967   1.069   1.00 18.76 ? 186 LEU A CD1 1 
ATOM   133  C  CD2 . LEU A 1 16  ? 4.641   3.380   -0.551  1.00 18.77 ? 186 LEU A CD2 1 
ATOM   134  N  N   . ARG A 1 17  ? 5.083   5.753   4.560   1.00 20.99 ? 187 ARG A N   1 
ATOM   135  C  CA  . ARG A 1 17  ? 5.931   6.645   5.366   1.00 23.68 ? 187 ARG A CA  1 
ATOM   136  C  C   . ARG A 1 17  ? 6.179   6.134   6.783   1.00 24.86 ? 187 ARG A C   1 
ATOM   137  O  O   . ARG A 1 17  ? 7.303   6.229   7.300   1.00 25.52 ? 187 ARG A O   1 
ATOM   138  C  CB  . ARG A 1 17  ? 5.339   8.056   5.405   1.00 25.69 ? 187 ARG A CB  1 
ATOM   139  C  CG  . ARG A 1 17  ? 5.659   8.855   4.158   1.00 30.70 ? 187 ARG A CG  1 
ATOM   140  C  CD  . ARG A 1 17  ? 5.239   10.309  4.302   1.00 33.78 ? 187 ARG A CD  1 
ATOM   141  N  NE  . ARG A 1 17  ? 3.856   10.524  3.888   1.00 38.98 ? 187 ARG A NE  1 
ATOM   142  C  CZ  . ARG A 1 17  ? 2.828   10.698  4.718   1.00 42.66 ? 187 ARG A CZ  1 
ATOM   143  N  NH1 . ARG A 1 17  ? 3.004   10.678  6.041   1.00 42.28 ? 187 ARG A NH1 1 
ATOM   144  N  NH2 . ARG A 1 17  ? 1.612   10.892  4.218   1.00 40.11 ? 187 ARG A NH2 1 
ATOM   145  N  N   . GLU A 1 18  ? 5.119   5.613   7.398   1.00 24.13 ? 188 GLU A N   1 
ATOM   146  C  CA  . GLU A 1 18  ? 5.128   5.017   8.739   1.00 26.61 ? 188 GLU A CA  1 
ATOM   147  C  C   . GLU A 1 18  ? 6.091   3.821   8.752   1.00 27.09 ? 188 GLU A C   1 
ATOM   148  O  O   . GLU A 1 18  ? 6.914   3.676   9.664   1.00 27.45 ? 188 GLU A O   1 
ATOM   149  C  CB  . GLU A 1 18  ? 3.716   4.536   9.017   1.00 29.62 ? 188 GLU A CB  1 
ATOM   150  C  CG  . GLU A 1 18  ? 3.301   4.288   10.442  1.00 36.62 ? 188 GLU A CG  1 
ATOM   151  C  CD  . GLU A 1 18  ? 1.826   3.928   10.496  1.00 40.58 ? 188 GLU A CD  1 
ATOM   152  O  OE1 . GLU A 1 18  ? 1.008   4.822   10.783  1.00 39.11 ? 188 GLU A OE1 1 
ATOM   153  O  OE2 . GLU A 1 18  ? 1.476   2.762   10.204  1.00 39.68 ? 188 GLU A OE2 1 
ATOM   154  N  N   . GLN A 1 19  ? 5.989   2.983   7.723   1.00 24.47 ? 189 GLN A N   1 
ATOM   155  C  CA  . GLN A 1 19  ? 6.812   1.781   7.605   1.00 23.55 ? 189 GLN A CA  1 
ATOM   156  C  C   . GLN A 1 19  ? 8.286   2.120   7.468   1.00 24.94 ? 189 GLN A C   1 
ATOM   157  O  O   . GLN A 1 19  ? 9.135   1.478   8.086   1.00 27.25 ? 189 GLN A O   1 
ATOM   158  C  CB  . GLN A 1 19  ? 6.345   0.927   6.420   1.00 21.54 ? 189 GLN A CB  1 
ATOM   159  C  CG  . GLN A 1 19  ? 5.041   0.195   6.688   1.00 22.99 ? 189 GLN A CG  1 
ATOM   160  C  CD  . GLN A 1 19  ? 5.270   -1.126  7.393   1.00 25.00 ? 189 GLN A CD  1 
ATOM   161  O  OE1 . GLN A 1 19  ? 5.937   -2.019  6.862   1.00 25.69 ? 189 GLN A OE1 1 
ATOM   162  N  NE2 . GLN A 1 19  ? 4.736   -1.248  8.603   1.00 24.15 ? 189 GLN A NE2 1 
ATOM   163  N  N   . ALA A 1 20  ? 8.581   3.154   6.685   1.00 25.81 ? 190 ALA A N   1 
ATOM   164  C  CA  . ALA A 1 20  ? 9.949   3.578   6.440   1.00 28.25 ? 190 ALA A CA  1 
ATOM   165  C  C   . ALA A 1 20  ? 10.599  4.289   7.630   1.00 30.56 ? 190 ALA A C   1 
ATOM   166  O  O   . ALA A 1 20  ? 11.780  4.081   7.895   1.00 32.35 ? 190 ALA A O   1 
ATOM   167  C  CB  . ALA A 1 20  ? 10.018  4.456   5.202   1.00 28.26 ? 190 ALA A CB  1 
ATOM   168  N  N   . THR A 1 21  ? 9.838   5.119   8.341   1.00 30.23 ? 191 THR A N   1 
ATOM   169  C  CA  . THR A 1 21  ? 10.414  5.944   9.420   1.00 31.62 ? 191 THR A CA  1 
ATOM   170  C  C   . THR A 1 21  ? 10.221  5.353   10.814  1.00 33.32 ? 191 THR A C   1 
ATOM   171  O  O   . THR A 1 21  ? 10.965  5.686   11.743  1.00 36.11 ? 191 THR A O   1 
ATOM   172  C  CB  . THR A 1 21  ? 9.857   7.383   9.403   1.00 32.66 ? 191 THR A CB  1 
ATOM   173  O  OG1 . THR A 1 21  ? 8.464   7.361   9.742   1.00 33.99 ? 191 THR A OG1 1 
ATOM   174  C  CG2 . THR A 1 21  ? 10.035  8.016   8.035   1.00 32.99 ? 191 THR A CG2 1 
ATOM   175  N  N   . GLY A 1 22  ? 9.221   4.489   10.960  1.00 33.89 ? 192 GLY A N   1 
ATOM   176  C  CA  . GLY A 1 22  ? 8.876   3.881   12.249  1.00 32.44 ? 192 GLY A CA  1 
ATOM   177  C  C   . GLY A 1 22  ? 8.128   4.801   13.200  1.00 33.82 ? 192 GLY A C   1 
ATOM   178  O  O   . GLY A 1 22  ? 7.979   4.491   14.382  1.00 33.91 ? 192 GLY A O   1 
ATOM   179  N  N   . ALA A 1 23  ? 7.658   5.934   12.677  1.00 34.40 ? 193 ALA A N   1 
ATOM   180  C  CA  . ALA A 1 23  ? 6.951   6.938   13.469  1.00 33.38 ? 193 ALA A CA  1 
ATOM   181  C  C   . ALA A 1 23  ? 5.570   7.178   12.884  1.00 33.24 ? 193 ALA A C   1 
ATOM   182  O  O   . ALA A 1 23  ? 5.401   7.158   11.665  1.00 31.92 ? 193 ALA A O   1 
ATOM   183  C  CB  . ALA A 1 23  ? 7.743   8.237   13.505  1.00 35.17 ? 193 ALA A CB  1 
ATOM   184  N  N   . LYS A 1 24  ? 4.591   7.401   13.757  1.00 32.83 ? 194 LYS A N   1 
ATOM   185  C  CA  . LYS A 1 24  ? 3.218   7.656   13.331  1.00 35.78 ? 194 LYS A CA  1 
ATOM   186  C  C   . LYS A 1 24  ? 3.062   9.129   12.945  1.00 35.74 ? 194 LYS A C   1 
ATOM   187  O  O   . LYS A 1 24  ? 3.580   10.006  13.634  1.00 35.26 ? 194 LYS A O   1 
ATOM   188  C  CB  . LYS A 1 24  ? 2.245   7.292   14.456  1.00 38.67 ? 194 LYS A CB  1 
ATOM   189  C  CG  . LYS A 1 24  ? 0.779   7.508   14.114  1.00 45.40 ? 194 LYS A CG  1 
ATOM   190  C  CD  . LYS A 1 24  ? -0.130  7.259   15.308  1.00 47.91 ? 194 LYS A CD  1 
ATOM   191  C  CE  . LYS A 1 24  ? -0.413  5.778   15.493  1.00 52.44 ? 194 LYS A CE  1 
ATOM   192  N  NZ  . LYS A 1 24  ? -1.462  5.551   16.523  1.00 57.88 ? 194 LYS A NZ  1 
ATOM   193  N  N   . ASP A 1 25  ? 2.372   9.392   11.837  1.00 33.05 ? 195 ASP A N   1 
ATOM   194  C  CA  . ASP A 1 25  ? 2.046   10.772  11.450  1.00 32.97 ? 195 ASP A CA  1 
ATOM   195  C  C   . ASP A 1 25  ? 0.878   11.261  12.298  1.00 33.61 ? 195 ASP A C   1 
ATOM   196  O  O   . ASP A 1 25  ? -0.179  10.631  12.338  1.00 33.10 ? 195 ASP A O   1 
ATOM   197  C  CB  . ASP A 1 25  ? 1.702   10.855  9.962   1.00 33.05 ? 195 ASP A CB  1 
ATOM   198  C  CG  . ASP A 1 25  ? 1.602   12.291  9.450   1.00 36.10 ? 195 ASP A CG  1 
ATOM   199  O  OD1 . ASP A 1 25  ? 1.349   13.228  10.243  1.00 34.34 ? 195 ASP A OD1 1 
ATOM   200  O  OD2 . ASP A 1 25  ? 1.764   12.478  8.228   1.00 37.44 ? 195 ASP A OD2 1 
ATOM   201  N  N   . THR A 1 26  ? 1.079   12.392  12.968  1.00 32.98 ? 196 THR A N   1 
ATOM   202  C  CA  . THR A 1 26  ? 0.125   12.900  13.946  1.00 35.06 ? 196 THR A CA  1 
ATOM   203  C  C   . THR A 1 26  ? -0.927  13.846  13.345  1.00 33.63 ? 196 THR A C   1 
ATOM   204  O  O   . THR A 1 26  ? -1.903  14.207  14.013  1.00 35.98 ? 196 THR A O   1 
ATOM   205  C  CB  . THR A 1 26  ? 0.856   13.585  15.125  1.00 36.42 ? 196 THR A CB  1 
ATOM   206  O  OG1 . THR A 1 26  ? -0.099  14.244  15.963  1.00 44.03 ? 196 THR A OG1 1 
ATOM   207  C  CG2 . THR A 1 26  ? 1.876   14.596  14.622  1.00 35.39 ? 196 THR A CG2 1 
ATOM   208  N  N   . LYS A 1 27  ? -0.718  14.239  12.091  1.00 29.68 ? 197 LYS A N   1 
ATOM   209  C  CA  . LYS A 1 27  ? -1.640  15.115  11.386  1.00 29.35 ? 197 LYS A CA  1 
ATOM   210  C  C   . LYS A 1 27  ? -2.992  14.444  11.180  1.00 28.42 ? 197 LYS A C   1 
ATOM   211  O  O   . LYS A 1 27  ? -3.057  13.241  10.933  1.00 27.18 ? 197 LYS A O   1 
ATOM   212  C  CB  . LYS A 1 27  ? -1.065  15.518  10.027  1.00 30.94 ? 197 LYS A CB  1 
ATOM   213  C  CG  . LYS A 1 27  ? 0.002   16.594  10.090  1.00 35.91 ? 197 LYS A CG  1 
ATOM   214  C  CD  . LYS A 1 27  ? 0.650   16.754  8.723   1.00 39.26 ? 197 LYS A CD  1 
ATOM   215  C  CE  . LYS A 1 27  ? 1.994   17.441  8.835   1.00 41.55 ? 197 LYS A CE  1 
ATOM   216  N  NZ  . LYS A 1 27  ? 2.725   17.350  7.546   1.00 44.82 ? 197 LYS A NZ  1 
ATOM   217  N  N   . PRO A 1 28  ? -4.082  15.221  11.281  1.00 28.22 ? 198 PRO A N   1 
ATOM   218  C  CA  . PRO A 1 28  ? -5.414  14.689  10.997  1.00 29.48 ? 198 PRO A CA  1 
ATOM   219  C  C   . PRO A 1 28  ? -5.529  14.191  9.560   1.00 30.97 ? 198 PRO A C   1 
ATOM   220  O  O   . PRO A 1 28  ? -4.818  14.671  8.668   1.00 28.46 ? 198 PRO A O   1 
ATOM   221  C  CB  . PRO A 1 28  ? -6.336  15.902  11.192  1.00 30.26 ? 198 PRO A CB  1 
ATOM   222  C  CG  . PRO A 1 28  ? -5.563  16.849  12.042  1.00 30.29 ? 198 PRO A CG  1 
ATOM   223  C  CD  . PRO A 1 28  ? -4.123  16.634  11.702  1.00 29.02 ? 198 PRO A CD  1 
ATOM   224  N  N   . MET A 1 29  ? -6.411  13.216  9.357   1.00 33.82 ? 199 MET A N   1 
ATOM   225  C  CA  . MET A 1 29  ? -6.793  12.774  8.025   1.00 39.57 ? 199 MET A CA  1 
ATOM   226  C  C   . MET A 1 29  ? -7.639  13.859  7.381   1.00 43.91 ? 199 MET A C   1 
ATOM   227  O  O   . MET A 1 29  ? -8.209  14.703  8.077   1.00 43.13 ? 199 MET A O   1 
ATOM   228  C  CB  . MET A 1 29  ? -7.627  11.493  8.111   1.00 42.28 ? 199 MET A CB  1 
ATOM   229  C  CG  . MET A 1 29  ? -6.911  10.306  8.722   1.00 45.78 ? 199 MET A CG  1 
ATOM   230  S  SD  . MET A 1 29  ? -5.622  9.702   7.627   1.00 51.59 ? 199 MET A SD  1 
ATOM   231  C  CE  . MET A 1 29  ? -5.268  8.132   8.415   1.00 47.52 ? 199 MET A CE  1 
ATOM   232  N  N   . GLY A 1 30  ? -7.729  13.831  6.055   1.00 48.04 ? 200 GLY A N   1 
ATOM   233  C  CA  . GLY A 1 30  ? -8.643  14.713  5.336   1.00 53.97 ? 200 GLY A CA  1 
ATOM   234  C  C   . GLY A 1 30  ? -10.082 14.248  5.481   1.00 55.06 ? 200 GLY A C   1 
ATOM   235  O  O   . GLY A 1 30  ? -10.536 13.908  6.582   1.00 56.69 ? 200 GLY A O   1 
ATOM   236  N  N   . ARG A 1 31  ? -10.794 14.226  4.359   1.00 57.72 ? 201 ARG A N   1 
ATOM   237  C  CA  . ARG A 1 31  ? -12.176 13.755  4.298   1.00 55.77 ? 201 ARG A CA  1 
ATOM   238  C  C   . ARG A 1 31  ? -12.267 12.280  4.700   1.00 51.71 ? 201 ARG A C   1 
ATOM   239  O  O   . ARG A 1 31  ? -11.286 11.532  4.578   1.00 51.99 ? 201 ARG A O   1 
ATOM   240  C  CB  . ARG A 1 31  ? -12.700 13.934  2.874   1.00 61.15 ? 201 ARG A CB  1 
ATOM   241  C  CG  . ARG A 1 31  ? -14.036 14.646  2.758   1.00 65.67 ? 201 ARG A CG  1 
ATOM   242  C  CD  . ARG A 1 31  ? -14.028 15.582  1.556   1.00 67.85 ? 201 ARG A CD  1 
ATOM   243  N  NE  . ARG A 1 31  ? -13.465 16.894  1.885   1.00 71.78 ? 201 ARG A NE  1 
ATOM   244  C  CZ  . ARG A 1 31  ? -12.184 17.240  1.764   1.00 72.52 ? 201 ARG A CZ  1 
ATOM   245  N  NH1 . ARG A 1 31  ? -11.803 18.466  2.099   1.00 71.88 ? 201 ARG A NH1 1 
ATOM   246  N  NH2 . ARG A 1 31  ? -11.281 16.378  1.312   1.00 73.89 ? 201 ARG A NH2 1 
ATOM   247  N  N   . SER A 1 32  ? -13.447 11.878  5.178   1.00 46.44 ? 202 SER A N   1 
ATOM   248  C  CA  . SER A 1 32  ? -13.730 10.493  5.593   1.00 42.63 ? 202 SER A CA  1 
ATOM   249  C  C   . SER A 1 32  ? -12.651 9.942   6.530   1.00 38.04 ? 202 SER A C   1 
ATOM   250  O  O   . SER A 1 32  ? -12.186 8.804   6.367   1.00 31.80 ? 202 SER A O   1 
ATOM   251  C  CB  . SER A 1 32  ? -13.900 9.581   4.369   1.00 45.52 ? 202 SER A CB  1 
ATOM   252  O  OG  . SER A 1 32  ? -14.770 10.160  3.413   1.00 51.98 ? 202 SER A OG  1 
ATOM   253  N  N   . GLY A 1 33  ? -12.268 10.768  7.504   1.00 35.11 ? 203 GLY A N   1 
ATOM   254  C  CA  . GLY A 1 33  ? -11.167 10.474  8.413   1.00 33.37 ? 203 GLY A CA  1 
ATOM   255  C  C   . GLY A 1 33  ? -11.319 9.195   9.221   1.00 32.73 ? 203 GLY A C   1 
ATOM   256  O  O   . GLY A 1 33  ? -10.331 8.490   9.451   1.00 31.80 ? 203 GLY A O   1 
ATOM   257  N  N   . ALA A 1 34  ? -12.543 8.893   9.651   1.00 30.06 ? 204 ALA A N   1 
ATOM   258  C  CA  . ALA A 1 34  ? -12.786 7.703   10.482  1.00 29.63 ? 204 ALA A CA  1 
ATOM   259  C  C   . ALA A 1 34  ? -12.483 6.409   9.721   1.00 28.62 ? 204 ALA A C   1 
ATOM   260  O  O   . ALA A 1 34  ? -11.816 5.509   10.239  1.00 27.50 ? 204 ALA A O   1 
ATOM   261  C  CB  . ALA A 1 34  ? -14.206 7.698   11.027  1.00 31.26 ? 204 ALA A CB  1 
ATOM   262  N  N   . THR A 1 35  ? -12.987 6.326   8.495   1.00 27.12 ? 205 THR A N   1 
ATOM   263  C  CA  . THR A 1 35  ? -12.682 5.202   7.606   1.00 26.52 ? 205 THR A CA  1 
ATOM   264  C  C   . THR A 1 35  ? -11.193 5.128   7.249   1.00 25.54 ? 205 THR A C   1 
ATOM   265  O  O   . THR A 1 35  ? -10.611 4.044   7.279   1.00 25.87 ? 205 THR A O   1 
ATOM   266  C  CB  . THR A 1 35  ? -13.557 5.247   6.348   1.00 26.76 ? 205 THR A CB  1 
ATOM   267  O  OG1 . THR A 1 35  ? -14.909 4.981   6.739   1.00 27.72 ? 205 THR A OG1 1 
ATOM   268  C  CG2 . THR A 1 35  ? -13.122 4.189   5.348   1.00 25.01 ? 205 THR A CG2 1 
ATOM   269  N  N   . SER A 1 36  ? -10.576 6.273   6.952   1.00 25.05 ? 206 SER A N   1 
ATOM   270  C  CA  . SER A 1 36  ? -9.147  6.309   6.620   1.00 25.76 ? 206 SER A CA  1 
ATOM   271  C  C   . SER A 1 36  ? -8.267  5.846   7.782   1.00 25.02 ? 206 SER A C   1 
ATOM   272  O  O   . SER A 1 36  ? -7.290  5.128   7.573   1.00 22.81 ? 206 SER A O   1 
ATOM   273  C  CB  . SER A 1 36  ? -8.730  7.699   6.129   1.00 27.22 ? 206 SER A CB  1 
ATOM   274  O  OG  . SER A 1 36  ? -9.370  7.985   4.901   1.00 27.44 ? 206 SER A OG  1 
ATOM   275  N  N   . ARG A 1 37  ? -8.631  6.237   9.004   1.00 23.99 ? 207 ARG A N   1 
ATOM   276  C  CA  . ARG A 1 37  ? -7.938  5.783   10.207  1.00 25.31 ? 207 ARG A CA  1 
ATOM   277  C  C   . ARG A 1 37  ? -8.030  4.273   10.381  1.00 23.40 ? 207 ARG A C   1 
ATOM   278  O  O   . ARG A 1 37  ? -7.026  3.613   10.661  1.00 23.51 ? 207 ARG A O   1 
ATOM   279  C  CB  . ARG A 1 37  ? -8.500  6.472   11.467  1.00 27.52 ? 207 ARG A CB  1 
ATOM   280  C  CG  . ARG A 1 37  ? -7.927  7.850   11.749  1.00 33.26 ? 207 ARG A CG  1 
ATOM   281  C  CD  . ARG A 1 37  ? -8.257  8.336   13.165  1.00 34.01 ? 207 ARG A CD  1 
ATOM   282  N  NE  . ARG A 1 37  ? -9.684  8.624   13.358  1.00 36.44 ? 207 ARG A NE  1 
ATOM   283  C  CZ  . ARG A 1 37  ? -10.319 9.706   12.905  1.00 38.28 ? 207 ARG A CZ  1 
ATOM   284  N  NH1 . ARG A 1 37  ? -9.672  10.636  12.211  1.00 40.96 ? 207 ARG A NH1 1 
ATOM   285  N  NH2 . ARG A 1 37  ? -11.617 9.853   13.136  1.00 35.67 ? 207 ARG A NH2 1 
ATOM   286  N  N   . LYS A 1 38  ? -9.238  3.734   10.238  1.00 22.86 ? 208 LYS A N   1 
ATOM   287  C  CA  . LYS A 1 38  ? -9.466  2.298   10.370  1.00 22.73 ? 208 LYS A CA  1 
ATOM   288  C  C   . LYS A 1 38  ? -8.782  1.522   9.248   1.00 21.79 ? 208 LYS A C   1 
ATOM   289  O  O   . LYS A 1 38  ? -8.279  0.421   9.485   1.00 21.14 ? 208 LYS A O   1 
ATOM   290  C  CB  . LYS A 1 38  ? -10.958 1.973   10.415  1.00 24.69 ? 208 LYS A CB  1 
ATOM   291  C  CG  . LYS A 1 38  ? -11.643 2.487   11.673  1.00 29.24 ? 208 LYS A CG  1 
ATOM   292  C  CD  . LYS A 1 38  ? -13.117 2.127   11.709  1.00 32.66 ? 208 LYS A CD  1 
ATOM   293  C  CE  . LYS A 1 38  ? -13.767 2.698   12.961  1.00 36.27 ? 208 LYS A CE  1 
ATOM   294  N  NZ  . LYS A 1 38  ? -15.221 2.376   13.025  1.00 40.17 ? 208 LYS A NZ  1 
ATOM   295  N  N   . ALA A 1 39  ? -8.761  2.098   8.044   1.00 20.48 ? 209 ALA A N   1 
ATOM   296  C  CA  . ALA A 1 39  ? -8.046  1.486   6.910   1.00 21.47 ? 209 ALA A CA  1 
ATOM   297  C  C   . ALA A 1 39  ? -6.548  1.388   7.180   1.00 21.27 ? 209 ALA A C   1 
ATOM   298  O  O   . ALA A 1 39  ? -5.935  0.341   6.948   1.00 20.39 ? 209 ALA A O   1 
ATOM   299  C  CB  . ALA A 1 39  ? -8.311  2.248   5.620   1.00 20.47 ? 209 ALA A CB  1 
ATOM   300  N  N   . LEU A 1 40  ? -5.958  2.472   7.680   1.00 22.43 ? 210 LEU A N   1 
ATOM   301  C  CA  . LEU A 1 40  ? -4.536  2.474   8.021   1.00 22.81 ? 210 LEU A CA  1 
ATOM   302  C  C   . LEU A 1 40  ? -4.229  1.461   9.129   1.00 24.40 ? 210 LEU A C   1 
ATOM   303  O  O   . LEU A 1 40  ? -3.213  0.753   9.069   1.00 24.36 ? 210 LEU A O   1 
ATOM   304  C  CB  . LEU A 1 40  ? -4.067  3.887   8.401   1.00 23.63 ? 210 LEU A CB  1 
ATOM   305  C  CG  . LEU A 1 40  ? -2.585  4.061   8.752   1.00 23.32 ? 210 LEU A CG  1 
ATOM   306  C  CD1 . LEU A 1 40  ? -1.676  3.530   7.644   1.00 23.00 ? 210 LEU A CD1 1 
ATOM   307  C  CD2 . LEU A 1 40  ? -2.267  5.529   9.037   1.00 23.19 ? 210 LEU A CD2 1 
ATOM   308  N  N   . GLU A 1 41  ? -5.114  1.370   10.124  1.00 24.30 ? 211 GLU A N   1 
ATOM   309  C  CA  . GLU A 1 41  ? -4.933  0.409   11.219  1.00 25.28 ? 211 GLU A CA  1 
ATOM   310  C  C   . GLU A 1 41  ? -5.018  -1.041  10.726  1.00 24.68 ? 211 GLU A C   1 
ATOM   311  O  O   . GLU A 1 41  ? -4.258  -1.904  11.172  1.00 25.32 ? 211 GLU A O   1 
ATOM   312  C  CB  . GLU A 1 41  ? -5.935  0.672   12.348  1.00 28.87 ? 211 GLU A CB  1 
ATOM   313  C  CG  . GLU A 1 41  ? -5.613  1.934   13.135  1.00 34.38 ? 211 GLU A CG  1 
ATOM   314  C  CD  . GLU A 1 41  ? -6.786  2.477   13.942  1.00 41.99 ? 211 GLU A CD  1 
ATOM   315  O  OE1 . GLU A 1 41  ? -7.871  1.844   13.968  1.00 44.72 ? 211 GLU A OE1 1 
ATOM   316  O  OE2 . GLU A 1 41  ? -6.616  3.559   14.549  1.00 44.26 ? 211 GLU A OE2 1 
ATOM   317  N  N   . THR A 1 42  ? -5.928  -1.284  9.783   1.00 21.45 ? 212 THR A N   1 
ATOM   318  C  CA  . THR A 1 42  ? -6.057  -2.575  9.109   1.00 21.17 ? 212 THR A CA  1 
ATOM   319  C  C   . THR A 1 42  ? -4.795  -2.947  8.317   1.00 22.85 ? 212 THR A C   1 
ATOM   320  O  O   . THR A 1 42  ? -4.297  -4.077  8.416   1.00 21.25 ? 212 THR A O   1 
ATOM   321  C  CB  . THR A 1 42  ? -7.282  -2.581  8.182   1.00 21.69 ? 212 THR A CB  1 
ATOM   322  O  OG1 . THR A 1 42  ? -8.452  -2.262  8.943   1.00 23.27 ? 212 THR A OG1 1 
ATOM   323  C  CG2 . THR A 1 42  ? -7.469  -3.940  7.534   1.00 20.33 ? 212 THR A CG2 1 
ATOM   324  N  N   . LEU A 1 43  ? -4.274  -1.998  7.544   1.00 21.45 ? 213 LEU A N   1 
ATOM   325  C  CA  . LEU A 1 43  ? -3.030  -2.217  6.797   1.00 23.74 ? 213 LEU A CA  1 
ATOM   326  C  C   . LEU A 1 43  ? -1.862  -2.551  7.704   1.00 27.74 ? 213 LEU A C   1 
ATOM   327  O  O   . LEU A 1 43  ? -1.010  -3.371  7.341   1.00 29.36 ? 213 LEU A O   1 
ATOM   328  C  CB  . LEU A 1 43  ? -2.661  -0.989  5.964   1.00 23.81 ? 213 LEU A CB  1 
ATOM   329  C  CG  . LEU A 1 43  ? -3.247  -0.870  4.574   1.00 24.65 ? 213 LEU A CG  1 
ATOM   330  C  CD1 . LEU A 1 43  ? -2.781  0.423   3.929   1.00 22.09 ? 213 LEU A CD1 1 
ATOM   331  C  CD2 . LEU A 1 43  ? -2.866  -2.080  3.721   1.00 23.08 ? 213 LEU A CD2 1 
ATOM   332  N  N   . ARG A 1 44  ? -1.817  -1.902  8.868   1.00 26.91 ? 214 ARG A N   1 
ATOM   333  C  CA  . ARG A 1 44  ? -0.778  -2.160  9.866   1.00 32.85 ? 214 ARG A CA  1 
ATOM   334  C  C   . ARG A 1 44  ? -0.821  -3.603  10.336  1.00 32.84 ? 214 ARG A C   1 
ATOM   335  O  O   . ARG A 1 44  ? 0.214   -4.234  10.521  1.00 36.27 ? 214 ARG A O   1 
ATOM   336  C  CB  . ARG A 1 44  ? -0.948  -1.249  11.081  1.00 33.60 ? 214 ARG A CB  1 
ATOM   337  C  CG  . ARG A 1 44  ? -0.460  0.172   10.902  1.00 34.44 ? 214 ARG A CG  1 
ATOM   338  C  CD  . ARG A 1 44  ? -0.641  0.919   12.207  1.00 37.18 ? 214 ARG A CD  1 
ATOM   339  N  NE  . ARG A 1 44  ? -0.508  2.355   12.015  1.00 36.03 ? 214 ARG A NE  1 
ATOM   340  C  CZ  . ARG A 1 44  ? -1.293  3.259   12.585  1.00 36.55 ? 214 ARG A CZ  1 
ATOM   341  N  NH1 . ARG A 1 44  ? -2.286  2.880   13.386  1.00 37.63 ? 214 ARG A NH1 1 
ATOM   342  N  NH2 . ARG A 1 44  ? -1.092  4.545   12.344  1.00 35.68 ? 214 ARG A NH2 1 
ATOM   343  N  N   . ARG A 1 45  ? -2.030  -4.110  10.544  1.00 32.05 ? 215 ARG A N   1 
ATOM   344  C  CA  . ARG A 1 45  ? -2.239  -5.461  11.025  1.00 32.92 ? 215 ARG A CA  1 
ATOM   345  C  C   . ARG A 1 45  ? -1.970  -6.471  9.903   1.00 33.70 ? 215 ARG A C   1 
ATOM   346  O  O   . ARG A 1 45  ? -1.227  -7.437  10.093  1.00 36.70 ? 215 ARG A O   1 
ATOM   347  C  CB  . ARG A 1 45  ? -3.666  -5.579  11.586  1.00 34.79 ? 215 ARG A CB  1 
ATOM   348  C  CG  . ARG A 1 45  ? -4.091  -6.953  12.074  1.00 36.13 ? 215 ARG A CG  1 
ATOM   349  C  CD  . ARG A 1 45  ? -5.356  -6.889  12.928  1.00 36.46 ? 215 ARG A CD  1 
ATOM   350  N  NE  . ARG A 1 45  ? -6.415  -6.035  12.370  1.00 38.55 ? 215 ARG A NE  1 
ATOM   351  C  CZ  . ARG A 1 45  ? -7.325  -6.426  11.476  1.00 38.60 ? 215 ARG A CZ  1 
ATOM   352  N  NH1 . ARG A 1 45  ? -7.318  -7.667  11.003  1.00 38.71 ? 215 ARG A NH1 1 
ATOM   353  N  NH2 . ARG A 1 45  ? -8.241  -5.561  11.044  1.00 36.34 ? 215 ARG A NH2 1 
ATOM   354  N  N   . VAL A 1 46  ? -2.534  -6.227  8.726   1.00 27.17 ? 216 VAL A N   1 
ATOM   355  C  CA  . VAL A 1 46  ? -2.524  -7.231  7.659   1.00 26.64 ? 216 VAL A CA  1 
ATOM   356  C  C   . VAL A 1 46  ? -1.285  -7.173  6.759   1.00 26.85 ? 216 VAL A C   1 
ATOM   357  O  O   . VAL A 1 46  ? -0.739  -8.222  6.383   1.00 24.24 ? 216 VAL A O   1 
ATOM   358  C  CB  . VAL A 1 46  ? -3.836  -7.199  6.847   1.00 27.34 ? 216 VAL A CB  1 
ATOM   359  C  CG1 . VAL A 1 46  ? -3.774  -8.156  5.670   1.00 28.91 ? 216 VAL A CG1 1 
ATOM   360  C  CG2 . VAL A 1 46  ? -4.996  -7.572  7.754   1.00 26.79 ? 216 VAL A CG2 1 
ATOM   361  N  N   . GLY A 1 47  ? -0.831  -5.961  6.441   1.00 23.94 ? 217 GLY A N   1 
ATOM   362  C  CA  . GLY A 1 47  ? 0.360   -5.772  5.607   1.00 23.18 ? 217 GLY A CA  1 
ATOM   363  C  C   . GLY A 1 47  ? 1.647   -6.253  6.258   1.00 22.73 ? 217 GLY A C   1 
ATOM   364  O  O   . GLY A 1 47  ? 2.534   -6.797  5.594   1.00 20.26 ? 217 GLY A O   1 
ATOM   365  N  N   . ASP A 1 48  ? 1.750   -6.050  7.566   1.00 23.62 ? 218 ASP A N   1 
ATOM   366  C  CA  . ASP A 1 48  ? 2.909   -6.497  8.319   1.00 26.27 ? 218 ASP A CA  1 
ATOM   367  C  C   . ASP A 1 48  ? 3.038   -8.020  8.211   1.00 23.53 ? 218 ASP A C   1 
ATOM   368  O  O   . ASP A 1 48  ? 4.125   -8.535  7.979   1.00 23.44 ? 218 ASP A O   1 
ATOM   369  C  CB  . ASP A 1 48  ? 2.815   -6.041  9.780   1.00 30.92 ? 218 ASP A CB  1 
ATOM   370  C  CG  . ASP A 1 48  ? 2.949   -4.512  9.940   1.00 37.31 ? 218 ASP A CG  1 
ATOM   371  O  OD1 . ASP A 1 48  ? 2.643   -3.743  8.988   1.00 36.18 ? 218 ASP A OD1 1 
ATOM   372  O  OD2 . ASP A 1 48  ? 3.347   -4.075  11.044  1.00 38.40 ? 218 ASP A OD2 1 
ATOM   373  N  N   . GLY A 1 49  ? 1.912   -8.718  8.325   1.00 23.80 ? 219 GLY A N   1 
ATOM   374  C  CA  . GLY A 1 49  ? 1.880   -10.174 8.213   1.00 22.52 ? 219 GLY A CA  1 
ATOM   375  C  C   . GLY A 1 49  ? 2.272   -10.678 6.833   1.00 21.04 ? 219 GLY A C   1 
ATOM   376  O  O   . GLY A 1 49  ? 2.961   -11.695 6.716   1.00 21.23 ? 219 GLY A O   1 
ATOM   377  N  N   . VAL A 1 50  ? 1.818   -9.990  5.787   1.00 20.05 ? 220 VAL A N   1 
ATOM   378  C  CA  . VAL A 1 50  ? 2.158   -10.376 4.414   1.00 18.32 ? 220 VAL A CA  1 
ATOM   379  C  C   . VAL A 1 50  ? 3.675   -10.277 4.188   1.00 16.54 ? 220 VAL A C   1 
ATOM   380  O  O   . VAL A 1 50  ? 4.280   -11.178 3.597   1.00 16.02 ? 220 VAL A O   1 
ATOM   381  C  CB  . VAL A 1 50  ? 1.400   -9.525  3.377   1.00 19.50 ? 220 VAL A CB  1 
ATOM   382  C  CG1 . VAL A 1 50  ? 1.907   -9.798  1.967   1.00 20.02 ? 220 VAL A CG1 1 
ATOM   383  C  CG2 . VAL A 1 50  ? -0.104  -9.771  3.494   1.00 20.18 ? 220 VAL A CG2 1 
ATOM   384  N  N   . GLN A 1 51  ? 4.287   -9.192  4.671   1.00 16.15 ? 221 GLN A N   1 
ATOM   385  C  CA  . GLN A 1 51  ? 5.727   -8.985  4.502   1.00 16.13 ? 221 GLN A CA  1 
ATOM   386  C  C   . GLN A 1 51  ? 6.550   -10.098 5.170   1.00 17.52 ? 221 GLN A C   1 
ATOM   387  O  O   . GLN A 1 51  ? 7.603   -10.487 4.665   1.00 18.82 ? 221 GLN A O   1 
ATOM   388  C  CB  . GLN A 1 51  ? 6.145   -7.620  5.064   1.00 17.07 ? 221 GLN A CB  1 
ATOM   389  C  CG  . GLN A 1 51  ? 5.522   -6.432  4.332   1.00 17.14 ? 221 GLN A CG  1 
ATOM   390  C  CD  . GLN A 1 51  ? 6.039   -5.093  4.831   1.00 19.42 ? 221 GLN A CD  1 
ATOM   391  O  OE1 . GLN A 1 51  ? 7.231   -4.834  4.788   1.00 22.41 ? 221 GLN A OE1 1 
ATOM   392  N  NE2 . GLN A 1 51  ? 5.134   -4.238  5.307   1.00 20.75 ? 221 GLN A NE2 1 
ATOM   393  N  N   . ARG A 1 52  ? 6.057   -10.592 6.301   1.00 17.94 ? 222 ARG A N   1 
ATOM   394  C  CA  . ARG A 1 52  ? 6.729   -11.661 7.041   1.00 18.28 ? 222 ARG A CA  1 
ATOM   395  C  C   . ARG A 1 52  ? 6.414   -13.036 6.447   1.00 16.45 ? 222 ARG A C   1 
ATOM   396  O  O   . ARG A 1 52  ? 7.328   -13.851 6.238   1.00 16.79 ? 222 ARG A O   1 
ATOM   397  C  CB  . ARG A 1 52  ? 6.334   -11.615 8.511   1.00 19.50 ? 222 ARG A CB  1 
ATOM   398  C  CG  . ARG A 1 52  ? 6.688   -10.302 9.213   1.00 23.10 ? 222 ARG A CG  1 
ATOM   399  C  CD  . ARG A 1 52  ? 8.087   -10.348 9.792   1.00 30.84 ? 222 ARG A CD  1 
ATOM   400  N  NE  . ARG A 1 52  ? 9.092   -10.417 8.745   1.00 36.00 ? 222 ARG A NE  1 
ATOM   401  C  CZ  . ARG A 1 52  ? 10.319  -10.907 8.894   1.00 38.39 ? 222 ARG A CZ  1 
ATOM   402  N  NH1 . ARG A 1 52  ? 10.724  -11.397 10.064  1.00 38.36 ? 222 ARG A NH1 1 
ATOM   403  N  NH2 . ARG A 1 52  ? 11.140  -10.909 7.854   1.00 36.75 ? 222 ARG A NH2 1 
ATOM   404  N  N   . ASN A 1 53  ? 5.137   -13.289 6.153   1.00 16.41 ? 223 ASN A N   1 
ATOM   405  C  CA  . ASN A 1 53  ? 4.759   -14.570 5.536   1.00 16.19 ? 223 ASN A CA  1 
ATOM   406  C  C   . ASN A 1 53  ? 5.487   -14.842 4.230   1.00 16.43 ? 223 ASN A C   1 
ATOM   407  O  O   . ASN A 1 53  ? 5.715   -16.001 3.879   1.00 17.51 ? 223 ASN A O   1 
ATOM   408  C  CB  . ASN A 1 53  ? 3.251   -14.628 5.278   1.00 16.45 ? 223 ASN A CB  1 
ATOM   409  C  CG  . ASN A 1 53  ? 2.461   -14.924 6.530   1.00 19.45 ? 223 ASN A CG  1 
ATOM   410  O  OD1 . ASN A 1 53  ? 2.999   -15.463 7.499   1.00 19.73 ? 223 ASN A OD1 1 
ATOM   411  N  ND2 . ASN A 1 53  ? 1.169   -14.583 6.517   1.00 22.14 ? 223 ASN A ND2 1 
ATOM   412  N  N   . HIS A 1 54  ? 5.848   -13.768 3.522   1.00 16.63 ? 224 HIS A N   1 
ATOM   413  C  CA  . HIS A 1 54  ? 6.527   -13.873 2.227   1.00 15.84 ? 224 HIS A CA  1 
ATOM   414  C  C   . HIS A 1 54  ? 7.878   -13.236 2.183   1.00 16.05 ? 224 HIS A C   1 
ATOM   415  O  O   . HIS A 1 54  ? 8.327   -12.777 1.127   1.00 15.64 ? 224 HIS A O   1 
ATOM   416  C  CB  . HIS A 1 54  ? 5.611   -13.339 1.129   1.00 15.75 ? 224 HIS A CB  1 
ATOM   417  C  CG  . HIS A 1 54  ? 4.319   -14.093 1.044   1.00 17.91 ? 224 HIS A CG  1 
ATOM   418  N  ND1 . HIS A 1 54  ? 4.256   -15.352 0.565   1.00 17.98 ? 224 HIS A ND1 1 
ATOM   419  C  CD2 . HIS A 1 54  ? 3.034   -13.765 1.468   1.00 19.14 ? 224 HIS A CD2 1 
ATOM   420  C  CE1 . HIS A 1 54  ? 2.988   -15.791 0.647   1.00 19.62 ? 224 HIS A CE1 1 
ATOM   421  N  NE2 . HIS A 1 54  ? 2.242   -14.821 1.197   1.00 19.28 ? 224 HIS A NE2 1 
ATOM   422  N  N   . GLU A 1 55  ? 8.558   -13.276 3.325   1.00 17.14 ? 225 GLU A N   1 
ATOM   423  C  CA  . GLU A 1 55  ? 9.864   -12.652 3.517   1.00 19.71 ? 225 GLU A CA  1 
ATOM   424  C  C   . GLU A 1 55  ? 10.857  -13.003 2.422   1.00 17.98 ? 225 GLU A C   1 
ATOM   425  O  O   . GLU A 1 55  ? 11.446  -12.116 1.826   1.00 17.33 ? 225 GLU A O   1 
ATOM   426  C  CB  . GLU A 1 55  ? 10.427  -13.057 4.884   1.00 22.72 ? 225 GLU A CB  1 
ATOM   427  C  CG  . GLU A 1 55  ? 11.858  -12.621 5.124   1.00 28.88 ? 225 GLU A CG  1 
ATOM   428  C  CD  . GLU A 1 55  ? 12.479  -13.306 6.329   1.00 30.66 ? 225 GLU A CD  1 
ATOM   429  O  OE1 . GLU A 1 55  ? 12.585  -14.556 6.340   1.00 32.25 ? 225 GLU A OE1 1 
ATOM   430  O  OE2 . GLU A 1 55  ? 12.869  -12.580 7.267   1.00 34.25 ? 225 GLU A OE2 1 
ATOM   431  N  N   . THR A 1 56  ? 11.039  -14.293 2.156   1.00 18.77 ? 226 THR A N   1 
ATOM   432  C  CA  . THR A 1 56  ? 12.039  -14.738 1.174   1.00 19.55 ? 226 THR A CA  1 
ATOM   433  C  C   . THR A 1 56  ? 11.726  -14.226 -0.230  1.00 18.18 ? 226 THR A C   1 
ATOM   434  O  O   . THR A 1 56  ? 12.608  -13.732 -0.935  1.00 18.29 ? 226 THR A O   1 
ATOM   435  C  CB  . THR A 1 56  ? 12.162  -16.283 1.179   1.00 22.26 ? 226 THR A CB  1 
ATOM   436  O  OG1 . THR A 1 56  ? 12.410  -16.717 2.520   1.00 25.73 ? 226 THR A OG1 1 
ATOM   437  C  CG2 . THR A 1 56  ? 13.297  -16.754 0.291   1.00 23.45 ? 226 THR A CG2 1 
ATOM   438  N  N   . ALA A 1 57  ? 10.464  -14.337 -0.627  1.00 16.68 ? 227 ALA A N   1 
ATOM   439  C  CA  . ALA A 1 57  ? 10.017  -13.866 -1.947  1.00 15.74 ? 227 ALA A CA  1 
ATOM   440  C  C   . ALA A 1 57  ? 10.123  -12.349 -2.087  1.00 15.05 ? 227 ALA A C   1 
ATOM   441  O  O   . ALA A 1 57  ? 10.520  -11.854 -3.154  1.00 16.53 ? 227 ALA A O   1 
ATOM   442  C  CB  . ALA A 1 57  ? 8.591   -14.323 -2.219  1.00 16.09 ? 227 ALA A CB  1 
ATOM   443  N  N   . PHE A 1 58  ? 9.752   -11.624 -1.029  1.00 14.22 ? 228 PHE A N   1 
ATOM   444  C  CA  . PHE A 1 58  ? 9.887   -10.157 -0.992  1.00 15.24 ? 228 PHE A CA  1 
ATOM   445  C  C   . PHE A 1 58  ? 11.345  -9.725  -1.188  1.00 17.06 ? 228 PHE A C   1 
ATOM   446  O  O   . PHE A 1 58  ? 11.631  -8.872  -2.037  1.00 16.95 ? 228 PHE A O   1 
ATOM   447  C  CB  . PHE A 1 58  ? 9.288   -9.566  0.291   1.00 14.69 ? 228 PHE A CB  1 
ATOM   448  C  CG  . PHE A 1 58  ? 7.807   -9.252  0.191   1.00 14.13 ? 228 PHE A CG  1 
ATOM   449  C  CD1 . PHE A 1 58  ? 6.946   -10.085 -0.520  1.00 13.15 ? 228 PHE A CD1 1 
ATOM   450  C  CD2 . PHE A 1 58  ? 7.283   -8.126  0.819   1.00 13.88 ? 228 PHE A CD2 1 
ATOM   451  C  CE1 . PHE A 1 58  ? 5.586   -9.793  -0.621  1.00 13.76 ? 228 PHE A CE1 1 
ATOM   452  C  CE2 . PHE A 1 58  ? 5.927   -7.821  0.728   1.00 14.46 ? 228 PHE A CE2 1 
ATOM   453  C  CZ  . PHE A 1 58  ? 5.078   -8.658  0.003   1.00 13.61 ? 228 PHE A CZ  1 
ATOM   454  N  N   . GLN A 1 59  ? 12.260  -10.332 -0.431  1.00 18.06 ? 229 GLN A N   1 
ATOM   455  C  CA  . GLN A 1 59  ? 13.690  -10.026 -0.562  1.00 20.59 ? 229 GLN A CA  1 
ATOM   456  C  C   . GLN A 1 59  ? 14.158  -10.341 -1.986  1.00 20.12 ? 229 GLN A C   1 
ATOM   457  O  O   . GLN A 1 59  ? 14.884  -9.553  -2.597  1.00 20.69 ? 229 GLN A O   1 
ATOM   458  C  CB  . GLN A 1 59  ? 14.513  -10.804 0.475   1.00 22.78 ? 229 GLN A CB  1 
ATOM   459  C  CG  . GLN A 1 59  ? 14.330  -10.327 1.911   1.00 28.08 ? 229 GLN A CG  1 
ATOM   460  C  CD  . GLN A 1 59  ? 15.124  -11.152 2.926   1.00 34.23 ? 229 GLN A CD  1 
ATOM   461  O  OE1 . GLN A 1 59  ? 16.144  -11.765 2.594   1.00 38.47 ? 229 GLN A OE1 1 
ATOM   462  N  NE2 . GLN A 1 59  ? 14.673  -11.143 4.176   1.00 33.56 ? 229 GLN A NE2 1 
ATOM   463  N  N   . GLY A 1 60  ? 13.715  -11.484 -2.512  1.00 20.30 ? 230 GLY A N   1 
ATOM   464  C  CA  . GLY A 1 60  ? 14.067  -11.930 -3.863  1.00 22.46 ? 230 GLY A CA  1 
ATOM   465  C  C   . GLY A 1 60  ? 13.606  -11.001 -4.973  1.00 22.70 ? 230 GLY A C   1 
ATOM   466  O  O   . GLY A 1 60  ? 14.358  -10.690 -5.901  1.00 22.52 ? 230 GLY A O   1 
ATOM   467  N  N   . MET A 1 61  ? 12.363  -10.538 -4.868  1.00 21.42 ? 231 MET A N   1 
ATOM   468  C  CA  . MET A 1 61  ? 11.801  -9.621  -5.846  1.00 21.86 ? 231 MET A CA  1 
ATOM   469  C  C   . MET A 1 61  ? 12.523  -8.273  -5.816  1.00 19.86 ? 231 MET A C   1 
ATOM   470  O  O   . MET A 1 61  ? 12.800  -7.705  -6.877  1.00 21.51 ? 231 MET A O   1 
ATOM   471  C  CB  . MET A 1 61  ? 10.287  -9.449  -5.606  1.00 21.79 ? 231 MET A CB  1 
ATOM   472  C  CG  . MET A 1 61  ? 9.565   -8.565  -6.622  1.00 23.45 ? 231 MET A CG  1 
ATOM   473  S  SD  . MET A 1 61  ? 9.710   -9.168  -8.323  1.00 30.84 ? 231 MET A SD  1 
ATOM   474  C  CE  . MET A 1 61  ? 8.514   -10.486 -8.356  1.00 31.02 ? 231 MET A CE  1 
ATOM   475  N  N   . LEU A 1 62  ? 12.824  -7.782  -4.613  1.00 20.36 ? 232 LEU A N   1 
ATOM   476  C  CA  . LEU A 1 62  ? 13.547  -6.525  -4.416  1.00 21.85 ? 232 LEU A CA  1 
ATOM   477  C  C   . LEU A 1 62  ? 14.928  -6.590  -5.072  1.00 23.58 ? 232 LEU A C   1 
ATOM   478  O  O   . LEU A 1 62  ? 15.318  -5.688  -5.818  1.00 26.54 ? 232 LEU A O   1 
ATOM   479  C  CB  . LEU A 1 62  ? 13.676  -6.189  -2.916  1.00 22.39 ? 232 LEU A CB  1 
ATOM   480  C  CG  . LEU A 1 62  ? 14.266  -4.823  -2.529  1.00 23.06 ? 232 LEU A CG  1 
ATOM   481  C  CD1 . LEU A 1 62  ? 13.344  -3.674  -2.940  1.00 23.90 ? 232 LEU A CD1 1 
ATOM   482  C  CD2 . LEU A 1 62  ? 14.585  -4.743  -1.041  1.00 22.47 ? 232 LEU A CD2 1 
ATOM   483  N  N   . ARG A 1 63  ? 15.654  -7.670  -4.801  1.00 23.25 ? 233 ARG A N   1 
ATOM   484  C  CA  . ARG A 1 63  ? 16.962  -7.893  -5.420  1.00 25.64 ? 233 ARG A CA  1 
ATOM   485  C  C   . ARG A 1 63  ? 16.875  -7.919  -6.956  1.00 26.52 ? 233 ARG A C   1 
ATOM   486  O  O   . ARG A 1 63  ? 17.703  -7.313  -7.644  1.00 28.04 ? 233 ARG A O   1 
ATOM   487  C  CB  . ARG A 1 63  ? 17.598  -9.178  -4.877  1.00 27.00 ? 233 ARG A CB  1 
ATOM   488  C  CG  . ARG A 1 63  ? 18.927  -9.510  -5.535  1.00 30.69 ? 233 ARG A CG  1 
ATOM   489  C  CD  . ARG A 1 63  ? 19.639  -10.668 -4.854  1.00 33.78 ? 233 ARG A CD  1 
ATOM   490  N  NE  . ARG A 1 63  ? 20.993  -10.825 -5.393  1.00 35.38 ? 233 ARG A NE  1 
ATOM   491  C  CZ  . ARG A 1 63  ? 21.301  -11.526 -6.481  1.00 38.95 ? 233 ARG A CZ  1 
ATOM   492  N  NH1 . ARG A 1 63  ? 20.357  -12.158 -7.176  1.00 42.15 ? 233 ARG A NH1 1 
ATOM   493  N  NH2 . ARG A 1 63  ? 22.562  -11.600 -6.880  1.00 36.25 ? 233 ARG A NH2 1 
ATOM   494  N  N   . LYS A 1 64  ? 15.858  -8.598  -7.484  1.00 26.64 ? 234 LYS A N   1 
ATOM   495  C  CA  . LYS A 1 64  ? 15.605  -8.656  -8.920  1.00 29.29 ? 234 LYS A CA  1 
ATOM   496  C  C   . LYS A 1 64  ? 15.336  -7.275  -9.534  1.00 30.14 ? 234 LYS A C   1 
ATOM   497  O  O   . LYS A 1 64  ? 15.797  -6.985  -10.639 1.00 30.77 ? 234 LYS A O   1 
ATOM   498  C  CB  . LYS A 1 64  ? 14.443  -9.605  -9.220  1.00 30.75 ? 234 LYS A CB  1 
ATOM   499  C  CG  . LYS A 1 64  ? 14.380  -10.053 -10.669 1.00 35.66 ? 234 LYS A CG  1 
ATOM   500  C  CD  . LYS A 1 64  ? 13.111  -10.834 -10.960 1.00 39.05 ? 234 LYS A CD  1 
ATOM   501  C  CE  . LYS A 1 64  ? 12.914  -10.985 -12.462 1.00 43.04 ? 234 LYS A CE  1 
ATOM   502  N  NZ  . LYS A 1 64  ? 11.720  -11.813 -12.785 1.00 46.88 ? 234 LYS A NZ  1 
ATOM   503  N  N   . LEU A 1 65  ? 14.609  -6.428  -8.808  1.00 29.02 ? 235 LEU A N   1 
ATOM   504  C  CA  . LEU A 1 65  ? 14.267  -5.090  -9.300  1.00 29.71 ? 235 LEU A CA  1 
ATOM   505  C  C   . LEU A 1 65  ? 15.460  -4.117  -9.311  1.00 32.00 ? 235 LEU A C   1 
ATOM   506  O  O   . LEU A 1 65  ? 15.487  -3.178  -10.112 1.00 32.24 ? 235 LEU A O   1 
ATOM   507  C  CB  . LEU A 1 65  ? 13.085  -4.505  -8.517  1.00 27.74 ? 235 LEU A CB  1 
ATOM   508  C  CG  . LEU A 1 65  ? 11.722  -5.198  -8.673  1.00 25.36 ? 235 LEU A CG  1 
ATOM   509  C  CD1 . LEU A 1 65  ? 10.751  -4.697  -7.610  1.00 24.21 ? 235 LEU A CD1 1 
ATOM   510  C  CD2 . LEU A 1 65  ? 11.139  -5.017  -10.073 1.00 27.07 ? 235 LEU A CD2 1 
ATOM   511  N  N   . ASP A 1 66  ? 16.422  -4.338  -8.411  1.00 33.99 ? 236 ASP A N   1 
ATOM   512  C  CA  . ASP A 1 66  ? 17.651  -3.533  -8.329  1.00 38.09 ? 236 ASP A CA  1 
ATOM   513  C  C   . ASP A 1 66  ? 17.350  -2.029  -8.281  1.00 39.38 ? 236 ASP A C   1 
ATOM   514  O  O   . ASP A 1 66  ? 17.672  -1.280  -9.207  1.00 41.92 ? 236 ASP A O   1 
ATOM   515  C  CB  . ASP A 1 66  ? 18.586  -3.871  -9.499  1.00 39.89 ? 236 ASP A CB  1 
ATOM   516  C  CG  . ASP A 1 66  ? 20.023  -3.440  -9.253  1.00 44.00 ? 236 ASP A CG  1 
ATOM   517  O  OD1 . ASP A 1 66  ? 20.312  -2.829  -8.200  1.00 43.59 ? 236 ASP A OD1 1 
ATOM   518  O  OD2 . ASP A 1 66  ? 20.872  -3.725  -10.126 1.00 48.66 ? 236 ASP A OD2 1 
ATOM   519  N  N   . ILE A 1 67  ? 16.724  -1.598  -7.190  1.00 40.21 ? 237 ILE A N   1 
ATOM   520  C  CA  . ILE A 1 67  ? 16.259  -0.222  -7.052  1.00 39.59 ? 237 ILE A CA  1 
ATOM   521  C  C   . ILE A 1 67  ? 17.343  0.634   -6.402  1.00 42.78 ? 237 ILE A C   1 
ATOM   522  O  O   . ILE A 1 67  ? 17.748  0.380   -5.262  1.00 47.21 ? 237 ILE A O   1 
ATOM   523  C  CB  . ILE A 1 67  ? 14.943  -0.154  -6.248  1.00 34.88 ? 237 ILE A CB  1 
ATOM   524  C  CG1 . ILE A 1 67  ? 13.874  -1.030  -6.917  1.00 34.68 ? 237 ILE A CG1 1 
ATOM   525  C  CG2 . ILE A 1 67  ? 14.456  1.285   -6.123  1.00 35.03 ? 237 ILE A CG2 1 
ATOM   526  C  CD1 . ILE A 1 67  ? 12.725  -1.417  -6.008  1.00 33.61 ? 237 ILE A CD1 1 
ATOM   527  N  N   . LYS A 1 68  ? 17.804  1.643   -7.137  1.00 47.83 ? 238 LYS A N   1 
ATOM   528  C  CA  . LYS A 1 68  ? 18.915  2.489   -6.690  1.00 49.06 ? 238 LYS A CA  1 
ATOM   529  C  C   . LYS A 1 68  ? 18.551  3.967   -6.562  1.00 50.04 ? 238 LYS A C   1 
ATOM   530  O  O   . LYS A 1 68  ? 19.043  4.652   -5.663  1.00 52.29 ? 238 LYS A O   1 
ATOM   531  C  CB  . LYS A 1 68  ? 20.118  2.331   -7.627  1.00 49.87 ? 238 LYS A CB  1 
ATOM   532  C  CG  . LYS A 1 68  ? 20.793  0.969   -7.553  1.00 50.42 ? 238 LYS A CG  1 
ATOM   533  C  CD  . LYS A 1 68  ? 21.652  0.693   -8.780  1.00 53.33 ? 238 LYS A CD  1 
ATOM   534  C  CE  . LYS A 1 68  ? 20.803  0.406   -10.012 1.00 54.00 ? 238 LYS A CE  1 
ATOM   535  N  NZ  . LYS A 1 68  ? 21.613  -0.164  -11.124 1.00 57.26 ? 238 LYS A NZ  1 
ATOM   536  N  N   . ASN A 1 69  ? 17.689  4.452   -7.453  1.00 48.90 ? 239 ASN A N   1 
ATOM   537  C  CA  . ASN A 1 69  ? 17.427  5.888   -7.578  1.00 50.91 ? 239 ASN A CA  1 
ATOM   538  C  C   . ASN A 1 69  ? 16.031  6.216   -8.117  1.00 49.56 ? 239 ASN A C   1 
ATOM   539  O  O   . ASN A 1 69  ? 15.188  5.328   -8.257  1.00 45.20 ? 239 ASN A O   1 
ATOM   540  C  CB  . ASN A 1 69  ? 18.492  6.522   -8.480  1.00 52.80 ? 239 ASN A CB  1 
ATOM   541  C  CG  . ASN A 1 69  ? 18.639  5.795   -9.806  1.00 54.18 ? 239 ASN A CG  1 
ATOM   542  O  OD1 . ASN A 1 69  ? 17.667  5.605   -10.539 1.00 56.42 ? 239 ASN A OD1 1 
ATOM   543  N  ND2 . ASN A 1 69  ? 19.860  5.386   -10.121 1.00 54.22 ? 239 ASN A ND2 1 
ATOM   544  N  N   . GLU A 1 70  ? 15.815  7.495   -8.436  1.00 48.44 ? 240 GLU A N   1 
ATOM   545  C  CA  . GLU A 1 70  ? 14.531  8.002   -8.940  1.00 47.05 ? 240 GLU A CA  1 
ATOM   546  C  C   . GLU A 1 70  ? 14.070  7.333   -10.238 1.00 44.32 ? 240 GLU A C   1 
ATOM   547  O  O   . GLU A 1 70  ? 12.888  7.022   -10.386 1.00 40.92 ? 240 GLU A O   1 
ATOM   548  C  CB  . GLU A 1 70  ? 14.592  9.522   -9.131  1.00 50.88 ? 240 GLU A CB  1 
ATOM   549  C  CG  . GLU A 1 70  ? 13.224  10.183  -9.283  1.00 57.56 ? 240 GLU A CG  1 
ATOM   550  C  CD  . GLU A 1 70  ? 13.294  11.637  -9.727  1.00 62.48 ? 240 GLU A CD  1 
ATOM   551  O  OE1 . GLU A 1 70  ? 14.413  12.164  -9.925  1.00 65.08 ? 240 GLU A OE1 1 
ATOM   552  O  OE2 . GLU A 1 70  ? 12.218  12.259  -9.882  1.00 61.40 ? 240 GLU A OE2 1 
ATOM   553  N  N   . ASP A 1 71  ? 15.003  7.122   -11.167 1.00 45.64 ? 241 ASP A N   1 
ATOM   554  C  CA  . ASP A 1 71  ? 14.697  6.513   -12.464 1.00 44.88 ? 241 ASP A CA  1 
ATOM   555  C  C   . ASP A 1 71  ? 14.187  5.075   -12.342 1.00 42.75 ? 241 ASP A C   1 
ATOM   556  O  O   . ASP A 1 71  ? 13.267  4.684   -13.060 1.00 40.54 ? 241 ASP A O   1 
ATOM   557  C  CB  . ASP A 1 71  ? 15.919  6.563   -13.390 1.00 48.85 ? 241 ASP A CB  1 
ATOM   558  C  CG  . ASP A 1 71  ? 16.236  7.974   -13.878 1.00 53.21 ? 241 ASP A CG  1 
ATOM   559  O  OD1 . ASP A 1 71  ? 15.307  8.810   -13.983 1.00 51.27 ? 241 ASP A OD1 1 
ATOM   560  O  OD2 . ASP A 1 71  ? 17.422  8.245   -14.167 1.00 54.73 ? 241 ASP A OD2 1 
ATOM   561  N  N   . ASP A 1 72  ? 14.796  4.299   -11.443 1.00 40.74 ? 242 ASP A N   1 
ATOM   562  C  CA  . ASP A 1 72  ? 14.363  2.927   -11.166 1.00 38.08 ? 242 ASP A CA  1 
ATOM   563  C  C   . ASP A 1 72  ? 12.983  2.910   -10.505 1.00 33.69 ? 242 ASP A C   1 
ATOM   564  O  O   . ASP A 1 72  ? 12.152  2.054   -10.820 1.00 34.07 ? 242 ASP A O   1 
ATOM   565  C  CB  . ASP A 1 72  ? 15.373  2.199   -10.265 1.00 38.10 ? 242 ASP A CB  1 
ATOM   566  C  CG  . ASP A 1 72  ? 16.719  1.957   -10.945 1.00 41.58 ? 242 ASP A CG  1 
ATOM   567  O  OD1 . ASP A 1 72  ? 16.748  1.532   -12.122 1.00 40.08 ? 242 ASP A OD1 1 
ATOM   568  O  OD2 . ASP A 1 72  ? 17.757  2.166   -10.281 1.00 41.72 ? 242 ASP A OD2 1 
ATOM   569  N  N   . VAL A 1 73  ? 12.752  3.847   -9.588  1.00 31.46 ? 243 VAL A N   1 
ATOM   570  C  CA  . VAL A 1 73  ? 11.468  3.956   -8.886  1.00 31.35 ? 243 VAL A CA  1 
ATOM   571  C  C   . VAL A 1 73  ? 10.347  4.266   -9.884  1.00 31.01 ? 243 VAL A C   1 
ATOM   572  O  O   . VAL A 1 73  ? 9.254   3.705   -9.790  1.00 29.16 ? 243 VAL A O   1 
ATOM   573  C  CB  . VAL A 1 73  ? 11.520  4.990   -7.738  1.00 31.35 ? 243 VAL A CB  1 
ATOM   574  C  CG1 . VAL A 1 73  ? 10.149  5.196   -7.108  1.00 31.30 ? 243 VAL A CG1 1 
ATOM   575  C  CG2 . VAL A 1 73  ? 12.523  4.546   -6.677  1.00 33.05 ? 243 VAL A CG2 1 
ATOM   576  N  N   . LYS A 1 74  ? 10.643  5.129   -10.858 1.00 32.43 ? 244 LYS A N   1 
ATOM   577  C  CA  . LYS A 1 74  ? 9.713   5.441   -11.945 1.00 33.33 ? 244 LYS A CA  1 
ATOM   578  C  C   . LYS A 1 74  ? 9.340   4.225   -12.801 1.00 30.76 ? 244 LYS A C   1 
ATOM   579  O  O   . LYS A 1 74  ? 8.195   4.091   -13.232 1.00 31.64 ? 244 LYS A O   1 
ATOM   580  C  CB  . LYS A 1 74  ? 10.294  6.544   -12.834 1.00 34.92 ? 244 LYS A CB  1 
ATOM   581  C  CG  . LYS A 1 74  ? 10.167  7.932   -12.240 1.00 39.18 ? 244 LYS A CG  1 
ATOM   582  C  CD  . LYS A 1 74  ? 10.938  8.950   -13.065 1.00 42.44 ? 244 LYS A CD  1 
ATOM   583  C  CE  . LYS A 1 74  ? 10.974  10.297  -12.359 1.00 45.82 ? 244 LYS A CE  1 
ATOM   584  N  NZ  . LYS A 1 74  ? 11.953  11.223  -12.993 1.00 49.76 ? 244 LYS A NZ  1 
ATOM   585  N  N   . SER A 1 75  ? 10.308  3.343   -13.033 1.00 30.90 ? 245 SER A N   1 
ATOM   586  C  CA  . SER A 1 75  ? 10.101  2.145   -13.847 1.00 31.05 ? 245 SER A CA  1 
ATOM   587  C  C   . SER A 1 75  ? 9.156   1.119   -13.201 1.00 27.12 ? 245 SER A C   1 
ATOM   588  O  O   . SER A 1 75  ? 8.706   0.194   -13.873 1.00 28.13 ? 245 SER A O   1 
ATOM   589  C  CB  . SER A 1 75  ? 11.436  1.472   -14.160 1.00 33.77 ? 245 SER A CB  1 
ATOM   590  O  OG  . SER A 1 75  ? 11.972  0.860   -12.998 1.00 37.18 ? 245 SER A OG  1 
ATOM   591  N  N   . LEU A 1 76  ? 8.859   1.286   -11.914 1.00 23.89 ? 246 LEU A N   1 
ATOM   592  C  CA  . LEU A 1 76  ? 8.043   0.293   -11.180 1.00 22.28 ? 246 LEU A CA  1 
ATOM   593  C  C   . LEU A 1 76  ? 6.570   0.265   -11.592 1.00 21.45 ? 246 LEU A C   1 
ATOM   594  O  O   . LEU A 1 76  ? 5.914   -0.766  -11.456 1.00 19.91 ? 246 LEU A O   1 
ATOM   595  C  CB  . LEU A 1 76  ? 8.154   0.495   -9.664  1.00 21.72 ? 246 LEU A CB  1 
ATOM   596  C  CG  . LEU A 1 76  ? 9.523   0.221   -9.030  1.00 22.04 ? 246 LEU A CG  1 
ATOM   597  C  CD1 . LEU A 1 76  ? 9.491   0.561   -7.546  1.00 22.18 ? 246 LEU A CD1 1 
ATOM   598  C  CD2 . LEU A 1 76  ? 9.941   -1.221  -9.262  1.00 23.25 ? 246 LEU A CD2 1 
ATOM   599  N  N   . SER A 1 77  ? 6.039   1.384   -12.080 1.00 21.96 ? 247 SER A N   1 
ATOM   600  C  CA  . SER A 1 77  ? 4.645   1.384   -12.539 1.00 21.84 ? 247 SER A CA  1 
ATOM   601  C  C   . SER A 1 77  ? 4.396   0.332   -13.617 1.00 19.58 ? 247 SER A C   1 
ATOM   602  O  O   . SER A 1 77  ? 3.415   -0.417  -13.551 1.00 18.49 ? 247 SER A O   1 
ATOM   603  C  CB  . SER A 1 77  ? 4.208   2.773   -13.005 1.00 25.59 ? 247 SER A CB  1 
ATOM   604  O  OG  . SER A 1 77  ? 4.043   3.616   -11.876 1.00 32.90 ? 247 SER A OG  1 
ATOM   605  N  N   . ARG A 1 78  ? 5.285   0.254   -14.599 1.00 19.70 ? 248 ARG A N   1 
ATOM   606  C  CA  . ARG A 1 78  ? 5.164   -0.769  -15.630 1.00 20.73 ? 248 ARG A CA  1 
ATOM   607  C  C   . ARG A 1 78  ? 5.114   -2.174  -15.016 1.00 18.90 ? 248 ARG A C   1 
ATOM   608  O  O   . ARG A 1 78  ? 4.325   -3.010  -15.454 1.00 18.08 ? 248 ARG A O   1 
ATOM   609  C  CB  . ARG A 1 78  ? 6.302   -0.671  -16.658 1.00 24.94 ? 248 ARG A CB  1 
ATOM   610  C  CG  . ARG A 1 78  ? 6.178   -1.698  -17.768 1.00 32.38 ? 248 ARG A CG  1 
ATOM   611  C  CD  . ARG A 1 78  ? 7.296   -1.631  -18.800 1.00 39.92 ? 248 ARG A CD  1 
ATOM   612  N  NE  . ARG A 1 78  ? 7.043   -2.593  -19.872 1.00 48.01 ? 248 ARG A NE  1 
ATOM   613  C  CZ  . ARG A 1 78  ? 7.909   -2.920  -20.827 1.00 54.01 ? 248 ARG A CZ  1 
ATOM   614  N  NH1 . ARG A 1 78  ? 9.116   -2.364  -20.873 1.00 55.37 ? 248 ARG A NH1 1 
ATOM   615  N  NH2 . ARG A 1 78  ? 7.558   -3.810  -21.746 1.00 56.64 ? 248 ARG A NH2 1 
ATOM   616  N  N   . VAL A 1 79  ? 5.947   -2.422  -14.005 1.00 18.27 ? 249 VAL A N   1 
ATOM   617  C  CA  . VAL A 1 79  ? 5.998   -3.747  -13.375 1.00 17.09 ? 249 VAL A CA  1 
ATOM   618  C  C   . VAL A 1 79  ? 4.730   -4.028  -12.566 1.00 16.09 ? 249 VAL A C   1 
ATOM   619  O  O   . VAL A 1 79  ? 4.218   -5.151  -12.580 1.00 15.26 ? 249 VAL A O   1 
ATOM   620  C  CB  . VAL A 1 79  ? 7.247   -3.910  -12.475 1.00 19.47 ? 249 VAL A CB  1 
ATOM   621  C  CG1 . VAL A 1 79  ? 7.378   -5.358  -12.012 1.00 19.35 ? 249 VAL A CG1 1 
ATOM   622  C  CG2 . VAL A 1 79  ? 8.501   -3.497  -13.229 1.00 20.68 ? 249 VAL A CG2 1 
ATOM   623  N  N   . MET A 1 80  ? 4.230   -3.008  -11.868 1.00 14.86 ? 250 MET A N   1 
ATOM   624  C  CA  . MET A 1 80  ? 2.972   -3.145  -11.112 1.00 15.27 ? 250 MET A CA  1 
ATOM   625  C  C   . MET A 1 80  ? 1.795   -3.451  -12.027 1.00 14.83 ? 250 MET A C   1 
ATOM   626  O  O   . MET A 1 80  ? 0.953   -4.283  -11.720 1.00 14.62 ? 250 MET A O   1 
ATOM   627  C  CB  . MET A 1 80  ? 2.686   -1.882  -10.302 1.00 16.16 ? 250 MET A CB  1 
ATOM   628  C  CG  . MET A 1 80  ? 3.649   -1.659  -9.149  1.00 18.28 ? 250 MET A CG  1 
ATOM   629  S  SD  . MET A 1 80  ? 3.101   -0.247  -8.165  1.00 24.63 ? 250 MET A SD  1 
ATOM   630  C  CE  . MET A 1 80  ? 3.916   1.095   -8.998  1.00 22.58 ? 250 MET A CE  1 
ATOM   631  N  N   . ILE A 1 81  ? 1.723   -2.758  -13.155 1.00 14.50 ? 251 ILE A N   1 
ATOM   632  C  CA  . ILE A 1 81  ? 0.681   -3.071  -14.143 1.00 14.94 ? 251 ILE A CA  1 
ATOM   633  C  C   . ILE A 1 81  ? 0.764   -4.522  -14.644 1.00 14.91 ? 251 ILE A C   1 
ATOM   634  O  O   . ILE A 1 81  ? -0.245  -5.226  -14.697 1.00 15.00 ? 251 ILE A O   1 
ATOM   635  C  CB  . ILE A 1 81  ? 0.714   -2.060  -15.316 1.00 16.58 ? 251 ILE A CB  1 
ATOM   636  C  CG1 . ILE A 1 81  ? 0.392   -0.648  -14.791 1.00 16.80 ? 251 ILE A CG1 1 
ATOM   637  C  CG2 . ILE A 1 81  ? -0.232  -2.500  -16.425 1.00 16.79 ? 251 ILE A CG2 1 
ATOM   638  C  CD1 . ILE A 1 81  ? -1.044  -0.452  -14.349 1.00 20.06 ? 251 ILE A CD1 1 
ATOM   639  N  N   . HIS A 1 82  ? 1.978   -4.962  -14.971 1.00 14.90 ? 252 HIS A N   1 
ATOM   640  C  CA  . HIS A 1 82  ? 2.245   -6.316  -15.443 1.00 15.56 ? 252 HIS A CA  1 
ATOM   641  C  C   . HIS A 1 82  ? 1.791   -7.359  -14.445 1.00 14.39 ? 252 HIS A C   1 
ATOM   642  O  O   . HIS A 1 82  ? 1.078   -8.298  -14.801 1.00 17.43 ? 252 HIS A O   1 
ATOM   643  C  CB  . HIS A 1 82  ? 3.748   -6.445  -15.716 1.00 19.27 ? 252 HIS A CB  1 
ATOM   644  C  CG  . HIS A 1 82  ? 4.136   -7.702  -16.442 1.00 24.27 ? 252 HIS A CG  1 
ATOM   645  N  ND1 . HIS A 1 82  ? 4.487   -7.706  -17.739 1.00 29.42 ? 252 HIS A ND1 1 
ATOM   646  C  CD2 . HIS A 1 82  ? 4.231   -9.019  -16.004 1.00 27.42 ? 252 HIS A CD2 1 
ATOM   647  C  CE1 . HIS A 1 82  ? 4.782   -8.969  -18.115 1.00 29.14 ? 252 HIS A CE1 1 
ATOM   648  N  NE2 . HIS A 1 82  ? 4.615   -9.768  -17.053 1.00 28.86 ? 252 HIS A NE2 1 
ATOM   649  N  N   . VAL A 1 83  ? 2.203   -7.203  -13.190 1.00 13.21 ? 253 VAL A N   1 
ATOM   650  C  CA  . VAL A 1 83  ? 1.975   -8.234  -12.175 1.00 13.40 ? 253 VAL A CA  1 
ATOM   651  C  C   . VAL A 1 83  ? 0.629   -8.116  -11.462 1.00 13.19 ? 253 VAL A C   1 
ATOM   652  O  O   . VAL A 1 83  ? -0.115  -9.104  -11.360 1.00 13.57 ? 253 VAL A O   1 
ATOM   653  C  CB  . VAL A 1 83  ? 3.115   -8.238  -11.147 1.00 13.46 ? 253 VAL A CB  1 
ATOM   654  C  CG1 . VAL A 1 83  ? 2.849   -9.230  -10.015 1.00 13.17 ? 253 VAL A CG1 1 
ATOM   655  C  CG2 . VAL A 1 83  ? 4.432   -8.560  -11.841 1.00 14.12 ? 253 VAL A CG2 1 
ATOM   656  N  N   . PHE A 1 84  ? 0.339   -6.931  -10.935 1.00 12.86 ? 254 PHE A N   1 
ATOM   657  C  CA  . PHE A 1 84  ? -0.908  -6.720  -10.198 1.00 12.71 ? 254 PHE A CA  1 
ATOM   658  C  C   . PHE A 1 84  ? -2.139  -6.558  -11.107 1.00 13.43 ? 254 PHE A C   1 
ATOM   659  O  O   . PHE A 1 84  ? -3.100  -7.302  -10.966 1.00 14.16 ? 254 PHE A O   1 
ATOM   660  C  CB  . PHE A 1 84  ? -0.810  -5.523  -9.234  1.00 13.06 ? 254 PHE A CB  1 
ATOM   661  C  CG  . PHE A 1 84  ? -2.137  -5.127  -8.637  1.00 13.20 ? 254 PHE A CG  1 
ATOM   662  C  CD1 . PHE A 1 84  ? -2.695  -5.864  -7.592  1.00 12.59 ? 254 PHE A CD1 1 
ATOM   663  C  CD2 . PHE A 1 84  ? -2.850  -4.051  -9.158  1.00 13.24 ? 254 PHE A CD2 1 
ATOM   664  C  CE1 . PHE A 1 84  ? -3.925  -5.501  -7.055  1.00 13.40 ? 254 PHE A CE1 1 
ATOM   665  C  CE2 . PHE A 1 84  ? -4.085  -3.697  -8.644  1.00 13.58 ? 254 PHE A CE2 1 
ATOM   666  C  CZ  . PHE A 1 84  ? -4.613  -4.405  -7.575  1.00 13.88 ? 254 PHE A CZ  1 
ATOM   667  N  N   . SER A 1 85  ? -2.133  -5.581  -12.017 1.00 13.33 ? 255 SER A N   1 
ATOM   668  C  CA  . SER A 1 85  ? -3.353  -5.271  -12.794 1.00 13.75 ? 255 SER A CA  1 
ATOM   669  C  C   . SER A 1 85  ? -3.803  -6.424  -13.682 1.00 14.56 ? 255 SER A C   1 
ATOM   670  O  O   . SER A 1 85  ? -5.005  -6.678  -13.830 1.00 14.52 ? 255 SER A O   1 
ATOM   671  C  CB  . SER A 1 85  ? -3.162  -4.021  -13.667 1.00 14.45 ? 255 SER A CB  1 
ATOM   672  O  OG  . SER A 1 85  ? -2.826  -2.905  -12.872 1.00 13.94 ? 255 SER A OG  1 
ATOM   673  N  N   . ASP A 1 86  ? -2.835  -7.113  -14.275 1.00 15.06 ? 256 ASP A N   1 
ATOM   674  C  CA  . ASP A 1 86  ? -3.134  -8.197  -15.189 1.00 16.55 ? 256 ASP A CA  1 
ATOM   675  C  C   . ASP A 1 86  ? -3.312  -9.483  -14.391 1.00 18.19 ? 256 ASP A C   1 
ATOM   676  O  O   . ASP A 1 86  ? -2.510  -10.405 -14.489 1.00 19.79 ? 256 ASP A O   1 
ATOM   677  C  CB  . ASP A 1 86  ? -1.999  -8.349  -16.201 1.00 17.11 ? 256 ASP A CB  1 
ATOM   678  C  CG  . ASP A 1 86  ? -2.368  -9.231  -17.379 1.00 18.92 ? 256 ASP A CG  1 
ATOM   679  O  OD1 . ASP A 1 86  ? -3.568  -9.498  -17.602 1.00 21.04 ? 256 ASP A OD1 1 
ATOM   680  O  OD2 . ASP A 1 86  ? -1.428  -9.653  -18.093 1.00 19.85 ? 256 ASP A OD2 1 
ATOM   681  N  N   . GLY A 1 87  ? -4.365  -9.527  -13.592 1.00 19.20 ? 257 GLY A N   1 
ATOM   682  C  CA  . GLY A 1 87  ? -4.727  -10.731 -12.836 1.00 19.31 ? 257 GLY A CA  1 
ATOM   683  C  C   . GLY A 1 87  ? -6.066  -10.518 -12.172 1.00 19.37 ? 257 GLY A C   1 
ATOM   684  O  O   . GLY A 1 87  ? -6.689  -9.467  -12.337 1.00 19.81 ? 257 GLY A O   1 
ATOM   685  N  N   . VAL A 1 88  ? -6.516  -11.514 -11.416 1.00 19.29 ? 258 VAL A N   1 
ATOM   686  C  CA  . VAL A 1 88  ? -7.763  -11.405 -10.678 1.00 19.38 ? 258 VAL A CA  1 
ATOM   687  C  C   . VAL A 1 88  ? -7.627  -10.303 -9.627  1.00 17.79 ? 258 VAL A C   1 
ATOM   688  O  O   . VAL A 1 88  ? -6.527  -9.996  -9.174  1.00 19.90 ? 258 VAL A O   1 
ATOM   689  C  CB  . VAL A 1 88  ? -8.132  -12.753 -10.001 1.00 19.91 ? 258 VAL A CB  1 
ATOM   690  C  CG1 . VAL A 1 88  ? -7.096  -13.165 -8.962  1.00 21.25 ? 258 VAL A CG1 1 
ATOM   691  C  CG2 . VAL A 1 88  ? -9.524  -12.705 -9.383  1.00 24.19 ? 258 VAL A CG2 1 
ATOM   692  N  N   . THR A 1 89  ? -8.743  -9.697  -9.260  1.00 16.26 ? 259 THR A N   1 
ATOM   693  C  CA  . THR A 1 89  ? -8.737  -8.702  -8.208  1.00 15.99 ? 259 THR A CA  1 
ATOM   694  C  C   . THR A 1 89  ? -9.409  -9.268  -6.955  1.00 15.35 ? 259 THR A C   1 
ATOM   695  O  O   . THR A 1 89  ? -10.543 -9.737  -7.011  1.00 14.89 ? 259 THR A O   1 
ATOM   696  C  CB  . THR A 1 89  ? -9.462  -7.417  -8.656  1.00 17.34 ? 259 THR A CB  1 
ATOM   697  O  OG1 . THR A 1 89  ? -8.945  -7.025  -9.932  1.00 19.26 ? 259 THR A OG1 1 
ATOM   698  C  CG2 . THR A 1 89  ? -9.225  -6.294  -7.668  1.00 16.31 ? 259 THR A CG2 1 
ATOM   699  N  N   . ASN A 1 90  ? -8.690  -9.214  -5.836  1.00 14.01 ? 260 ASN A N   1 
ATOM   700  C  CA  . ASN A 1 90  ? -9.285  -9.471  -4.531  1.00 13.59 ? 260 ASN A CA  1 
ATOM   701  C  C   . ASN A 1 90  ? -8.513  -8.666  -3.507  1.00 13.70 ? 260 ASN A C   1 
ATOM   702  O  O   . ASN A 1 90  ? -7.435  -8.140  -3.826  1.00 12.68 ? 260 ASN A O   1 
ATOM   703  C  CB  . ASN A 1 90  ? -9.337  -10.971 -4.194  1.00 14.37 ? 260 ASN A CB  1 
ATOM   704  C  CG  . ASN A 1 90  ? -7.971  -11.645 -4.261  1.00 15.08 ? 260 ASN A CG  1 
ATOM   705  O  OD1 . ASN A 1 90  ? -7.036  -11.238 -3.579  1.00 14.68 ? 260 ASN A OD1 1 
ATOM   706  N  ND2 . ASN A 1 90  ? -7.861  -12.688 -5.077  1.00 13.84 ? 260 ASN A ND2 1 
ATOM   707  N  N   . TRP A 1 91  ? -9.055  -8.540  -2.296  1.00 13.24 ? 261 TRP A N   1 
ATOM   708  C  CA  . TRP A 1 91  ? -8.378  -7.738  -1.269  1.00 13.82 ? 261 TRP A CA  1 
ATOM   709  C  C   . TRP A 1 91  ? -6.985  -8.232  -0.947  1.00 13.41 ? 261 TRP A C   1 
ATOM   710  O  O   . TRP A 1 91  ? -6.098  -7.420  -0.672  1.00 13.95 ? 261 TRP A O   1 
ATOM   711  C  CB  . TRP A 1 91  ? -9.228  -7.585  -0.004  1.00 14.53 ? 261 TRP A CB  1 
ATOM   712  C  CG  . TRP A 1 91  ? -10.414 -6.633  -0.167  1.00 15.24 ? 261 TRP A CG  1 
ATOM   713  C  CD1 . TRP A 1 91  ? -11.762 -6.929  -0.012  1.00 16.71 ? 261 TRP A CD1 1 
ATOM   714  C  CD2 . TRP A 1 91  ? -10.375 -5.189  -0.503  1.00 16.09 ? 261 TRP A CD2 1 
ATOM   715  N  NE1 . TRP A 1 91  ? -12.541 -5.818  -0.233  1.00 16.65 ? 261 TRP A NE1 1 
ATOM   716  C  CE2 . TRP A 1 91  ? -11.771 -4.741  -0.537  1.00 15.89 ? 261 TRP A CE2 1 
ATOM   717  C  CE3 . TRP A 1 91  ? -9.365  -4.276  -0.798  1.00 16.12 ? 261 TRP A CE3 1 
ATOM   718  C  CZ2 . TRP A 1 91  ? -12.114 -3.422  -0.829  1.00 15.59 ? 261 TRP A CZ2 1 
ATOM   719  C  CZ3 . TRP A 1 91  ? -9.722  -2.941  -1.099  1.00 15.68 ? 261 TRP A CZ3 1 
ATOM   720  C  CH2 . TRP A 1 91  ? -11.063 -2.529  -1.118  1.00 15.17 ? 261 TRP A CH2 1 
ATOM   721  N  N   . GLY A 1 92  ? -6.768  -9.549  -1.005  1.00 12.64 ? 262 GLY A N   1 
ATOM   722  C  CA  . GLY A 1 92  ? -5.447  -10.121 -0.698  1.00 12.12 ? 262 GLY A CA  1 
ATOM   723  C  C   . GLY A 1 92  ? -4.370  -9.586  -1.642  1.00 12.43 ? 262 GLY A C   1 
ATOM   724  O  O   . GLY A 1 92  ? -3.258  -9.272  -1.211  1.00 12.01 ? 262 GLY A O   1 
ATOM   725  N  N   . ARG A 1 93  ? -4.704  -9.490  -2.924  1.00 11.51 ? 263 ARG A N   1 
ATOM   726  C  CA  . ARG A 1 93  ? -3.731  -9.028  -3.936  1.00 12.26 ? 263 ARG A CA  1 
ATOM   727  C  C   . ARG A 1 93  ? -3.472  -7.531  -3.772  1.00 11.96 ? 263 ARG A C   1 
ATOM   728  O  O   . ARG A 1 93  ? -2.350  -7.056  -4.027  1.00 13.38 ? 263 ARG A O   1 
ATOM   729  C  CB  . ARG A 1 93  ? -4.178  -9.379  -5.368  1.00 13.07 ? 263 ARG A CB  1 
ATOM   730  C  CG  . ARG A 1 93  ? -4.287  -10.881 -5.609  1.00 13.47 ? 263 ARG A CG  1 
ATOM   731  C  CD  . ARG A 1 93  ? -4.303  -11.274 -7.083  1.00 13.88 ? 263 ARG A CD  1 
ATOM   732  N  NE  . ARG A 1 93  ? -2.978  -11.116 -7.670  1.00 14.24 ? 263 ARG A NE  1 
ATOM   733  C  CZ  . ARG A 1 93  ? -2.698  -10.309 -8.684  1.00 15.27 ? 263 ARG A CZ  1 
ATOM   734  N  NH1 . ARG A 1 93  ? -1.449  -10.227 -9.117  1.00 15.35 ? 263 ARG A NH1 1 
ATOM   735  N  NH2 . ARG A 1 93  ? -3.671  -9.610  -9.281  1.00 16.24 ? 263 ARG A NH2 1 
ATOM   736  N  N   . ILE A 1 94  ? -4.504  -6.791  -3.361  1.00 11.39 ? 264 ILE A N   1 
ATOM   737  C  CA  . ILE A 1 94  ? -4.362  -5.352  -3.116  1.00 11.70 ? 264 ILE A CA  1 
ATOM   738  C  C   . ILE A 1 94  ? -3.459  -5.105  -1.895  1.00 11.62 ? 264 ILE A C   1 
ATOM   739  O  O   . ILE A 1 94  ? -2.606  -4.210  -1.899  1.00 12.84 ? 264 ILE A O   1 
ATOM   740  C  CB  . ILE A 1 94  ? -5.743  -4.689  -2.956  1.00 11.44 ? 264 ILE A CB  1 
ATOM   741  C  CG1 . ILE A 1 94  ? -6.446  -4.683  -4.323  1.00 12.07 ? 264 ILE A CG1 1 
ATOM   742  C  CG2 . ILE A 1 94  ? -5.594  -3.281  -2.368  1.00 12.47 ? 264 ILE A CG2 1 
ATOM   743  C  CD1 . ILE A 1 94  ? -7.933  -4.363  -4.275  1.00 12.26 ? 264 ILE A CD1 1 
ATOM   744  N  N   . VAL A 1 95  ? -3.663  -5.884  -0.842  1.00 12.40 ? 265 VAL A N   1 
ATOM   745  C  CA  . VAL A 1 95  ? -2.778  -5.817  0.324   1.00 12.63 ? 265 VAL A CA  1 
ATOM   746  C  C   . VAL A 1 95  ? -1.330  -6.152  -0.066  1.00 13.17 ? 265 VAL A C   1 
ATOM   747  O  O   . VAL A 1 95  ? -0.392  -5.502  0.406   1.00 13.02 ? 265 VAL A O   1 
ATOM   748  C  CB  . VAL A 1 95  ? -3.269  -6.709  1.495   1.00 13.65 ? 265 VAL A CB  1 
ATOM   749  C  CG1 . VAL A 1 95  ? -2.256  -6.699  2.635   1.00 14.22 ? 265 VAL A CG1 1 
ATOM   750  C  CG2 . VAL A 1 95  ? -4.614  -6.217  2.017   1.00 15.06 ? 265 VAL A CG2 1 
ATOM   751  N  N   . THR A 1 96  ? -1.138  -7.132  -0.943  1.00 12.84 ? 266 THR A N   1 
ATOM   752  C  CA  . THR A 1 96  ? 0.222   -7.492  -1.355  1.00 12.83 ? 266 THR A CA  1 
ATOM   753  C  C   . THR A 1 96  ? 0.864   -6.354  -2.164  1.00 12.29 ? 266 THR A C   1 
ATOM   754  O  O   . THR A 1 96  ? 2.035   -6.034  -1.978  1.00 12.56 ? 266 THR A O   1 
ATOM   755  C  CB  . THR A 1 96  ? 0.240   -8.814  -2.133  1.00 13.81 ? 266 THR A CB  1 
ATOM   756  O  OG1 . THR A 1 96  ? -0.292  -9.860  -1.291  1.00 16.75 ? 266 THR A OG1 1 
ATOM   757  C  CG2 . THR A 1 96  ? 1.682   -9.165  -2.559  1.00 13.38 ? 266 THR A CG2 1 
ATOM   758  N  N   . LEU A 1 97  ? 0.083   -5.732  -3.044  1.00 12.19 ? 267 LEU A N   1 
ATOM   759  C  CA  . LEU A 1 97  ? 0.554   -4.573  -3.809  1.00 12.01 ? 267 LEU A CA  1 
ATOM   760  C  C   . LEU A 1 97  ? 1.070   -3.495  -2.855  1.00 12.77 ? 267 LEU A C   1 
ATOM   761  O  O   . LEU A 1 97  ? 2.188   -2.981  -3.011  1.00 12.89 ? 267 LEU A O   1 
ATOM   762  C  CB  . LEU A 1 97  ? -0.598  -4.001  -4.662  1.00 11.42 ? 267 LEU A CB  1 
ATOM   763  C  CG  . LEU A 1 97  ? -0.421  -2.645  -5.362  1.00 11.51 ? 267 LEU A CG  1 
ATOM   764  C  CD1 . LEU A 1 97  ? 0.529   -2.792  -6.544  1.00 12.09 ? 267 LEU A CD1 1 
ATOM   765  C  CD2 . LEU A 1 97  ? -1.753  -2.063  -5.849  1.00 11.24 ? 267 LEU A CD2 1 
ATOM   766  N  N   . ILE A 1 98  ? 0.249   -3.151  -1.865  1.00 12.00 ? 268 ILE A N   1 
ATOM   767  C  CA  . ILE A 1 98  ? 0.603   -2.091  -0.916  1.00 13.07 ? 268 ILE A CA  1 
ATOM   768  C  C   . ILE A 1 98  ? 1.731   -2.535  0.024   1.00 13.57 ? 268 ILE A C   1 
ATOM   769  O  O   . ILE A 1 98  ? 2.648   -1.752  0.290   1.00 14.46 ? 268 ILE A O   1 
ATOM   770  C  CB  . ILE A 1 98  ? -0.638  -1.586  -0.149  1.00 13.17 ? 268 ILE A CB  1 
ATOM   771  C  CG1 . ILE A 1 98  ? -1.624  -0.944  -1.138  1.00 12.86 ? 268 ILE A CG1 1 
ATOM   772  C  CG2 . ILE A 1 98  ? -0.245  -0.601  0.960   1.00 14.08 ? 268 ILE A CG2 1 
ATOM   773  C  CD1 . ILE A 1 98  ? -3.059  -0.848  -0.647  1.00 13.27 ? 268 ILE A CD1 1 
ATOM   774  N  N   . SER A 1 99  ? 1.691   -3.788  0.479   1.00 13.47 ? 269 SER A N   1 
ATOM   775  C  CA  . SER A 1 99  ? 2.722   -4.326  1.399   1.00 14.31 ? 269 SER A CA  1 
ATOM   776  C  C   . SER A 1 99  ? 4.106   -4.400  0.787   1.00 14.66 ? 269 SER A C   1 
ATOM   777  O  O   . SER A 1 99  ? 5.089   -4.106  1.461   1.00 13.20 ? 269 SER A O   1 
ATOM   778  C  CB  . SER A 1 99  ? 2.329   -5.722  1.899   1.00 16.50 ? 269 SER A CB  1 
ATOM   779  O  OG  . SER A 1 99  ? 1.109   -5.653  2.603   1.00 22.47 ? 269 SER A OG  1 
ATOM   780  N  N   . PHE A 1 100 ? 4.189   -4.821  -0.477  1.00 14.16 ? 270 PHE A N   1 
ATOM   781  C  CA  . PHE A 1 100 ? 5.457   -4.786  -1.184  1.00 14.52 ? 270 PHE A CA  1 
ATOM   782  C  C   . PHE A 1 100 ? 5.909   -3.345  -1.427  1.00 15.16 ? 270 PHE A C   1 
ATOM   783  O  O   . PHE A 1 100 ? 7.096   -3.055  -1.366  1.00 16.25 ? 270 PHE A O   1 
ATOM   784  C  CB  . PHE A 1 100 ? 5.461   -5.598  -2.482  1.00 14.30 ? 270 PHE A CB  1 
ATOM   785  C  CG  . PHE A 1 100 ? 6.830   -5.740  -3.064  1.00 14.13 ? 270 PHE A CG  1 
ATOM   786  C  CD1 . PHE A 1 100 ? 7.781   -6.548  -2.443  1.00 14.49 ? 270 PHE A CD1 1 
ATOM   787  C  CD2 . PHE A 1 100 ? 7.204   -5.000  -4.179  1.00 14.22 ? 270 PHE A CD2 1 
ATOM   788  C  CE1 . PHE A 1 100 ? 9.063   -6.666  -2.962  1.00 14.52 ? 270 PHE A CE1 1 
ATOM   789  C  CE2 . PHE A 1 100 ? 8.475   -5.115  -4.708  1.00 16.22 ? 270 PHE A CE2 1 
ATOM   790  C  CZ  . PHE A 1 100 ? 9.418   -5.942  -4.094  1.00 15.15 ? 270 PHE A CZ  1 
ATOM   791  N  N   . GLY A 1 101 ? 4.957   -2.441  -1.641  1.00 15.35 ? 271 GLY A N   1 
ATOM   792  C  CA  . GLY A 1 101 ? 5.272   -1.002  -1.650  1.00 14.73 ? 271 GLY A CA  1 
ATOM   793  C  C   . GLY A 1 101 ? 5.957   -0.525  -0.375  1.00 15.42 ? 271 GLY A C   1 
ATOM   794  O  O   . GLY A 1 101 ? 6.949   0.213   -0.439  1.00 16.56 ? 271 GLY A O   1 
ATOM   795  N  N   . ALA A 1 102 ? 5.433   -0.939  0.773   1.00 14.02 ? 272 ALA A N   1 
ATOM   796  C  CA  . ALA A 1 102 ? 6.044   -0.586  2.066   1.00 15.03 ? 272 ALA A CA  1 
ATOM   797  C  C   . ALA A 1 102 ? 7.438   -1.212  2.159   1.00 15.92 ? 272 ALA A C   1 
ATOM   798  O  O   . ALA A 1 102 ? 8.360   -0.584  2.676   1.00 16.72 ? 272 ALA A O   1 
ATOM   799  C  CB  . ALA A 1 102 ? 5.173   -1.044  3.225   1.00 16.27 ? 272 ALA A CB  1 
ATOM   800  N  N   . PHE A 1 103 ? 7.574   -2.449  1.676   1.00 16.55 ? 273 PHE A N   1 
ATOM   801  C  CA  . PHE A 1 103 ? 8.877   -3.140  1.647   1.00 16.92 ? 273 PHE A CA  1 
ATOM   802  C  C   . PHE A 1 103 ? 9.892   -2.368  0.796   1.00 17.64 ? 273 PHE A C   1 
ATOM   803  O  O   . PHE A 1 103 ? 11.060  -2.205  1.196   1.00 18.71 ? 273 PHE A O   1 
ATOM   804  C  CB  . PHE A 1 103 ? 8.705   -4.590  1.161   1.00 17.57 ? 273 PHE A CB  1 
ATOM   805  C  CG  . PHE A 1 103 ? 9.898   -5.481  1.440   1.00 18.02 ? 273 PHE A CG  1 
ATOM   806  C  CD1 . PHE A 1 103 ? 10.053  -6.088  2.686   1.00 20.34 ? 273 PHE A CD1 1 
ATOM   807  C  CD2 . PHE A 1 103 ? 10.826  -5.752  0.441   1.00 18.58 ? 273 PHE A CD2 1 
ATOM   808  C  CE1 . PHE A 1 103 ? 11.145  -6.923  2.935   1.00 19.00 ? 273 PHE A CE1 1 
ATOM   809  C  CE2 . PHE A 1 103 ? 11.923  -6.577  0.687   1.00 20.14 ? 273 PHE A CE2 1 
ATOM   810  C  CZ  . PHE A 1 103 ? 12.069  -7.164  1.934   1.00 20.01 ? 273 PHE A CZ  1 
ATOM   811  N  N   . VAL A 1 104 ? 9.450   -1.865  -0.356  1.00 16.33 ? 274 VAL A N   1 
ATOM   812  C  CA  . VAL A 1 104 ? 10.294  -0.997  -1.196  1.00 18.18 ? 274 VAL A CA  1 
ATOM   813  C  C   . VAL A 1 104 ? 10.616  0.335   -0.501  1.00 19.19 ? 274 VAL A C   1 
ATOM   814  O  O   . VAL A 1 104 ? 11.752  0.820   -0.580  1.00 21.04 ? 274 VAL A O   1 
ATOM   815  C  CB  . VAL A 1 104 ? 9.685   -0.761  -2.608  1.00 17.62 ? 274 VAL A CB  1 
ATOM   816  C  CG1 . VAL A 1 104 ? 10.506  0.253   -3.409  1.00 19.16 ? 274 VAL A CG1 1 
ATOM   817  C  CG2 . VAL A 1 104 ? 9.624   -2.063  -3.393  1.00 17.67 ? 274 VAL A CG2 1 
ATOM   818  N  N   . ALA A 1 105 ? 9.638   0.920   0.185   1.00 19.12 ? 275 ALA A N   1 
ATOM   819  C  CA  . ALA A 1 105 ? 9.844   2.200   0.900   1.00 20.07 ? 275 ALA A CA  1 
ATOM   820  C  C   . ALA A 1 105 ? 10.934  2.081   1.963   1.00 21.99 ? 275 ALA A C   1 
ATOM   821  O  O   . ALA A 1 105 ? 11.801  2.959   2.070   1.00 23.50 ? 275 ALA A O   1 
ATOM   822  C  CB  . ALA A 1 105 ? 8.557   2.705   1.524   1.00 19.17 ? 275 ALA A CB  1 
ATOM   823  N  N   . LYS A 1 106 ? 10.889  0.996   2.739   1.00 21.00 ? 276 LYS A N   1 
ATOM   824  C  CA  . LYS A 1 106 ? 11.923  0.729   3.746   1.00 21.97 ? 276 LYS A CA  1 
ATOM   825  C  C   . LYS A 1 106 ? 13.310  0.590   3.122   1.00 23.40 ? 276 LYS A C   1 
ATOM   826  O  O   . LYS A 1 106 ? 14.301  1.054   3.701   1.00 23.86 ? 276 LYS A O   1 
ATOM   827  C  CB  . LYS A 1 106 ? 11.577  -0.498  4.587   1.00 23.05 ? 276 LYS A CB  1 
ATOM   828  C  CG  . LYS A 1 106 ? 10.428  -0.255  5.553   1.00 22.01 ? 276 LYS A CG  1 
ATOM   829  C  CD  . LYS A 1 106 ? 10.188  -1.436  6.478   1.00 25.68 ? 276 LYS A CD  1 
ATOM   830  C  CE  . LYS A 1 106 ? 9.377   -2.525  5.806   1.00 25.73 ? 276 LYS A CE  1 
ATOM   831  N  NZ  . LYS A 1 106 ? 9.158   -3.659  6.750   1.00 28.16 ? 276 LYS A NZ  1 
ATOM   832  N  N   . HIS A 1 107 ? 13.378  -0.029  1.945   1.00 23.06 ? 277 HIS A N   1 
ATOM   833  C  CA  . HIS A 1 107 ? 14.619  -0.102  1.172   1.00 26.42 ? 277 HIS A CA  1 
ATOM   834  C  C   . HIS A 1 107 ? 15.113  1.270   0.774   1.00 28.82 ? 277 HIS A C   1 
ATOM   835  O  O   . HIS A 1 107 ? 16.311  1.559   0.889   1.00 27.05 ? 277 HIS A O   1 
ATOM   836  C  CB  . HIS A 1 107 ? 14.452  -1.004  -0.048  1.00 27.04 ? 277 HIS A CB  1 
ATOM   837  C  CG  . HIS A 1 107 ? 15.622  -0.975  -1.005  1.00 30.17 ? 277 HIS A CG  1 
ATOM   838  N  ND1 . HIS A 1 107 ? 16.807  -1.544  -0.717  1.00 31.19 ? 277 HIS A ND1 1 
ATOM   839  C  CD2 . HIS A 1 107 ? 15.750  -0.425  -2.282  1.00 32.13 ? 277 HIS A CD2 1 
ATOM   840  C  CE1 . HIS A 1 107 ? 17.655  -1.366  -1.752  1.00 31.79 ? 277 HIS A CE1 1 
ATOM   841  N  NE2 . HIS A 1 107 ? 17.008  -0.682  -2.708  1.00 34.97 ? 277 HIS A NE2 1 
ATOM   842  N  N   . LEU A 1 108 ? 14.196  2.133   0.327   1.00 27.01 ? 278 LEU A N   1 
ATOM   843  C  CA  . LEU A 1 108 ? 14.549  3.512   -0.048  1.00 27.84 ? 278 LEU A CA  1 
ATOM   844  C  C   . LEU A 1 108 ? 15.112  4.307   1.135   1.00 28.61 ? 278 LEU A C   1 
ATOM   845  O  O   . LEU A 1 108 ? 16.016  5.123   0.956   1.00 31.70 ? 278 LEU A O   1 
ATOM   846  C  CB  . LEU A 1 108 ? 13.356  4.237   -0.694  1.00 26.90 ? 278 LEU A CB  1 
ATOM   847  C  CG  . LEU A 1 108 ? 12.862  3.635   -2.019  1.00 28.47 ? 278 LEU A CG  1 
ATOM   848  C  CD1 . LEU A 1 108 ? 11.493  4.175   -2.425  1.00 25.38 ? 278 LEU A CD1 1 
ATOM   849  C  CD2 . LEU A 1 108 ? 13.867  3.825   -3.144  1.00 27.86 ? 278 LEU A CD2 1 
ATOM   850  N  N   . LYS A 1 109 ? 14.590  4.054   2.334   1.00 28.27 ? 279 LYS A N   1 
ATOM   851  C  CA  . LYS A 1 109 ? 15.090  4.682   3.557   1.00 33.40 ? 279 LYS A CA  1 
ATOM   852  C  C   . LYS A 1 109 ? 16.535  4.252   3.853   1.00 34.23 ? 279 LYS A C   1 
ATOM   853  O  O   . LYS A 1 109 ? 17.381  5.094   4.161   1.00 35.17 ? 279 LYS A O   1 
ATOM   854  C  CB  . LYS A 1 109 ? 14.168  4.355   4.740   1.00 37.42 ? 279 LYS A CB  1 
ATOM   855  C  CG  . LYS A 1 109 ? 14.681  4.799   6.109   1.00 40.25 ? 279 LYS A CG  1 
ATOM   856  C  CD  . LYS A 1 109 ? 14.243  6.214   6.438   1.00 44.81 ? 279 LYS A CD  1 
ATOM   857  C  CE  . LYS A 1 109 ? 15.051  6.794   7.589   1.00 47.67 ? 279 LYS A CE  1 
ATOM   858  N  NZ  . LYS A 1 109 ? 14.489  8.102   8.026   1.00 50.74 ? 279 LYS A NZ  1 
ATOM   859  N  N   . THR A 1 110 ? 16.808  2.953   3.732   1.00 34.76 ? 280 THR A N   1 
ATOM   860  C  CA  . THR A 1 110 ? 18.133  2.384   4.036   1.00 34.93 ? 280 THR A CA  1 
ATOM   861  C  C   . THR A 1 110 ? 19.220  2.825   3.050   1.00 37.54 ? 280 THR A C   1 
ATOM   862  O  O   . THR A 1 110 ? 20.401  2.859   3.403   1.00 37.90 ? 280 THR A O   1 
ATOM   863  C  CB  . THR A 1 110 ? 18.120  0.836   4.092   1.00 36.14 ? 280 THR A CB  1 
ATOM   864  O  OG1 . THR A 1 110 ? 17.985  0.297   2.772   1.00 40.21 ? 280 THR A OG1 1 
ATOM   865  C  CG2 . THR A 1 110 ? 16.992  0.326   4.978   1.00 34.56 ? 280 THR A CG2 1 
ATOM   866  N  N   . ILE A 1 111 ? 18.826  3.141   1.819   1.00 35.55 ? 281 ILE A N   1 
ATOM   867  C  CA  . ILE A 1 111 ? 19.767  3.692   0.835   1.00 35.16 ? 281 ILE A CA  1 
ATOM   868  C  C   . ILE A 1 111 ? 19.682  5.231   0.754   1.00 35.52 ? 281 ILE A C   1 
ATOM   869  O  O   . ILE A 1 111 ? 20.123  5.841   -0.220  1.00 34.17 ? 281 ILE A O   1 
ATOM   870  C  CB  . ILE A 1 111 ? 19.656  3.009   -0.555  1.00 35.09 ? 281 ILE A CB  1 
ATOM   871  C  CG1 . ILE A 1 111 ? 18.293  3.273   -1.217  1.00 32.84 ? 281 ILE A CG1 1 
ATOM   872  C  CG2 . ILE A 1 111 ? 19.947  1.512   -0.447  1.00 36.69 ? 281 ILE A CG2 1 
ATOM   873  C  CD1 . ILE A 1 111 ? 18.252  2.906   -2.685  1.00 30.77 ? 281 ILE A CD1 1 
ATOM   874  N  N   . ASN A 1 112 ? 19.114  5.841   1.796   1.00 37.30 ? 282 ASN A N   1 
ATOM   875  C  CA  . ASN A 1 112 ? 19.030  7.307   1.944   1.00 41.34 ? 282 ASN A CA  1 
ATOM   876  C  C   . ASN A 1 112 ? 18.298  8.031   0.808   1.00 43.49 ? 282 ASN A C   1 
ATOM   877  O  O   . ASN A 1 112 ? 18.533  9.219   0.561   1.00 41.79 ? 282 ASN A O   1 
ATOM   878  C  CB  . ASN A 1 112 ? 20.425  7.914   2.183   1.00 44.25 ? 282 ASN A CB  1 
ATOM   879  C  CG  . ASN A 1 112 ? 21.227  7.133   3.209   1.00 48.53 ? 282 ASN A CG  1 
ATOM   880  O  OD1 . ASN A 1 112 ? 20.889  7.116   4.392   1.00 51.64 ? 282 ASN A OD1 1 
ATOM   881  N  ND2 . ASN A 1 112 ? 22.287  6.469   2.756   1.00 48.87 ? 282 ASN A ND2 1 
ATOM   882  N  N   . GLN A 1 113 ? 17.405  7.305   0.132   1.00 41.12 ? 283 GLN A N   1 
ATOM   883  C  CA  . GLN A 1 113 ? 16.605  7.846   -0.971  1.00 39.92 ? 283 GLN A CA  1 
ATOM   884  C  C   . GLN A 1 113 ? 15.159  8.099   -0.538  1.00 36.19 ? 283 GLN A C   1 
ATOM   885  O  O   . GLN A 1 113 ? 14.225  7.837   -1.299  1.00 35.98 ? 283 GLN A O   1 
ATOM   886  C  CB  . GLN A 1 113 ? 16.633  6.889   -2.166  1.00 42.51 ? 283 GLN A CB  1 
ATOM   887  C  CG  . GLN A 1 113 ? 17.966  6.803   -2.889  1.00 48.66 ? 283 GLN A CG  1 
ATOM   888  C  CD  . GLN A 1 113 ? 18.179  7.956   -3.851  1.00 51.50 ? 283 GLN A CD  1 
ATOM   889  O  OE1 . GLN A 1 113 ? 17.474  8.084   -4.853  1.00 53.20 ? 283 GLN A OE1 1 
ATOM   890  N  NE2 . GLN A 1 113 ? 19.154  8.802   -3.550  1.00 51.71 ? 283 GLN A NE2 1 
ATOM   891  N  N   . GLU A 1 114 ? 14.994  8.620   0.679   1.00 36.33 ? 284 GLU A N   1 
ATOM   892  C  CA  . GLU A 1 114 ? 13.685  8.871   1.289   1.00 38.57 ? 284 GLU A CA  1 
ATOM   893  C  C   . GLU A 1 114 ? 12.738  9.712   0.443   1.00 37.93 ? 284 GLU A C   1 
ATOM   894  O  O   . GLU A 1 114 ? 11.520  9.564   0.557   1.00 37.25 ? 284 GLU A O   1 
ATOM   895  C  CB  . GLU A 1 114 ? 13.839  9.565   2.643   1.00 44.11 ? 284 GLU A CB  1 
ATOM   896  C  CG  . GLU A 1 114 ? 14.353  8.693   3.773   1.00 52.39 ? 284 GLU A CG  1 
ATOM   897  C  CD  . GLU A 1 114 ? 14.414  9.443   5.090   1.00 57.95 ? 284 GLU A CD  1 
ATOM   898  O  OE1 . GLU A 1 114 ? 15.526  9.584   5.646   1.00 61.33 ? 284 GLU A OE1 1 
ATOM   899  O  OE2 . GLU A 1 114 ? 13.349  9.895   5.570   1.00 60.33 ? 284 GLU A OE2 1 
ATOM   900  N  N   . SER A 1 115 ? 13.294  10.602  -0.381  1.00 34.72 ? 285 SER A N   1 
ATOM   901  C  CA  . SER A 1 115 ? 12.486  11.524  -1.178  1.00 35.11 ? 285 SER A CA  1 
ATOM   902  C  C   . SER A 1 115 ? 11.666  10.813  -2.256  1.00 33.86 ? 285 SER A C   1 
ATOM   903  O  O   . SER A 1 115 ? 10.690  11.372  -2.755  1.00 33.47 ? 285 SER A O   1 
ATOM   904  C  CB  . SER A 1 115 ? 13.361  12.618  -1.808  1.00 36.88 ? 285 SER A CB  1 
ATOM   905  O  OG  . SER A 1 115 ? 14.331  12.049  -2.663  1.00 39.57 ? 285 SER A OG  1 
ATOM   906  N  N   . CYS A 1 116 ? 12.067  9.592   -2.616  1.00 30.29 ? 286 CYS A N   1 
ATOM   907  C  CA  . CYS A 1 116 ? 11.326  8.797   -3.609  1.00 26.62 ? 286 CYS A CA  1 
ATOM   908  C  C   . CYS A 1 116 ? 10.090  8.068   -3.052  1.00 24.02 ? 286 CYS A C   1 
ATOM   909  O  O   . CYS A 1 116 ? 9.330   7.487   -3.829  1.00 22.99 ? 286 CYS A O   1 
ATOM   910  C  CB  . CYS A 1 116 ? 12.254  7.805   -4.315  1.00 27.06 ? 286 CYS A CB  1 
ATOM   911  S  SG  . CYS A 1 116 ? 13.495  8.568   -5.386  0.50 30.09 ? 286 CYS A SG  1 
ATOM   912  N  N   . ILE A 1 117 ? 9.875   8.124   -1.736  1.00 22.08 ? 287 ILE A N   1 
ATOM   913  C  CA  . ILE A 1 117 ? 8.776   7.404   -1.090  1.00 23.66 ? 287 ILE A CA  1 
ATOM   914  C  C   . ILE A 1 117 ? 7.413   7.972   -1.502  1.00 23.36 ? 287 ILE A C   1 
ATOM   915  O  O   . ILE A 1 117 ? 6.502   7.221   -1.852  1.00 22.29 ? 287 ILE A O   1 
ATOM   916  C  CB  . ILE A 1 117 ? 8.944   7.356   0.445   1.00 24.55 ? 287 ILE A CB  1 
ATOM   917  C  CG1 . ILE A 1 117 ? 10.179  6.500   0.777   1.00 25.61 ? 287 ILE A CG1 1 
ATOM   918  C  CG2 . ILE A 1 117 ? 7.693   6.810   1.130   1.00 24.30 ? 287 ILE A CG2 1 
ATOM   919  C  CD1 . ILE A 1 117 ? 10.545  6.432   2.248   1.00 25.10 ? 287 ILE A CD1 1 
ATOM   920  N  N   . GLU A 1 118 ? 7.279   9.295   -1.496  1.00 26.67 ? 288 GLU A N   1 
ATOM   921  C  CA  . GLU A 1 118 ? 5.995   9.883   -1.893  1.00 26.70 ? 288 GLU A CA  1 
ATOM   922  C  C   . GLU A 1 118 ? 5.638   9.634   -3.373  1.00 25.73 ? 288 GLU A C   1 
ATOM   923  O  O   . GLU A 1 118 ? 4.494   9.293   -3.664  1.00 23.77 ? 288 GLU A O   1 
ATOM   924  C  CB  . GLU A 1 118 ? 5.891   11.361  -1.489  1.00 33.87 ? 288 GLU A CB  1 
ATOM   925  C  CG  . GLU A 1 118 ? 5.534   11.528  -0.019  1.00 41.90 ? 288 GLU A CG  1 
ATOM   926  C  CD  . GLU A 1 118 ? 5.220   12.957  0.376   1.00 48.58 ? 288 GLU A CD  1 
ATOM   927  O  OE1 . GLU A 1 118 ? 4.953   13.796  -0.519  1.00 57.64 ? 288 GLU A OE1 1 
ATOM   928  O  OE2 . GLU A 1 118 ? 5.235   13.240  1.594   1.00 51.82 ? 288 GLU A OE2 1 
ATOM   929  N  N   . PRO A 1 119 ? 6.607   9.796   -4.307  1.00 25.26 ? 289 PRO A N   1 
ATOM   930  C  CA  . PRO A 1 119 ? 6.320   9.410   -5.692  1.00 23.94 ? 289 PRO A CA  1 
ATOM   931  C  C   . PRO A 1 119 ? 5.955   7.936   -5.841  1.00 23.04 ? 289 PRO A C   1 
ATOM   932  O  O   . PRO A 1 119 ? 5.097   7.603   -6.668  1.00 22.10 ? 289 PRO A O   1 
ATOM   933  C  CB  . PRO A 1 119 ? 7.636   9.679   -6.424  1.00 26.71 ? 289 PRO A CB  1 
ATOM   934  C  CG  . PRO A 1 119 ? 8.294   10.748  -5.632  1.00 26.04 ? 289 PRO A CG  1 
ATOM   935  C  CD  . PRO A 1 119 ? 7.846   10.600  -4.208  1.00 26.85 ? 289 PRO A CD  1 
ATOM   936  N  N   . LEU A 1 120 ? 6.610   7.072   -5.062  1.00 21.15 ? 290 LEU A N   1 
ATOM   937  C  CA  . LEU A 1 120 ? 6.307   5.634   -5.084  1.00 20.14 ? 290 LEU A CA  1 
ATOM   938  C  C   . LEU A 1 120 ? 4.852   5.436   -4.667  1.00 17.94 ? 290 LEU A C   1 
ATOM   939  O  O   . LEU A 1 120 ? 4.120   4.660   -5.303  1.00 18.72 ? 290 LEU A O   1 
ATOM   940  C  CB  . LEU A 1 120 ? 7.261   4.851   -4.167  1.00 21.04 ? 290 LEU A CB  1 
ATOM   941  C  CG  . LEU A 1 120 ? 6.957   3.377   -3.849  1.00 23.09 ? 290 LEU A CG  1 
ATOM   942  C  CD1 . LEU A 1 120 ? 7.059   2.533   -5.105  1.00 23.87 ? 290 LEU A CD1 1 
ATOM   943  C  CD2 . LEU A 1 120 ? 7.890   2.853   -2.765  1.00 24.03 ? 290 LEU A CD2 1 
ATOM   944  N  N   . ALA A 1 121 ? 4.439   6.132   -3.607  1.00 17.90 ? 291 ALA A N   1 
ATOM   945  C  CA  . ALA A 1 121 ? 3.075   6.032   -3.095  1.00 18.37 ? 291 ALA A CA  1 
ATOM   946  C  C   . ALA A 1 121 ? 2.040   6.505   -4.125  1.00 18.18 ? 291 ALA A C   1 
ATOM   947  O  O   . ALA A 1 121 ? 0.977   5.891   -4.263  1.00 17.74 ? 291 ALA A O   1 
ATOM   948  C  CB  . ALA A 1 121 ? 2.925   6.776   -1.773  1.00 18.47 ? 291 ALA A CB  1 
ATOM   949  N  N   . GLU A 1 122 ? 2.355   7.579   -4.847  1.00 18.29 ? 292 GLU A N   1 
ATOM   950  C  CA  . GLU A 1 122 ? 1.507   8.058   -5.941  1.00 19.05 ? 292 GLU A CA  1 
ATOM   951  C  C   . GLU A 1 122 ? 1.405   7.011   -7.053  1.00 17.62 ? 292 GLU A C   1 
ATOM   952  O  O   . GLU A 1 122 ? 0.335   6.799   -7.612  1.00 18.36 ? 292 GLU A O   1 
ATOM   953  C  CB  . GLU A 1 122 ? 2.074   9.374   -6.497  1.00 23.41 ? 292 GLU A CB  1 
ATOM   954  C  CG  . GLU A 1 122 ? 1.178   10.075  -7.504  1.00 30.53 ? 292 GLU A CG  1 
ATOM   955  C  CD  . GLU A 1 122 ? 1.617   11.507  -7.789  1.00 37.85 ? 292 GLU A CD  1 
ATOM   956  O  OE1 . GLU A 1 122 ? 2.840   11.792  -7.780  1.00 42.42 ? 292 GLU A OE1 1 
ATOM   957  O  OE2 . GLU A 1 122 ? 0.730   12.349  -8.031  1.00 42.18 ? 292 GLU A OE2 1 
ATOM   958  N  N   . SER A 1 123 ? 2.520   6.353   -7.368  1.00 17.19 ? 293 SER A N   1 
ATOM   959  C  CA  . SER A 1 123 ? 2.544   5.342   -8.424  1.00 17.97 ? 293 SER A CA  1 
ATOM   960  C  C   . SER A 1 123 ? 1.664   4.149   -8.074  1.00 16.58 ? 293 SER A C   1 
ATOM   961  O  O   . SER A 1 123 ? 0.907   3.653   -8.912  1.00 16.94 ? 293 SER A O   1 
ATOM   962  C  CB  . SER A 1 123 ? 3.980   4.871   -8.687  1.00 21.00 ? 293 SER A CB  1 
ATOM   963  O  OG  . SER A 1 123 ? 4.667   5.864   -9.421  1.00 30.26 ? 293 SER A OG  1 
ATOM   964  N  N   . ILE A 1 124 ? 1.756   3.697   -6.831  1.00 14.99 ? 294 ILE A N   1 
ATOM   965  C  CA  . ILE A 1 124 ? 0.927   2.579   -6.380  1.00 13.80 ? 294 ILE A CA  1 
ATOM   966  C  C   . ILE A 1 124 ? -0.554  2.973   -6.415  1.00 13.79 ? 294 ILE A C   1 
ATOM   967  O  O   . ILE A 1 124 ? -1.400  2.229   -6.919  1.00 12.82 ? 294 ILE A O   1 
ATOM   968  C  CB  . ILE A 1 124 ? 1.298   2.146   -4.955  1.00 14.43 ? 294 ILE A CB  1 
ATOM   969  C  CG1 . ILE A 1 124 ? 2.733   1.617   -4.934  1.00 15.02 ? 294 ILE A CG1 1 
ATOM   970  C  CG2 . ILE A 1 124 ? 0.329   1.068   -4.461  1.00 14.32 ? 294 ILE A CG2 1 
ATOM   971  C  CD1 . ILE A 1 124 ? 3.267   1.398   -3.534  1.00 17.54 ? 294 ILE A CD1 1 
ATOM   972  N  N   . THR A 1 125 ? -0.848  4.156   -5.891  1.00 13.26 ? 295 THR A N   1 
ATOM   973  C  CA  . THR A 1 125 ? -2.217  4.661   -5.891  1.00 13.28 ? 295 THR A CA  1 
ATOM   974  C  C   . THR A 1 125 ? -2.766  4.757   -7.323  1.00 14.26 ? 295 THR A C   1 
ATOM   975  O  O   . THR A 1 125 ? -3.921  4.383   -7.562  1.00 13.60 ? 295 THR A O   1 
ATOM   976  C  CB  . THR A 1 125 ? -2.325  6.020   -5.171  1.00 13.84 ? 295 THR A CB  1 
ATOM   977  O  OG1 . THR A 1 125 ? -1.796  5.901   -3.841  1.00 13.81 ? 295 THR A OG1 1 
ATOM   978  C  CG2 . THR A 1 125 ? -3.808  6.419   -5.057  1.00 14.31 ? 295 THR A CG2 1 
ATOM   979  N  N   . ASP A 1 126 ? -1.946  5.238   -8.258  1.00 14.38 ? 296 ASP A N   1 
ATOM   980  C  CA  . ASP A 1 126 ? -2.357  5.354   -9.667  1.00 17.28 ? 296 ASP A CA  1 
ATOM   981  C  C   . ASP A 1 126 ? -2.753  4.003   -10.256 1.00 16.46 ? 296 ASP A C   1 
ATOM   982  O  O   . ASP A 1 126 ? -3.815  3.862   -10.859 1.00 16.66 ? 296 ASP A O   1 
ATOM   983  C  CB  . ASP A 1 126 ? -1.241  5.976   -10.516 1.00 19.40 ? 296 ASP A CB  1 
ATOM   984  C  CG  . ASP A 1 126 ? -1.156  7.481   -10.363 1.00 24.58 ? 296 ASP A CG  1 
ATOM   985  O  OD1 . ASP A 1 126 ? -2.129  8.109   -9.882  1.00 26.77 ? 296 ASP A OD1 1 
ATOM   986  O  OD2 . ASP A 1 126 ? -0.091  8.034   -10.722 1.00 26.91 ? 296 ASP A OD2 1 
ATOM   987  N  N   . VAL A 1 127 ? -1.896  3.006   -10.053 1.00 15.50 ? 297 VAL A N   1 
ATOM   988  C  CA  . VAL A 1 127 ? -2.153  1.665   -10.550 1.00 15.12 ? 297 VAL A CA  1 
ATOM   989  C  C   . VAL A 1 127 ? -3.438  1.108   -9.918  1.00 14.84 ? 297 VAL A C   1 
ATOM   990  O  O   . VAL A 1 127 ? -4.297  0.586   -10.614 1.00 15.64 ? 297 VAL A O   1 
ATOM   991  C  CB  . VAL A 1 127 ? -0.934  0.744   -10.314 1.00 16.18 ? 297 VAL A CB  1 
ATOM   992  C  CG1 . VAL A 1 127 ? -1.298  -0.729  -10.520 1.00 16.90 ? 297 VAL A CG1 1 
ATOM   993  C  CG2 . VAL A 1 127 ? 0.214   1.147   -11.241 1.00 17.12 ? 297 VAL A CG2 1 
ATOM   994  N  N   . LEU A 1 128 ? -3.575  1.256   -8.608  1.00 13.37 ? 298 LEU A N   1 
ATOM   995  C  CA  . LEU A 1 128 ? -4.712  0.671   -7.904  1.00 12.32 ? 298 LEU A CA  1 
ATOM   996  C  C   . LEU A 1 128 ? -6.039  1.321   -8.312  1.00 13.06 ? 298 LEU A C   1 
ATOM   997  O  O   . LEU A 1 128 ? -6.999  0.643   -8.718  1.00 13.33 ? 298 LEU A O   1 
ATOM   998  C  CB  . LEU A 1 128 ? -4.519  0.783   -6.389  1.00 12.09 ? 298 LEU A CB  1 
ATOM   999  C  CG  . LEU A 1 128 ? -5.712  0.332   -5.533  1.00 11.99 ? 298 LEU A CG  1 
ATOM   1000 C  CD1 . LEU A 1 128 ? -6.055  -1.143  -5.765  1.00 13.37 ? 298 LEU A CD1 1 
ATOM   1001 C  CD2 . LEU A 1 128 ? -5.392  0.564   -4.068  1.00 12.85 ? 298 LEU A CD2 1 
ATOM   1002 N  N   . VAL A 1 129 ? -6.090  2.642   -8.211  1.00 12.45 ? 299 VAL A N   1 
ATOM   1003 C  CA  . VAL A 1 129 ? -7.347  3.338   -8.461  1.00 13.32 ? 299 VAL A CA  1 
ATOM   1004 C  C   . VAL A 1 129 ? -7.676  3.406   -9.954  1.00 14.06 ? 299 VAL A C   1 
ATOM   1005 O  O   . VAL A 1 129 ? -8.828  3.191   -10.341 1.00 15.65 ? 299 VAL A O   1 
ATOM   1006 C  CB  . VAL A 1 129 ? -7.355  4.736   -7.808  1.00 13.17 ? 299 VAL A CB  1 
ATOM   1007 C  CG1 . VAL A 1 129 ? -8.622  5.507   -8.164  1.00 15.03 ? 299 VAL A CG1 1 
ATOM   1008 C  CG2 . VAL A 1 129 ? -7.259  4.587   -6.291  1.00 14.02 ? 299 VAL A CG2 1 
ATOM   1009 N  N   . ARG A 1 130 ? -6.677  3.684   -10.785 1.00 15.16 ? 300 ARG A N   1 
ATOM   1010 C  CA  . ARG A 1 130 ? -6.940  3.920   -12.201 1.00 16.36 ? 300 ARG A CA  1 
ATOM   1011 C  C   . ARG A 1 130 ? -7.138  2.647   -13.018 1.00 15.76 ? 300 ARG A C   1 
ATOM   1012 O  O   . ARG A 1 130 ? -7.734  2.716   -14.083 1.00 17.33 ? 300 ARG A O   1 
ATOM   1013 C  CB  . ARG A 1 130 ? -5.926  4.900   -12.806 1.00 18.84 ? 300 ARG A CB  1 
ATOM   1014 C  CG  . ARG A 1 130 ? -5.840  6.154   -11.934 1.00 22.95 ? 300 ARG A CG  1 
ATOM   1015 C  CD  . ARG A 1 130 ? -5.350  7.393   -12.651 1.00 27.86 ? 300 ARG A CD  1 
ATOM   1016 N  NE  . ARG A 1 130 ? -5.124  8.510   -11.728 1.00 30.67 ? 300 ARG A NE  1 
ATOM   1017 C  CZ  . ARG A 1 130 ? -6.058  9.357   -11.282 1.00 29.92 ? 300 ARG A CZ  1 
ATOM   1018 N  NH1 . ARG A 1 130 ? -7.333  9.236   -11.635 1.00 29.13 ? 300 ARG A NH1 1 
ATOM   1019 N  NH2 . ARG A 1 130 ? -5.706  10.332  -10.452 1.00 30.83 ? 300 ARG A NH2 1 
ATOM   1020 N  N   . THR A 1 131 ? -6.679  1.493   -12.517 1.00 15.06 ? 301 THR A N   1 
ATOM   1021 C  CA  . THR A 1 131 ? -6.947  0.213   -13.192 1.00 14.60 ? 301 THR A CA  1 
ATOM   1022 C  C   . THR A 1 131 ? -8.029  -0.650  -12.546 1.00 15.90 ? 301 THR A C   1 
ATOM   1023 O  O   . THR A 1 131 ? -8.556  -1.554  -13.193 1.00 15.66 ? 301 THR A O   1 
ATOM   1024 C  CB  . THR A 1 131 ? -5.663  -0.627  -13.472 1.00 14.66 ? 301 THR A CB  1 
ATOM   1025 O  OG1 . THR A 1 131 ? -5.204  -1.257  -12.267 1.00 15.04 ? 301 THR A OG1 1 
ATOM   1026 C  CG2 . THR A 1 131 ? -4.565  0.256   -14.070 1.00 14.22 ? 301 THR A CG2 1 
ATOM   1027 N  N   . LYS A 1 132 ? -8.397  -0.366  -11.292 1.00 15.11 ? 302 LYS A N   1 
ATOM   1028 C  CA  . LYS A 1 132 ? -9.403  -1.188  -10.617 1.00 14.47 ? 302 LYS A CA  1 
ATOM   1029 C  C   . LYS A 1 132 ? -10.569 -0.392  -10.018 1.00 14.28 ? 302 LYS A C   1 
ATOM   1030 O  O   . LYS A 1 132 ? -11.240 -0.872  -9.091  1.00 13.47 ? 302 LYS A O   1 
ATOM   1031 C  CB  . LYS A 1 132 ? -8.769  -2.050  -9.514  1.00 15.15 ? 302 LYS A CB  1 
ATOM   1032 C  CG  . LYS A 1 132 ? -7.586  -2.917  -9.948  1.00 15.30 ? 302 LYS A CG  1 
ATOM   1033 C  CD  . LYS A 1 132 ? -8.014  -3.963  -10.970 1.00 17.33 ? 302 LYS A CD  1 
ATOM   1034 C  CE  . LYS A 1 132 ? -6.817  -4.785  -11.431 1.00 20.45 ? 302 LYS A CE  1 
ATOM   1035 N  NZ  . LYS A 1 132 ? -7.172  -5.653  -12.595 1.00 24.73 ? 302 LYS A NZ  1 
ATOM   1036 N  N   . ARG A 1 133 ? -10.821 0.813   -10.535 1.00 15.17 ? 303 ARG A N   1 
ATOM   1037 C  CA  . ARG A 1 133 ? -11.909 1.633   -9.973  1.00 17.01 ? 303 ARG A CA  1 
ATOM   1038 C  C   . ARG A 1 133 ? -13.248 0.903   -9.878  1.00 17.00 ? 303 ARG A C   1 
ATOM   1039 O  O   . ARG A 1 133 ? -13.892 0.950   -8.831  1.00 18.52 ? 303 ARG A O   1 
ATOM   1040 C  CB  . ARG A 1 133 ? -12.113 2.955   -10.722 1.00 16.87 ? 303 ARG A CB  1 
ATOM   1041 C  CG  . ARG A 1 133 ? -13.081 3.891   -9.979  1.00 18.48 ? 303 ARG A CG  1 
ATOM   1042 C  CD  . ARG A 1 133 ? -13.316 5.210   -10.700 1.00 19.03 ? 303 ARG A CD  1 
ATOM   1043 N  NE  . ARG A 1 133 ? -12.095 5.986   -10.904 1.00 18.84 ? 303 ARG A NE  1 
ATOM   1044 C  CZ  . ARG A 1 133 ? -11.592 6.883   -10.054 1.00 18.81 ? 303 ARG A CZ  1 
ATOM   1045 N  NH1 . ARG A 1 133 ? -12.178 7.115   -8.884  1.00 19.02 ? 303 ARG A NH1 1 
ATOM   1046 N  NH2 . ARG A 1 133 ? -10.478 7.533   -10.371 1.00 17.83 ? 303 ARG A NH2 1 
ATOM   1047 N  N   . ASP A 1 134 ? -13.654 0.224   -10.953 1.00 18.09 ? 304 ASP A N   1 
ATOM   1048 C  CA  . ASP A 1 134 ? -14.962 -0.448  -10.972 1.00 19.69 ? 304 ASP A CA  1 
ATOM   1049 C  C   . ASP A 1 134 ? -15.100 -1.488  -9.858  1.00 17.83 ? 304 ASP A C   1 
ATOM   1050 O  O   . ASP A 1 134 ? -16.113 -1.526  -9.150  1.00 15.29 ? 304 ASP A O   1 
ATOM   1051 C  CB  . ASP A 1 134 ? -15.216 -1.108  -12.334 1.00 24.91 ? 304 ASP A CB  1 
ATOM   1052 C  CG  . ASP A 1 134 ? -15.483 -0.090  -13.431 1.00 32.37 ? 304 ASP A CG  1 
ATOM   1053 O  OD1 . ASP A 1 134 ? -16.048 0.986   -13.132 1.00 38.48 ? 304 ASP A OD1 1 
ATOM   1054 O  OD2 . ASP A 1 134 ? -15.136 -0.367  -14.594 1.00 40.79 ? 304 ASP A OD2 1 
ATOM   1055 N  N   . TRP A 1 135 ? -14.061 -2.312  -9.693  1.00 16.65 ? 305 TRP A N   1 
ATOM   1056 C  CA  . TRP A 1 135 ? -14.027 -3.304  -8.632  1.00 15.44 ? 305 TRP A CA  1 
ATOM   1057 C  C   . TRP A 1 135 ? -14.056 -2.648  -7.262  1.00 15.48 ? 305 TRP A C   1 
ATOM   1058 O  O   . TRP A 1 135 ? -14.809 -3.063  -6.378  1.00 14.70 ? 305 TRP A O   1 
ATOM   1059 C  CB  . TRP A 1 135 ? -12.790 -4.199  -8.780  1.00 16.36 ? 305 TRP A CB  1 
ATOM   1060 C  CG  . TRP A 1 135 ? -12.804 -5.407  -7.882  1.00 17.02 ? 305 TRP A CG  1 
ATOM   1061 C  CD1 . TRP A 1 135 ? -13.287 -6.688  -8.179  1.00 17.55 ? 305 TRP A CD1 1 
ATOM   1062 C  CD2 . TRP A 1 135 ? -12.332 -5.490  -6.494  1.00 16.28 ? 305 TRP A CD2 1 
ATOM   1063 N  NE1 . TRP A 1 135 ? -13.140 -7.531  -7.112  1.00 17.61 ? 305 TRP A NE1 1 
ATOM   1064 C  CE2 . TRP A 1 135 ? -12.564 -6.883  -6.063  1.00 16.34 ? 305 TRP A CE2 1 
ATOM   1065 C  CE3 . TRP A 1 135 ? -11.754 -4.596  -5.604  1.00 15.57 ? 305 TRP A CE3 1 
ATOM   1066 C  CZ2 . TRP A 1 135 ? -12.227 -7.329  -4.793  1.00 16.13 ? 305 TRP A CZ2 1 
ATOM   1067 C  CZ3 . TRP A 1 135 ? -11.413 -5.059  -4.315  1.00 15.22 ? 305 TRP A CZ3 1 
ATOM   1068 C  CH2 . TRP A 1 135 ? -11.652 -6.392  -3.922  1.00 15.66 ? 305 TRP A CH2 1 
ATOM   1069 N  N   . LEU A 1 136 ? -13.257 -1.598  -7.086  1.00 14.10 ? 306 LEU A N   1 
ATOM   1070 C  CA  . LEU A 1 136 ? -13.191 -0.909  -5.795  1.00 13.86 ? 306 LEU A CA  1 
ATOM   1071 C  C   . LEU A 1 136 ? -14.556 -0.337  -5.436  1.00 15.19 ? 306 LEU A C   1 
ATOM   1072 O  O   . LEU A 1 136 ? -15.001 -0.483  -4.313  1.00 15.47 ? 306 LEU A O   1 
ATOM   1073 C  CB  . LEU A 1 136 ? -12.128 0.188   -5.796  1.00 13.47 ? 306 LEU A CB  1 
ATOM   1074 C  CG  . LEU A 1 136 ? -10.681 -0.333  -5.834  1.00 13.24 ? 306 LEU A CG  1 
ATOM   1075 C  CD1 . LEU A 1 136 ? -9.718  0.776   -6.233  1.00 13.61 ? 306 LEU A CD1 1 
ATOM   1076 C  CD2 . LEU A 1 136 ? -10.263 -0.969  -4.504  1.00 14.61 ? 306 LEU A CD2 1 
ATOM   1077 N  N   . VAL A 1 137 ? -15.225 0.271   -6.406  1.00 15.55 ? 307 VAL A N   1 
ATOM   1078 C  CA  . VAL A 1 137 ? -16.547 0.869   -6.142  1.00 16.37 ? 307 VAL A CA  1 
ATOM   1079 C  C   . VAL A 1 137 ? -17.566 -0.216  -5.741  1.00 16.86 ? 307 VAL A C   1 
ATOM   1080 O  O   . VAL A 1 137 ? -18.269 -0.081  -4.726  1.00 16.95 ? 307 VAL A O   1 
ATOM   1081 C  CB  . VAL A 1 137 ? -17.020 1.722   -7.347  1.00 16.47 ? 307 VAL A CB  1 
ATOM   1082 C  CG1 . VAL A 1 137 ? -18.493 2.076   -7.215  1.00 19.63 ? 307 VAL A CG1 1 
ATOM   1083 C  CG2 . VAL A 1 137 ? -16.173 2.992   -7.451  1.00 16.98 ? 307 VAL A CG2 1 
ATOM   1084 N  N   . LYS A 1 138 ? -17.604 -1.299  -6.515  1.00 16.48 ? 308 LYS A N   1 
ATOM   1085 C  CA  . LYS A 1 138 ? -18.495 -2.437  -6.254  1.00 19.40 ? 308 LYS A CA  1 
ATOM   1086 C  C   . LYS A 1 138 ? -18.231 -3.083  -4.890  1.00 18.64 ? 308 LYS A C   1 
ATOM   1087 O  O   . LYS A 1 138 ? -19.158 -3.593  -4.252  1.00 18.67 ? 308 LYS A O   1 
ATOM   1088 C  CB  . LYS A 1 138 ? -18.416 -3.470  -7.393  1.00 22.45 ? 308 LYS A CB  1 
ATOM   1089 C  CG  . LYS A 1 138 ? -19.335 -4.672  -7.212  1.00 29.13 ? 308 LYS A CG  1 
ATOM   1090 C  CD  . LYS A 1 138 ? -19.562 -5.428  -8.514  1.00 35.39 ? 308 LYS A CD  1 
ATOM   1091 C  CE  . LYS A 1 138 ? -20.647 -6.486  -8.359  1.00 38.08 ? 308 LYS A CE  1 
ATOM   1092 N  NZ  . LYS A 1 138 ? -20.820 -7.294  -9.601  1.00 39.91 ? 308 LYS A NZ  1 
ATOM   1093 N  N   . GLN A 1 139 ? -16.978 -3.036  -4.426  1.00 17.48 ? 309 GLN A N   1 
ATOM   1094 C  CA  . GLN A 1 139 ? -16.615 -3.603  -3.128  1.00 19.07 ? 309 GLN A CA  1 
ATOM   1095 C  C   . GLN A 1 139 ? -16.685 -2.602  -1.968  1.00 19.30 ? 309 GLN A C   1 
ATOM   1096 O  O   . GLN A 1 139 ? -16.184 -2.888  -0.887  1.00 18.49 ? 309 GLN A O   1 
ATOM   1097 C  CB  . GLN A 1 139 ? -15.219 -4.251  -3.189  1.00 19.89 ? 309 GLN A CB  1 
ATOM   1098 C  CG  . GLN A 1 139 ? -15.107 -5.446  -4.128  1.00 22.20 ? 309 GLN A CG  1 
ATOM   1099 C  CD  . GLN A 1 139 ? -16.045 -6.594  -3.816  1.00 27.01 ? 309 GLN A CD  1 
ATOM   1100 O  OE1 . GLN A 1 139 ? -16.279 -6.942  -2.653  1.00 32.04 ? 309 GLN A OE1 1 
ATOM   1101 N  NE2 . GLN A 1 139 ? -16.585 -7.207  -4.867  1.00 29.68 ? 309 GLN A NE2 1 
ATOM   1102 N  N   . ARG A 1 140 ? -17.303 -1.441  -2.210  1.00 18.97 ? 310 ARG A N   1 
ATOM   1103 C  CA  . ARG A 1 140 ? -17.538 -0.386  -1.202  1.00 18.58 ? 310 ARG A CA  1 
ATOM   1104 C  C   . ARG A 1 140 ? -16.273 0.372   -0.777  1.00 18.54 ? 310 ARG A C   1 
ATOM   1105 O  O   . ARG A 1 140 ? -16.224 0.971   0.304   1.00 17.04 ? 310 ARG A O   1 
ATOM   1106 C  CB  . ARG A 1 140 ? -18.325 -0.925  0.021   1.00 20.25 ? 310 ARG A CB  1 
ATOM   1107 C  CG  . ARG A 1 140 ? -19.774 -1.312  -0.272  1.00 23.98 ? 310 ARG A CG  1 
ATOM   1108 C  CD  . ARG A 1 140 ? -20.441 -2.051  0.896   1.00 25.05 ? 310 ARG A CD  1 
ATOM   1109 N  NE  . ARG A 1 140 ? -20.158 -1.437  2.203   1.00 28.69 ? 310 ARG A NE  1 
ATOM   1110 C  CZ  . ARG A 1 140 ? -20.801 -0.385  2.709   1.00 31.61 ? 310 ARG A CZ  1 
ATOM   1111 N  NH1 . ARG A 1 140 ? -21.790 0.198   2.035   1.00 33.08 ? 310 ARG A NH1 1 
ATOM   1112 N  NH2 . ARG A 1 140 ? -20.451 0.096   3.896   1.00 33.39 ? 310 ARG A NH2 1 
ATOM   1113 N  N   . GLY A 1 141 ? -15.253 0.357   -1.640  1.00 17.50 ? 311 GLY A N   1 
ATOM   1114 C  CA  . GLY A 1 141 ? -14.025 1.129   -1.403  1.00 16.15 ? 311 GLY A CA  1 
ATOM   1115 C  C   . GLY A 1 141 ? -13.367 0.820   -0.066  1.00 16.54 ? 311 GLY A C   1 
ATOM   1116 O  O   . GLY A 1 141 ? -13.340 -0.331  0.382   1.00 16.06 ? 311 GLY A O   1 
ATOM   1117 N  N   . TRP A 1 142 ? -12.858 1.852   0.597   1.00 16.22 ? 312 TRP A N   1 
ATOM   1118 C  CA  . TRP A 1 142 ? -12.149 1.639   1.850   1.00 17.06 ? 312 TRP A CA  1 
ATOM   1119 C  C   . TRP A 1 142 ? -13.031 1.215   2.980   1.00 17.79 ? 312 TRP A C   1 
ATOM   1120 O  O   . TRP A 1 142 ? -12.577 0.510   3.887   1.00 17.64 ? 312 TRP A O   1 
ATOM   1121 C  CB  . TRP A 1 142 ? -11.291 2.837   2.207   1.00 16.80 ? 312 TRP A CB  1 
ATOM   1122 C  CG  . TRP A 1 142 ? -10.163 2.974   1.229   1.00 17.49 ? 312 TRP A CG  1 
ATOM   1123 C  CD1 . TRP A 1 142 ? -10.063 3.866   0.169   1.00 16.54 ? 312 TRP A CD1 1 
ATOM   1124 C  CD2 . TRP A 1 142 ? -8.954  2.140   1.146   1.00 17.31 ? 312 TRP A CD2 1 
ATOM   1125 N  NE1 . TRP A 1 142 ? -8.898  3.670   -0.524  1.00 17.14 ? 312 TRP A NE1 1 
ATOM   1126 C  CE2 . TRP A 1 142 ? -8.189  2.644   0.005   1.00 17.46 ? 312 TRP A CE2 1 
ATOM   1127 C  CE3 . TRP A 1 142 ? -8.450  1.068   1.882   1.00 18.11 ? 312 TRP A CE3 1 
ATOM   1128 C  CZ2 . TRP A 1 142 ? -6.961  2.104   -0.357  1.00 18.41 ? 312 TRP A CZ2 1 
ATOM   1129 C  CZ3 . TRP A 1 142 ? -7.211  0.527   1.509   1.00 18.48 ? 312 TRP A CZ3 1 
ATOM   1130 C  CH2 . TRP A 1 142 ? -6.486  1.038   0.419   1.00 18.64 ? 312 TRP A CH2 1 
ATOM   1131 N  N   . ASP A 1 143 ? -14.314 1.588   2.926   1.00 19.70 ? 313 ASP A N   1 
ATOM   1132 C  CA  . ASP A 1 143 ? -15.274 1.052   3.908   1.00 20.42 ? 313 ASP A CA  1 
ATOM   1133 C  C   . ASP A 1 143 ? -15.399 -0.471  3.786   1.00 19.55 ? 313 ASP A C   1 
ATOM   1134 O  O   . ASP A 1 143 ? -15.427 -1.186  4.807   1.00 19.37 ? 313 ASP A O   1 
ATOM   1135 C  CB  . ASP A 1 143 ? -16.650 1.724   3.778   1.00 24.33 ? 313 ASP A CB  1 
ATOM   1136 C  CG  . ASP A 1 143 ? -16.713 3.067   4.498   1.00 30.81 ? 313 ASP A CG  1 
ATOM   1137 O  OD1 . ASP A 1 143 ? -16.388 3.119   5.700   1.00 38.61 ? 313 ASP A OD1 1 
ATOM   1138 O  OD2 . ASP A 1 143 ? -17.092 4.074   3.873   1.00 36.39 ? 313 ASP A OD2 1 
ATOM   1139 N  N   . GLY A 1 144 ? -15.462 -0.954  2.543   1.00 16.78 ? 314 GLY A N   1 
ATOM   1140 C  CA  . GLY A 1 144 ? -15.468 -2.391  2.247   1.00 16.54 ? 314 GLY A CA  1 
ATOM   1141 C  C   . GLY A 1 144 ? -14.199 -3.087  2.711   1.00 15.44 ? 314 GLY A C   1 
ATOM   1142 O  O   . GLY A 1 144 ? -14.260 -4.174  3.284   1.00 16.25 ? 314 GLY A O   1 
ATOM   1143 N  N   . PHE A 1 145 ? -13.052 -2.468  2.454   1.00 14.77 ? 315 PHE A N   1 
ATOM   1144 C  CA  . PHE A 1 145 ? -11.752 -2.971  2.946   1.00 15.82 ? 315 PHE A CA  1 
ATOM   1145 C  C   . PHE A 1 145 ? -11.777 -3.179  4.460   1.00 16.31 ? 315 PHE A C   1 
ATOM   1146 O  O   . PHE A 1 145 ? -11.450 -4.262  4.961   1.00 15.74 ? 315 PHE A O   1 
ATOM   1147 C  CB  . PHE A 1 145 ? -10.651 -1.977  2.562   1.00 15.16 ? 315 PHE A CB  1 
ATOM   1148 C  CG  . PHE A 1 145 ? -9.272  -2.320  3.078   1.00 15.41 ? 315 PHE A CG  1 
ATOM   1149 C  CD1 . PHE A 1 145 ? -8.481  -3.278  2.432   1.00 15.12 ? 315 PHE A CD1 1 
ATOM   1150 C  CD2 . PHE A 1 145 ? -8.732  -1.627  4.153   1.00 14.74 ? 315 PHE A CD2 1 
ATOM   1151 C  CE1 . PHE A 1 145 ? -7.191  -3.544  2.867   1.00 15.67 ? 315 PHE A CE1 1 
ATOM   1152 C  CE2 . PHE A 1 145 ? -7.443  -1.890  4.592   1.00 15.43 ? 315 PHE A CE2 1 
ATOM   1153 C  CZ  . PHE A 1 145 ? -6.672  -2.860  3.956   1.00 15.50 ? 315 PHE A CZ  1 
ATOM   1154 N  N   . VAL A 1 146 ? -12.160 -2.132  5.189   1.00 15.67 ? 316 VAL A N   1 
ATOM   1155 C  CA  . VAL A 1 146 ? -12.226 -2.219  6.657   1.00 16.98 ? 316 VAL A CA  1 
ATOM   1156 C  C   . VAL A 1 146 ? -13.188 -3.324  7.125   1.00 17.74 ? 316 VAL A C   1 
ATOM   1157 O  O   . VAL A 1 146 ? -12.834 -4.116  8.006   1.00 17.72 ? 316 VAL A O   1 
ATOM   1158 C  CB  . VAL A 1 146 ? -12.556 -0.851  7.298   1.00 17.24 ? 316 VAL A CB  1 
ATOM   1159 C  CG1 . VAL A 1 146 ? -12.815 -1.007  8.800   1.00 18.63 ? 316 VAL A CG1 1 
ATOM   1160 C  CG2 . VAL A 1 146 ? -11.416 0.124   7.061   1.00 17.61 ? 316 VAL A CG2 1 
ATOM   1161 N  N   . GLU A 1 147 ? -14.377 -3.381  6.525   1.00 17.90 ? 317 GLU A N   1 
ATOM   1162 C  CA  . GLU A 1 147 ? -15.385 -4.402  6.828   1.00 20.12 ? 317 GLU A CA  1 
ATOM   1163 C  C   . GLU A 1 147 ? -14.871 -5.819  6.530   1.00 20.50 ? 317 GLU A C   1 
ATOM   1164 O  O   . GLU A 1 147 ? -15.123 -6.763  7.288   1.00 20.36 ? 317 GLU A O   1 
ATOM   1165 C  CB  . GLU A 1 147 ? -16.686 -4.139  6.034   1.00 23.02 ? 317 GLU A CB  1 
ATOM   1166 C  CG  . GLU A 1 147 ? -17.545 -3.002  6.579   1.00 28.50 ? 317 GLU A CG  1 
ATOM   1167 C  CD  . GLU A 1 147 ? -18.558 -2.442  5.574   1.00 35.85 ? 317 GLU A CD  1 
ATOM   1168 O  OE1 . GLU A 1 147 ? -18.752 -3.016  4.476   1.00 36.25 ? 317 GLU A OE1 1 
ATOM   1169 O  OE2 . GLU A 1 147 ? -19.165 -1.390  5.882   1.00 38.86 ? 317 GLU A OE2 1 
ATOM   1170 N  N   . PHE A 1 148 ? -14.141 -5.960  5.429   1.00 19.54 ? 318 PHE A N   1 
ATOM   1171 C  CA  . PHE A 1 148 ? -13.654 -7.269  4.998   1.00 19.20 ? 318 PHE A CA  1 
ATOM   1172 C  C   . PHE A 1 148 ? -12.685 -7.857  6.022   1.00 20.37 ? 318 PHE A C   1 
ATOM   1173 O  O   . PHE A 1 148 ? -12.761 -9.040  6.325   1.00 21.52 ? 318 PHE A O   1 
ATOM   1174 C  CB  . PHE A 1 148 ? -12.974 -7.151  3.624   1.00 17.76 ? 318 PHE A CB  1 
ATOM   1175 C  CG  . PHE A 1 148 ? -12.533 -8.463  3.037   1.00 17.33 ? 318 PHE A CG  1 
ATOM   1176 C  CD1 . PHE A 1 148 ? -13.434 -9.297  2.385   1.00 18.95 ? 318 PHE A CD1 1 
ATOM   1177 C  CD2 . PHE A 1 148 ? -11.191 -8.849  3.102   1.00 16.77 ? 318 PHE A CD2 1 
ATOM   1178 C  CE1 . PHE A 1 148 ? -13.016 -10.500 1.812   1.00 19.82 ? 318 PHE A CE1 1 
ATOM   1179 C  CE2 . PHE A 1 148 ? -10.773 -10.052 2.546   1.00 17.35 ? 318 PHE A CE2 1 
ATOM   1180 C  CZ  . PHE A 1 148 ? -11.673 -10.878 1.899   1.00 16.98 ? 318 PHE A CZ  1 
ATOM   1181 N  N   . PHE A 1 149 ? -11.799 -7.024  6.561   1.00 20.54 ? 319 PHE A N   1 
ATOM   1182 C  CA  . PHE A 1 149 ? -10.753 -7.477  7.488   1.00 22.49 ? 319 PHE A CA  1 
ATOM   1183 C  C   . PHE A 1 149 ? -11.102 -7.314  8.973   1.00 24.94 ? 319 PHE A C   1 
ATOM   1184 O  O   . PHE A 1 149 ? -10.263 -7.572  9.842   1.00 25.26 ? 319 PHE A O   1 
ATOM   1185 C  CB  . PHE A 1 149 ? -9.423  -6.767  7.187   1.00 20.10 ? 319 PHE A CB  1 
ATOM   1186 C  CG  . PHE A 1 149 ? -8.765  -7.225  5.911   1.00 18.66 ? 319 PHE A CG  1 
ATOM   1187 C  CD1 . PHE A 1 149 ? -8.140  -8.469  5.844   1.00 19.16 ? 319 PHE A CD1 1 
ATOM   1188 C  CD2 . PHE A 1 149 ? -8.764  -6.418  4.785   1.00 17.39 ? 319 PHE A CD2 1 
ATOM   1189 C  CE1 . PHE A 1 149 ? -7.535  -8.897  4.669   1.00 18.50 ? 319 PHE A CE1 1 
ATOM   1190 C  CE2 . PHE A 1 149 ? -8.170  -6.848  3.594   1.00 17.36 ? 319 PHE A CE2 1 
ATOM   1191 C  CZ  . PHE A 1 149 ? -7.552  -8.086  3.543   1.00 18.43 ? 319 PHE A CZ  1 
ATOM   1192 N  N   . HIS A 1 150 ? -12.330 -6.886  9.255   1.00 24.74 ? 320 HIS A N   1 
ATOM   1193 C  CA  . HIS A 1 150 ? -12.775 -6.657  10.637  1.00 28.08 ? 320 HIS A CA  1 
ATOM   1194 C  C   . HIS A 1 150 ? -12.739 -7.923  11.452  1.00 28.99 ? 320 HIS A C   1 
ATOM   1195 O  O   . HIS A 1 150 ? -13.202 -8.976  10.999  1.00 29.12 ? 320 HIS A O   1 
ATOM   1196 C  CB  . HIS A 1 150 ? -14.182 -6.055  10.656  1.00 30.33 ? 320 HIS A CB  1 
ATOM   1197 C  CG  . HIS A 1 150 ? -14.800 -5.996  12.039  1.00 32.11 ? 320 HIS A CG  1 
ATOM   1198 N  ND1 . HIS A 1 150 ? -14.426 -5.090  12.960  1.00 34.49 ? 320 HIS A ND1 1 
ATOM   1199 C  CD2 . HIS A 1 150 ? -15.781 -6.789  12.639  1.00 33.92 ? 320 HIS A CD2 1 
ATOM   1200 C  CE1 . HIS A 1 150 ? -15.133 -5.282  14.095  1.00 35.07 ? 320 HIS A CE1 1 
ATOM   1201 N  NE2 . HIS A 1 150 ? -15.965 -6.322  13.895  1.00 35.56 ? 320 HIS A NE2 1 
ATOM   1202 N  N   . VAL A 1 151 ? -12.183 -7.825  12.659  1.00 33.80 ? 321 VAL A N   1 
ATOM   1203 C  CA  . VAL A 1 151 ? -12.084 -8.973  13.556  1.00 38.45 ? 321 VAL A CA  1 
ATOM   1204 C  C   . VAL A 1 151 ? -13.031 -8.808  14.745  1.00 38.97 ? 321 VAL A C   1 
ATOM   1205 O  O   . VAL A 1 151 ? -13.051 -7.762  15.395  1.00 40.64 ? 321 VAL A O   1 
ATOM   1206 C  CB  . VAL A 1 151 ? -10.619 -9.225  13.999  1.00 40.35 ? 321 VAL A CB  1 
ATOM   1207 C  CG1 . VAL A 1 151 ? -10.544 -10.238 15.136  1.00 40.39 ? 321 VAL A CG1 1 
ATOM   1208 C  CG2 . VAL A 1 151 ? -9.788  -9.702  12.813  1.00 39.52 ? 321 VAL A CG2 1 
ATOM   1209 N  N   . GLU A 1 152 ? -13.838 -9.838  14.993  1.00 44.47 ? 322 GLU A N   1 
ATOM   1210 C  CA  . GLU A 1 152 ? -14.762 -9.851  16.131  1.00 52.15 ? 322 GLU A CA  1 
ATOM   1211 C  C   . GLU A 1 152 ? -13.993 -10.019 17.440  1.00 52.71 ? 322 GLU A C   1 
ATOM   1212 O  O   . GLU A 1 152 ? -12.945 -10.673 17.479  1.00 49.82 ? 322 GLU A O   1 
ATOM   1213 C  CB  . GLU A 1 152 ? -15.794 -10.981 15.992  1.00 56.27 ? 322 GLU A CB  1 
ATOM   1214 C  CG  . GLU A 1 152 ? -16.672 -10.920 14.746  1.00 63.96 ? 322 GLU A CG  1 
ATOM   1215 C  CD  . GLU A 1 152 ? -17.588 -9.706  14.707  1.00 68.37 ? 322 GLU A CD  1 
ATOM   1216 O  OE1 . GLU A 1 152 ? -18.143 -9.329  15.761  1.00 72.20 ? 322 GLU A OE1 1 
ATOM   1217 O  OE2 . GLU A 1 152 ? -17.759 -9.128  13.613  1.00 72.59 ? 322 GLU A OE2 1 
ATOM   1218 N  N   . ASP A 1 153 ? -14.511 -9.412  18.506  1.00 56.50 ? 323 ASP A N   1 
ATOM   1219 C  CA  . ASP A 1 153 ? -13.980 -9.632  19.848  1.00 57.36 ? 323 ASP A CA  1 
ATOM   1220 C  C   . ASP A 1 153 ? -14.295 -11.057 20.276  1.00 54.74 ? 323 ASP A C   1 
ATOM   1221 O  O   . ASP A 1 153 ? -15.363 -11.587 19.956  1.00 52.15 ? 323 ASP A O   1 
ATOM   1222 C  CB  . ASP A 1 153 ? -14.591 -8.639  20.838  1.00 62.13 ? 323 ASP A CB  1 
ATOM   1223 C  CG  . ASP A 1 153 ? -14.122 -7.217  20.599  1.00 65.64 ? 323 ASP A CG  1 
ATOM   1224 O  OD1 . ASP A 1 153 ? -12.930 -6.936  20.856  1.00 64.01 ? 323 ASP A OD1 1 
ATOM   1225 O  OD2 . ASP A 1 153 ? -14.948 -6.385  20.160  1.00 65.30 ? 323 ASP A OD2 1 
ATOM   1226 N  N   . LEU A 1 154 ? -13.359 -11.679 20.986  1.00 55.26 ? 324 LEU A N   1 
ATOM   1227 C  CA  . LEU A 1 154 ? -13.565 -13.028 21.501  1.00 53.28 ? 324 LEU A CA  1 
ATOM   1228 C  C   . LEU A 1 154 ? -14.415 -12.988 22.766  1.00 52.66 ? 324 LEU A C   1 
ATOM   1229 O  O   . LEU A 1 154 ? -14.310 -12.054 23.560  1.00 52.21 ? 324 LEU A O   1 
ATOM   1230 C  CB  . LEU A 1 154 ? -12.223 -13.715 21.785  1.00 52.68 ? 324 LEU A CB  1 
ATOM   1231 C  CG  . LEU A 1 154 ? -11.317 -14.056 20.597  1.00 53.43 ? 324 LEU A CG  1 
ATOM   1232 C  CD1 . LEU A 1 154 ? -9.938  -14.475 21.085  1.00 54.39 ? 324 LEU A CD1 1 
ATOM   1233 C  CD2 . LEU A 1 154 ? -11.934 -15.132 19.714  1.00 50.32 ? 324 LEU A CD2 1 
ATOM   1234 N  N   . GLU A 1 155 ? -15.259 -14.004 22.940  1.00 56.73 ? 325 GLU A N   1 
ATOM   1235 C  CA  . GLU A 1 155 ? -16.081 -14.148 24.145  1.00 60.36 ? 325 GLU A CA  1 
ATOM   1236 C  C   . GLU A 1 155 ? -15.233 -14.598 25.335  1.00 61.74 ? 325 GLU A C   1 
ATOM   1237 O  O   . GLU A 1 155 ? -14.116 -15.093 25.159  1.00 61.09 ? 325 GLU A O   1 
ATOM   1238 C  CB  . GLU A 1 155 ? -17.214 -15.152 23.912  1.00 62.14 ? 325 GLU A CB  1 
ATOM   1239 C  CG  . GLU A 1 155 ? -18.081 -14.869 22.693  1.00 65.48 ? 325 GLU A CG  1 
ATOM   1240 C  CD  . GLU A 1 155 ? -19.200 -15.881 22.529  1.00 69.67 ? 325 GLU A CD  1 
ATOM   1241 O  OE1 . GLU A 1 155 ? -20.150 -15.853 23.340  1.00 72.31 ? 325 GLU A OE1 1 
ATOM   1242 O  OE2 . GLU A 1 155 ? -19.134 -16.699 21.585  1.00 69.02 ? 325 GLU A OE2 1 
ATOM   1243 N  N   . GLY A 1 156 ? -15.767 -14.419 26.542  1.00 63.50 ? 326 GLY A N   1 
ATOM   1244 C  CA  . GLY A 1 156 ? -15.090 -14.847 27.766  1.00 63.82 ? 326 GLY A CA  1 
ATOM   1245 C  C   . GLY A 1 156 ? -14.002 -13.891 28.216  1.00 64.03 ? 326 GLY A C   1 
ATOM   1246 O  O   . GLY A 1 156 ? -13.192 -13.431 27.412  1.00 63.75 ? 326 GLY A O   1 
HETATM 1247 C  C4  . Q4D B 2 .   ? 5.195   -6.372  -8.584  1.00 14.62 ? 401 Q4D A C4  1 
HETATM 1248 C  C3  . Q4D B 2 .   ? 6.695   -6.017  -8.521  1.00 15.37 ? 401 Q4D A C3  1 
HETATM 1249 C  C2  . Q4D B 2 .   ? 6.860   -4.495  -8.424  1.00 14.77 ? 401 Q4D A C2  1 
HETATM 1250 C  C13 . Q4D B 2 .   ? 5.957   -3.906  -7.344  1.00 14.80 ? 401 Q4D A C13 1 
HETATM 1251 C  C18 . Q4D B 2 .   ? 6.313   -2.647  -6.879  1.00 16.56 ? 401 Q4D A C18 1 
HETATM 1252 C  C17 . Q4D B 2 .   ? 5.549   -2.034  -5.893  1.00 17.88 ? 401 Q4D A C17 1 
HETATM 1253 CL CL1 . Q4D B 2 .   ? 6.022   -0.483  -5.337  1.00 29.77 ? 401 Q4D A CL1 1 
HETATM 1254 C  C16 . Q4D B 2 .   ? 4.438   -2.649  -5.336  1.00 16.72 ? 401 Q4D A C16 1 
HETATM 1255 C  C15 . Q4D B 2 .   ? 4.079   -3.911  -5.798  1.00 14.89 ? 401 Q4D A C15 1 
HETATM 1256 C  C14 . Q4D B 2 .   ? 4.824   -4.539  -6.805  1.00 14.09 ? 401 Q4D A C14 1 
HETATM 1257 C  C1  . Q4D B 2 .   ? 4.403   -5.940  -7.312  1.00 14.01 ? 401 Q4D A C1  1 
HETATM 1258 C  C12 . Q4D B 2 .   ? 4.632   -6.969  -6.209  1.00 13.65 ? 401 Q4D A C12 1 
HETATM 1259 C  C11 . Q4D B 2 .   ? 2.888   -5.951  -7.690  1.00 13.46 ? 401 Q4D A C11 1 
HETATM 1260 O  O1  . Q4D B 2 .   ? 2.058   -6.206  -6.500  1.00 13.78 ? 401 Q4D A O1  1 
HETATM 1261 C  C10 . Q4D B 2 .   ? 1.803   -7.555  -6.359  1.00 13.68 ? 401 Q4D A C10 1 
HETATM 1262 C  C5  . Q4D B 2 .   ? 0.446   -7.830  -6.161  1.00 13.94 ? 401 Q4D A C5  1 
HETATM 1263 C  C6  . Q4D B 2 .   ? 0.037   -9.165  -6.012  1.00 14.92 ? 401 Q4D A C6  1 
HETATM 1264 C  C7  . Q4D B 2 .   ? 0.984   -10.193 -6.049  1.00 15.16 ? 401 Q4D A C7  1 
HETATM 1265 C  C8  . Q4D B 2 .   ? 2.340   -9.902  -6.247  1.00 14.51 ? 401 Q4D A C8  1 
HETATM 1266 C  C9  . Q4D B 2 .   ? 2.771   -8.573  -6.398  1.00 13.50 ? 401 Q4D A C9  1 
HETATM 1267 N  N1  . Q4D B 2 .   ? 4.070   -8.293  -6.535  1.00 13.21 ? 401 Q4D A N1  1 
HETATM 1268 C  C19 . Q4D B 2 .   ? 5.127   -9.343  -6.699  1.00 14.20 ? 401 Q4D A C19 1 
HETATM 1269 C  C20 . Q4D B 2 .   ? 5.392   -10.048 -5.336  1.00 14.55 ? 401 Q4D A C20 1 
HETATM 1270 C  C31 . Q4D B 2 .   ? 6.271   -9.188  -4.394  1.00 15.19 ? 401 Q4D A C31 1 
HETATM 1271 C  C30 . Q4D B 2 .   ? 7.087   -10.450 -4.076  1.00 15.51 ? 401 Q4D A C30 1 
HETATM 1272 C  C21 . Q4D B 2 .   ? 6.582   -11.035 -5.405  1.00 15.60 ? 401 Q4D A C21 1 
HETATM 1273 C  C22 . Q4D B 2 .   ? 6.207   -12.529 -5.330  1.00 17.25 ? 401 Q4D A C22 1 
HETATM 1274 O  O4  . Q4D B 2 .   ? 7.489   -13.196 -5.575  1.00 19.99 ? 401 Q4D A O4  1 
HETATM 1275 C  C34 . Q4D B 2 .   ? 7.310   -14.514 -6.184  1.00 23.03 ? 401 Q4D A C34 1 
HETATM 1276 C  C35 . Q4D B 2 .   ? 8.702   -15.158 -6.210  1.00 25.85 ? 401 Q4D A C35 1 
HETATM 1277 N  N5  . Q4D B 2 .   ? 9.601   -14.362 -7.063  1.00 27.39 ? 401 Q4D A N5  1 
HETATM 1278 C  C36 . Q4D B 2 .   ? 10.263  -13.253 -6.328  1.00 30.86 ? 401 Q4D A C36 1 
HETATM 1279 C  C37 . Q4D B 2 .   ? 11.579  -13.692 -6.975  1.00 34.30 ? 401 Q4D A C37 1 
HETATM 1280 F  F1  . Q4D B 2 .   ? 12.577  -13.740 -6.106  1.00 36.56 ? 401 Q4D A F1  1 
HETATM 1281 F  F2  . Q4D B 2 .   ? 11.872  -12.954 -8.045  1.00 39.44 ? 401 Q4D A F2  1 
HETATM 1282 C  C38 . Q4D B 2 .   ? 10.911  -15.036 -7.242  1.00 31.76 ? 401 Q4D A C38 1 
HETATM 1283 C  C29 . Q4D B 2 .   ? 5.690   -13.039 -4.130  1.00 18.17 ? 401 Q4D A C29 1 
HETATM 1284 C  C28 . Q4D B 2 .   ? 4.490   -13.747 -4.151  1.00 19.97 ? 401 Q4D A C28 1 
HETATM 1285 C  C27 . Q4D B 2 .   ? 3.903   -14.304 -2.852  1.00 19.66 ? 401 Q4D A C27 1 
HETATM 1286 C  C26 . Q4D B 2 .   ? 2.488   -13.772 -2.591  1.00 20.56 ? 401 Q4D A C26 1 
HETATM 1287 N  N2  . Q4D B 2 .   ? 1.498   -14.413 -3.482  1.00 21.09 ? 401 Q4D A N2  1 
HETATM 1288 C  C32 . Q4D B 2 .   ? 1.120   -15.834 -3.346  1.00 22.82 ? 401 Q4D A C32 1 
HETATM 1289 C  C25 . Q4D B 2 .   ? 0.823   -13.759 -4.444  1.00 19.52 ? 401 Q4D A C25 1 
HETATM 1290 O  O3  . Q4D B 2 .   ? -0.016  -14.296 -5.183  1.00 20.04 ? 401 Q4D A O3  1 
HETATM 1291 C  C24 . Q4D B 2 .   ? 1.166   -12.269 -4.632  1.00 17.62 ? 401 Q4D A C24 1 
HETATM 1292 C  C23 . Q4D B 2 .   ? 0.550   -11.673 -5.909  1.00 17.37 ? 401 Q4D A C23 1 
HETATM 1293 O  O2  . Q4D B 2 .   ? -0.867  -11.803 -5.856  1.00 18.13 ? 401 Q4D A O2  1 
HETATM 1294 C  C33 . Q4D B 2 .   ? 1.029   -12.370 -7.205  1.00 20.03 ? 401 Q4D A C33 1 
HETATM 1295 O  O5  . Q4D B 2 .   ? 0.299   -12.413 -8.202  1.00 19.41 ? 401 Q4D A O5  1 
HETATM 1296 N  N3  . Q4D B 2 .   ? 2.258   -12.882 -7.145  1.00 21.79 ? 401 Q4D A N3  1 
HETATM 1297 S  S1  . Q4D B 2 .   ? 2.997   -13.614 -8.404  1.00 26.68 ? 401 Q4D A S1  1 
HETATM 1298 O  O6  . Q4D B 2 .   ? 4.468   -13.429 -8.265  1.00 30.27 ? 401 Q4D A O6  1 
HETATM 1299 O  O7  . Q4D B 2 .   ? 2.576   -13.002 -9.697  1.00 27.86 ? 401 Q4D A O7  1 
HETATM 1300 N  N4  . Q4D B 2 .   ? 2.722   -15.244 -8.443  1.00 30.69 ? 401 Q4D A N4  1 
HETATM 1301 C  C40 . Q4D B 2 .   ? 1.292   -15.589 -8.502  1.00 30.12 ? 401 Q4D A C40 1 
HETATM 1302 C  C39 . Q4D B 2 .   ? 3.334   -15.906 -7.273  1.00 32.47 ? 401 Q4D A C39 1 
HETATM 1303 O  O   . HOH C 3 .   ? -9.718  -7.253  -12.277 1.00 43.90 ? 501 HOH A O   1 
HETATM 1304 O  O   . HOH C 3 .   ? -7.924  8.935   -14.052 1.00 31.34 ? 502 HOH A O   1 
HETATM 1305 O  O   . HOH C 3 .   ? -0.387  -9.792  10.595  1.00 32.02 ? 503 HOH A O   1 
HETATM 1306 O  O   . HOH C 3 .   ? 1.583   4.354   -11.563 1.00 37.23 ? 504 HOH A O   1 
HETATM 1307 O  O   . HOH C 3 .   ? 16.103  -12.324 -6.953  1.00 34.91 ? 505 HOH A O   1 
HETATM 1308 O  O   . HOH C 3 .   ? -0.626  -12.932 7.475   1.00 37.74 ? 506 HOH A O   1 
HETATM 1309 O  O   . HOH C 3 .   ? 1.793   18.327  5.294   1.00 37.38 ? 507 HOH A O   1 
HETATM 1310 O  O   . HOH C 3 .   ? -7.511  12.008  11.586  1.00 48.90 ? 508 HOH A O   1 
HETATM 1311 O  O   . HOH C 3 .   ? -1.757  12.763  -7.253  1.00 58.49 ? 509 HOH A O   1 
HETATM 1312 O  O   . HOH C 3 .   ? 16.318  -3.130  -5.067  1.00 39.11 ? 510 HOH A O   1 
HETATM 1313 O  O   . HOH C 3 .   ? 1.160   7.398   10.139  1.00 26.31 ? 511 HOH A O   1 
HETATM 1314 O  O   . HOH C 3 .   ? -0.409  -12.548 -1.357  1.00 30.63 ? 512 HOH A O   1 
HETATM 1315 O  O   . HOH C 3 .   ? 8.343   -13.645 -9.336  1.00 46.32 ? 513 HOH A O   1 
HETATM 1316 O  O   . HOH C 3 .   ? -10.267 2.125   -13.367 1.00 25.26 ? 514 HOH A O   1 
HETATM 1317 O  O   . HOH C 3 .   ? 0.615   -12.053 -11.308 1.00 32.03 ? 515 HOH A O   1 
HETATM 1318 O  O   . HOH C 3 .   ? 3.868   19.628  6.619   1.00 20.06 ? 516 HOH A O   1 
HETATM 1319 O  O   . HOH C 3 .   ? 12.118  -1.851  -12.717 1.00 47.88 ? 517 HOH A O   1 
HETATM 1320 O  O   . HOH C 3 .   ? 6.248   -16.960 -0.410  1.00 25.06 ? 518 HOH A O   1 
HETATM 1321 O  O   . HOH C 3 .   ? 4.729   -5.294  -19.014 1.00 36.59 ? 519 HOH A O   1 
HETATM 1322 O  O   . HOH C 3 .   ? 6.095   -11.942 -9.896  1.00 49.78 ? 520 HOH A O   1 
HETATM 1323 O  O   . HOH C 3 .   ? 2.618   8.173   8.050   1.00 25.25 ? 521 HOH A O   1 
HETATM 1324 O  O   . HOH C 3 .   ? -2.715  6.719   12.822  1.00 48.12 ? 522 HOH A O   1 
HETATM 1325 O  O   . HOH C 3 .   ? -8.481  11.885  -10.333 1.00 33.95 ? 523 HOH A O   1 
HETATM 1326 O  O   . HOH C 3 .   ? 15.810  -14.448 2.001   1.00 61.33 ? 524 HOH A O   1 
HETATM 1327 O  O   . HOH C 3 .   ? 6.599   4.110   -10.468 1.00 39.22 ? 525 HOH A O   1 
HETATM 1328 O  O   . HOH C 3 .   ? 5.268   -18.433 2.622   1.00 17.59 ? 526 HOH A O   1 
HETATM 1329 O  O   . HOH C 3 .   ? -14.815 13.156  -5.921  1.00 36.41 ? 527 HOH A O   1 
HETATM 1330 O  O   . HOH C 3 .   ? -18.603 -0.607  -10.004 1.00 31.47 ? 528 HOH A O   1 
HETATM 1331 O  O   . HOH C 3 .   ? -10.519 -4.032  9.562   1.00 24.65 ? 529 HOH A O   1 
HETATM 1332 O  O   . HOH C 3 .   ? 5.149   8.701   9.348   1.00 28.73 ? 530 HOH A O   1 
HETATM 1333 O  O   . HOH C 3 .   ? 3.174   -3.004  -18.009 1.00 27.14 ? 531 HOH A O   1 
HETATM 1334 O  O   . HOH C 3 .   ? 3.258   0.599   10.317  1.00 30.69 ? 532 HOH A O   1 
HETATM 1335 O  O   . HOH C 3 .   ? 17.054  10.172  2.762   1.00 48.70 ? 533 HOH A O   1 
HETATM 1336 O  O   . HOH C 3 .   ? -11.504 -9.856  -1.829  1.00 22.30 ? 534 HOH A O   1 
HETATM 1337 O  O   . HOH C 3 .   ? -5.697  -10.873 -16.366 1.00 38.84 ? 535 HOH A O   1 
HETATM 1338 O  O   . HOH C 3 .   ? -4.487  12.536  -0.671  1.00 31.12 ? 536 HOH A O   1 
HETATM 1339 O  O   . HOH C 3 .   ? 12.968  -3.575  2.770   1.00 26.68 ? 537 HOH A O   1 
HETATM 1340 O  O   . HOH C 3 .   ? -8.603  -1.350  -16.016 1.00 32.76 ? 538 HOH A O   1 
HETATM 1341 O  O   . HOH C 3 .   ? 15.385  -14.288 -0.805  1.00 36.55 ? 539 HOH A O   1 
HETATM 1342 O  O   . HOH C 3 .   ? 2.222   7.015   -12.008 1.00 43.71 ? 540 HOH A O   1 
HETATM 1343 O  O   . HOH C 3 .   ? 9.859   -9.193  5.801   1.00 32.91 ? 541 HOH A O   1 
HETATM 1344 O  O   . HOH C 3 .   ? -15.377 -5.568  0.045   1.00 26.90 ? 542 HOH A O   1 
HETATM 1345 O  O   . HOH C 3 .   ? -5.822  -7.354  -10.019 1.00 29.77 ? 543 HOH A O   1 
HETATM 1346 O  O   . HOH C 3 .   ? 4.620   9.045   -9.114  1.00 41.37 ? 544 HOH A O   1 
HETATM 1347 O  O   . HOH C 3 .   ? -10.216 -13.933 -6.186  1.00 29.49 ? 545 HOH A O   1 
HETATM 1348 O  O   . HOH C 3 .   ? 9.888   -1.049  -16.196 1.00 36.99 ? 546 HOH A O   1 
HETATM 1349 O  O   . HOH C 3 .   ? -11.081 -10.444 -10.795 1.00 34.32 ? 547 HOH A O   1 
HETATM 1350 O  O   . HOH C 3 .   ? -2.019  -14.000 -8.932  1.00 38.15 ? 548 HOH A O   1 
HETATM 1351 O  O   . HOH C 3 .   ? -2.736  -14.072 -6.171  1.00 25.83 ? 549 HOH A O   1 
HETATM 1352 O  O   . HOH C 3 .   ? -16.500 -5.936  2.687   1.00 32.02 ? 550 HOH A O   1 
HETATM 1353 O  O   . HOH C 3 .   ? -14.936 10.540  9.391   1.00 31.98 ? 551 HOH A O   1 
HETATM 1354 O  O   . HOH C 3 .   ? -0.439  -13.218 4.495   0.50 19.58 ? 552 HOH A O   1 
HETATM 1355 O  O   . HOH C 3 .   ? 17.765  -8.576  -12.103 1.00 38.43 ? 553 HOH A O   1 
HETATM 1356 O  O   . HOH C 3 .   ? -16.508 0.037   7.241   1.00 42.12 ? 554 HOH A O   1 
HETATM 1357 O  O   . HOH C 3 .   ? 11.312  -17.108 5.639   1.00 32.45 ? 555 HOH A O   1 
HETATM 1358 O  O   . HOH C 3 .   ? -4.307  -13.390 -10.889 1.00 34.29 ? 556 HOH A O   1 
HETATM 1359 O  O   . HOH C 3 .   ? -1.306  8.524   10.612  1.00 32.45 ? 557 HOH A O   1 
HETATM 1360 O  O   . HOH C 3 .   ? 8.040   -16.712 6.119   1.00 15.10 ? 558 HOH A O   1 
HETATM 1361 O  O   . HOH C 3 .   ? 9.808   10.397  2.819   1.00 47.02 ? 559 HOH A O   1 
HETATM 1362 O  O   . HOH C 3 .   ? 7.111   2.502   -15.483 1.00 33.03 ? 560 HOH A O   1 
HETATM 1363 O  O   . HOH C 3 .   ? 7.113   -3.695  9.003   1.00 45.05 ? 561 HOH A O   1 
HETATM 1364 O  O   . HOH C 3 .   ? 1.189   -5.700  12.909  1.00 43.50 ? 562 HOH A O   1 
HETATM 1365 O  O   . HOH C 3 .   ? -14.747 2.138   7.988   1.00 44.55 ? 563 HOH A O   1 
HETATM 1366 O  O   . HOH C 3 .   ? -12.083 -0.089  -13.470 1.00 34.37 ? 564 HOH A O   1 
HETATM 1367 O  O   . HOH C 3 .   ? 9.072   11.221  0.044   1.00 46.09 ? 565 HOH A O   1 
HETATM 1368 O  O   . HOH C 3 .   ? -14.149 -8.861  -1.744  1.00 30.14 ? 566 HOH A O   1 
HETATM 1369 O  O   . HOH C 3 .   ? -12.113 -2.828  -11.945 1.00 22.84 ? 567 HOH A O   1 
HETATM 1370 O  O   . HOH C 3 .   ? 8.626   -16.345 0.702   1.00 19.23 ? 568 HOH A O   1 
HETATM 1371 O  O   . HOH C 3 .   ? -5.465  -14.526 -5.382  1.00 24.31 ? 569 HOH A O   1 
HETATM 1372 O  O   . HOH C 3 .   ? -11.915 -13.314 16.347  1.00 42.75 ? 570 HOH A O   1 
HETATM 1373 O  O   . HOH C 3 .   ? -14.204 9.076   -6.392  1.00 24.80 ? 571 HOH A O   1 
HETATM 1374 O  O   . HOH C 3 .   ? -14.851 6.052   3.160   1.00 41.64 ? 572 HOH A O   1 
HETATM 1375 O  O   . HOH C 3 .   ? 17.906  -11.785 -9.004  1.00 44.55 ? 573 HOH A O   1 
HETATM 1376 O  O   . HOH C 3 .   ? -14.854 6.406   -7.445  1.00 25.08 ? 574 HOH A O   1 
HETATM 1377 O  O   . HOH C 3 .   ? 22.803  1.343   2.078   1.00 41.48 ? 575 HOH A O   1 
HETATM 1378 O  O   . HOH C 3 .   ? 9.349   -16.610 3.467   1.00 20.79 ? 576 HOH A O   1 
HETATM 1379 O  O   . HOH C 3 .   ? -2.435  -13.478 -3.248  1.00 27.26 ? 577 HOH A O   1 
HETATM 1380 O  O   . HOH C 3 .   ? -16.881 -7.106  -8.057  1.00 42.92 ? 578 HOH A O   1 
HETATM 1381 O  O   . HOH C 3 .   ? 6.592   -6.600  8.654   1.00 39.90 ? 579 HOH A O   1 
HETATM 1382 O  O   . HOH C 3 .   ? 23.373  -2.597  -7.197  1.00 35.75 ? 580 HOH A O   1 
HETATM 1383 O  O   . HOH C 3 .   ? -8.527  -10.251 9.169   1.00 33.26 ? 581 HOH A O   1 
HETATM 1384 O  O   . HOH C 3 .   ? 9.028   -6.953  7.296   1.00 38.82 ? 582 HOH A O   1 
HETATM 1385 O  O   . HOH C 3 .   ? 12.173  -4.449  5.520   1.00 32.18 ? 583 HOH A O   1 
HETATM 1386 O  O   . HOH C 3 .   ? 4.296   13.320  12.648  1.00 56.99 ? 584 HOH A O   1 
HETATM 1387 O  O   . HOH C 3 .   ? 15.174  -2.355  3.794   1.00 30.42 ? 585 HOH A O   1 
HETATM 1388 O  O   . HOH C 3 .   ? -11.770 -2.756  11.837  1.00 36.50 ? 586 HOH A O   1 
HETATM 1389 O  O   . HOH C 3 .   ? -5.138  10.371  12.103  1.00 47.27 ? 587 HOH A O   1 
HETATM 1390 O  O   . HOH C 3 .   ? 10.169  -18.090 -1.096  1.00 44.39 ? 588 HOH A O   1 
HETATM 1391 O  O   . HOH C 3 .   ? 24.836  -3.653  -9.562  1.00 46.76 ? 589 HOH A O   1 
HETATM 1392 O  O   . HOH C 3 .   ? -16.895 -8.380  3.782   1.00 39.20 ? 590 HOH A O   1 
HETATM 1393 O  O   . HOH C 3 .   ? 25.513  0.361   -9.886  1.00 50.35 ? 591 HOH A O   1 
HETATM 1394 O  O   . HOH C 3 .   ? 14.437  -1.594  6.881   1.00 41.35 ? 592 HOH A O   1 
HETATM 1395 O  O   . HOH C 3 .   ? 3.989   17.622  11.551  1.00 36.25 ? 593 HOH A O   1 
HETATM 1396 O  O   . HOH C 3 .   ? -6.265  -16.332 -7.482  1.00 51.05 ? 594 HOH A O   1 
HETATM 1397 O  O   . HOH C 3 .   ? 22.348  -1.504  1.775   1.00 40.65 ? 595 HOH A O   1 
HETATM 1398 O  O   . HOH C 3 .   ? -17.052 6.245   -9.198  1.00 40.66 ? 596 HOH A O   1 
# 
